data_6J0U
#
_entry.id   6J0U
#
_cell.length_a   214.728
_cell.length_b   100.303
_cell.length_c   103.409
_cell.angle_alpha   90.00
_cell.angle_beta   113.07
_cell.angle_gamma   90.00
#
_symmetry.space_group_name_H-M   'C 1 2 1'
#
loop_
_entity.id
_entity.type
_entity.pdbx_description
1 polymer 'Type 1 modular polyketide synthase'
2 non-polymer 'PHOSPHATE ION'
3 water water
#
_entity_poly.entity_id   1
_entity_poly.type   'polypeptide(L)'
_entity_poly.pdbx_seq_one_letter_code
;MGSSHHHHHHSSGLVPRGSHMAPVPVVVSGATTAGLRDAPVPVPVPVPVPVAVSGATTAGLRAQAARLAGHLRERPALGP
EAVARPLLLSRAQRERRAVVVAADRDSLLTGLDALAGGEAGPRLASGAADVTGRVVLVFPGQGAHWTGVAERLWREAPVF
ADSMARCADVLRDLAGWELREVLVDPVALERVDVLQPVSFAVVVSLAALWASVGVRPDAVVGHSQGEVAAAHVAGALTLA
EAARIVVLRSALIARELSGRGAMLTVVADVERVTALLAGFEGRVCVAAVNGPASVTVSGEDGAVREFERVLSARRMLRWR
LPGVDFAGHSPQVDALRAELLAALGDIASREPEIPLLSTVTGEPATRLDAEHWYRNLREPVRFADAVTALLDRGHRVFVE
VSPHPVLTTSVVDLAAPHRTAVVGTLRRDEGGLDRFLLSAAELHVRGVPVDLARHAGAGTAEVPTTVFQ
;
_entity_poly.pdbx_strand_id   A,B,C,D
#
# COMPACT_ATOMS: atom_id res chain seq x y z
N VAL A 45 36.46 22.05 -21.57
CA VAL A 45 35.63 20.80 -21.48
C VAL A 45 35.10 20.40 -22.86
N PRO A 46 35.37 19.15 -23.27
CA PRO A 46 34.81 18.66 -24.54
C PRO A 46 33.25 18.65 -24.54
N VAL A 47 32.67 18.77 -25.72
CA VAL A 47 31.26 18.87 -25.86
C VAL A 47 30.72 17.54 -26.42
N PRO A 48 29.57 17.10 -25.96
CA PRO A 48 29.07 15.79 -26.44
C PRO A 48 28.52 15.86 -27.85
N VAL A 49 28.80 14.84 -28.67
CA VAL A 49 28.23 14.74 -29.99
C VAL A 49 27.56 13.37 -30.16
N PRO A 50 26.51 13.32 -30.95
CA PRO A 50 25.85 12.04 -31.19
C PRO A 50 26.54 11.29 -32.35
N VAL A 51 27.12 10.13 -32.05
CA VAL A 51 27.85 9.30 -33.04
C VAL A 51 26.99 8.11 -33.47
N ALA A 52 26.57 8.14 -34.74
CA ALA A 52 25.47 7.31 -35.20
C ALA A 52 26.06 6.15 -36.02
N VAL A 53 25.54 4.95 -35.82
CA VAL A 53 25.85 3.81 -36.69
C VAL A 53 24.59 3.02 -36.96
N SER A 54 24.55 2.31 -38.08
CA SER A 54 23.34 1.53 -38.35
C SER A 54 23.63 0.39 -39.30
N GLY A 55 22.73 -0.57 -39.29
CA GLY A 55 22.79 -1.71 -40.23
C GLY A 55 21.40 -2.14 -40.65
N ALA A 56 21.34 -3.03 -41.63
CA ALA A 56 20.08 -3.61 -42.03
C ALA A 56 19.55 -4.59 -41.01
N THR A 57 20.43 -5.10 -40.15
CA THR A 57 20.03 -6.06 -39.13
C THR A 57 20.79 -5.70 -37.86
N THR A 58 20.41 -6.32 -36.76
CA THR A 58 21.08 -6.10 -35.49
C THR A 58 22.48 -6.64 -35.49
N ALA A 59 22.70 -7.77 -36.15
CA ALA A 59 24.08 -8.25 -36.28
C ALA A 59 24.91 -7.33 -37.20
N GLY A 60 24.28 -6.74 -38.21
CA GLY A 60 24.97 -5.74 -39.05
C GLY A 60 25.34 -4.47 -38.28
N LEU A 61 24.43 -4.03 -37.42
CA LEU A 61 24.66 -2.86 -36.55
C LEU A 61 25.84 -3.10 -35.60
N ARG A 62 25.84 -4.27 -34.96
CA ARG A 62 26.94 -4.66 -34.07
C ARG A 62 28.28 -4.78 -34.75
N ALA A 63 28.29 -5.28 -35.98
CA ALA A 63 29.53 -5.38 -36.72
C ALA A 63 30.03 -3.97 -37.14
N GLN A 64 29.10 -3.08 -37.51
CA GLN A 64 29.47 -1.68 -37.82
C GLN A 64 30.10 -0.99 -36.61
N ALA A 65 29.54 -1.26 -35.43
CA ALA A 65 30.12 -0.70 -34.18
C ALA A 65 31.57 -1.15 -33.98
N ALA A 66 31.79 -2.46 -34.11
CA ALA A 66 33.13 -3.04 -33.97
C ALA A 66 34.12 -2.47 -34.99
N ARG A 67 33.68 -2.32 -36.24
CA ARG A 67 34.49 -1.74 -37.31
C ARG A 67 34.87 -0.28 -37.03
N LEU A 68 33.92 0.51 -36.54
CA LEU A 68 34.22 1.89 -36.17
C LEU A 68 35.20 1.97 -34.99
N ALA A 69 35.01 1.14 -33.98
CA ALA A 69 35.93 1.12 -32.87
C ALA A 69 37.34 0.78 -33.38
N GLY A 70 37.45 -0.21 -34.23
CA GLY A 70 38.77 -0.63 -34.76
C GLY A 70 39.43 0.49 -35.54
N HIS A 71 38.63 1.16 -36.35
CA HIS A 71 39.10 2.34 -37.09
C HIS A 71 39.64 3.43 -36.16
N LEU A 72 38.89 3.73 -35.10
CA LEU A 72 39.34 4.70 -34.13
C LEU A 72 40.63 4.26 -33.40
N ARG A 73 40.71 2.99 -33.03
CA ARG A 73 41.92 2.50 -32.37
C ARG A 73 43.14 2.49 -33.29
N GLU A 74 42.94 2.40 -34.60
CA GLU A 74 44.06 2.53 -35.56
C GLU A 74 44.50 4.01 -35.72
N ARG A 75 43.67 4.94 -35.23
CA ARG A 75 43.90 6.37 -35.43
C ARG A 75 43.75 7.10 -34.13
N PRO A 76 44.81 7.11 -33.33
CA PRO A 76 44.76 7.51 -31.93
C PRO A 76 44.33 8.95 -31.71
N ALA A 77 44.57 9.82 -32.69
CA ALA A 77 44.25 11.24 -32.55
C ALA A 77 42.78 11.57 -32.89
N LEU A 78 42.06 10.60 -33.43
CA LEU A 78 40.72 10.83 -33.99
C LEU A 78 39.64 10.85 -32.89
N GLY A 79 38.92 11.96 -32.77
CA GLY A 79 37.88 12.09 -31.73
C GLY A 79 36.46 11.95 -32.28
N PRO A 80 35.44 11.82 -31.40
CA PRO A 80 34.03 11.73 -31.84
C PRO A 80 33.63 12.99 -32.63
N GLU A 81 34.19 14.14 -32.27
CA GLU A 81 33.80 15.39 -32.92
C GLU A 81 34.32 15.44 -34.37
N ALA A 82 35.23 14.54 -34.72
CA ALA A 82 35.76 14.52 -36.09
C ALA A 82 34.93 13.66 -36.99
N VAL A 83 34.25 12.67 -36.43
CA VAL A 83 33.59 11.66 -37.26
C VAL A 83 32.07 11.78 -37.21
N ALA A 84 31.53 12.48 -36.21
CA ALA A 84 30.10 12.43 -35.98
C ALA A 84 29.30 12.99 -37.18
N ARG A 85 29.73 14.13 -37.76
CA ARG A 85 28.89 14.78 -38.78
C ARG A 85 28.74 13.90 -40.06
N PRO A 86 29.84 13.37 -40.55
CA PRO A 86 29.71 12.54 -41.75
C PRO A 86 28.95 11.23 -41.52
N LEU A 87 29.00 10.70 -40.30
CA LEU A 87 28.22 9.49 -39.99
C LEU A 87 26.76 9.72 -40.03
N LEU A 88 26.33 10.95 -39.76
CA LEU A 88 24.96 11.31 -39.94
C LEU A 88 24.57 11.72 -41.36
N LEU A 89 25.41 12.53 -41.99
CA LEU A 89 24.99 13.24 -43.20
C LEU A 89 25.45 12.51 -44.46
N SER A 90 26.44 11.62 -44.33
CA SER A 90 27.03 10.93 -45.49
C SER A 90 26.81 9.43 -45.52
N ARG A 91 26.01 8.90 -44.58
CA ARG A 91 25.77 7.44 -44.46
C ARG A 91 24.28 7.26 -44.39
N ALA A 92 23.75 6.26 -45.09
CA ALA A 92 22.37 5.85 -44.92
C ALA A 92 22.06 5.44 -43.45
N GLN A 93 20.91 5.87 -42.96
CA GLN A 93 20.41 5.47 -41.63
C GLN A 93 19.44 4.31 -41.75
N ARG A 94 19.94 3.13 -41.46
CA ARG A 94 19.28 1.88 -41.86
C ARG A 94 18.31 1.41 -40.79
N GLU A 95 17.90 0.17 -40.87
CA GLU A 95 16.77 -0.32 -40.13
C GLU A 95 17.05 -0.54 -38.66
N ARG A 96 18.30 -0.80 -38.34
CA ARG A 96 18.67 -1.05 -36.94
C ARG A 96 19.72 -0.03 -36.63
N ARG A 97 19.41 0.86 -35.67
CA ARG A 97 20.20 2.06 -35.43
C ARG A 97 20.71 2.15 -33.98
N ALA A 98 21.87 2.81 -33.82
CA ALA A 98 22.42 3.13 -32.48
C ALA A 98 23.04 4.50 -32.54
N VAL A 99 23.08 5.15 -31.38
CA VAL A 99 23.85 6.36 -31.22
C VAL A 99 24.60 6.26 -29.89
N VAL A 100 25.88 6.60 -29.91
CA VAL A 100 26.63 6.79 -28.70
C VAL A 100 26.83 8.28 -28.55
N VAL A 101 26.36 8.82 -27.44
CA VAL A 101 26.58 10.24 -27.15
C VAL A 101 27.85 10.38 -26.33
N ALA A 102 28.87 10.99 -26.93
CA ALA A 102 30.19 10.99 -26.35
C ALA A 102 30.89 12.30 -26.60
N ALA A 103 31.72 12.73 -25.65
CA ALA A 103 32.50 13.97 -25.83
C ALA A 103 33.97 13.64 -26.10
N ASP A 104 34.42 12.44 -25.73
CA ASP A 104 35.81 12.06 -25.97
C ASP A 104 35.94 10.64 -26.51
N ARG A 105 37.15 10.31 -26.98
CA ARG A 105 37.45 9.00 -27.54
C ARG A 105 37.04 7.88 -26.64
N ASP A 106 37.56 7.94 -25.42
CA ASP A 106 37.43 6.82 -24.47
C ASP A 106 35.96 6.49 -24.22
N SER A 107 35.15 7.52 -24.01
CA SER A 107 33.73 7.30 -23.80
C SER A 107 33.00 6.79 -25.09
N LEU A 108 33.45 7.21 -26.27
CA LEU A 108 32.88 6.69 -27.52
C LEU A 108 33.22 5.19 -27.65
N LEU A 109 34.47 4.85 -27.35
CA LEU A 109 34.96 3.49 -27.55
C LEU A 109 34.30 2.56 -26.54
N THR A 110 34.03 3.07 -25.33
CA THR A 110 33.27 2.30 -24.33
C THR A 110 31.84 1.97 -24.84
N GLY A 111 31.19 2.97 -25.45
CA GLY A 111 29.86 2.79 -25.99
C GLY A 111 29.89 1.77 -27.14
N LEU A 112 30.83 1.96 -28.05
CA LEU A 112 30.92 1.14 -29.27
C LEU A 112 31.22 -0.32 -28.92
N ASP A 113 32.12 -0.54 -27.96
CA ASP A 113 32.44 -1.91 -27.54
C ASP A 113 31.18 -2.57 -26.98
N ALA A 114 30.42 -1.83 -26.16
CA ALA A 114 29.17 -2.35 -25.59
C ALA A 114 28.16 -2.70 -26.68
N LEU A 115 27.99 -1.79 -27.62
CA LEU A 115 27.11 -2.02 -28.73
C LEU A 115 27.56 -3.26 -29.53
N ALA A 116 28.86 -3.34 -29.84
CA ALA A 116 29.39 -4.44 -30.64
C ALA A 116 29.12 -5.78 -29.94
N GLY A 117 29.16 -5.76 -28.61
CA GLY A 117 28.98 -6.96 -27.81
C GLY A 117 27.57 -7.22 -27.37
N GLY A 118 26.62 -6.43 -27.91
CA GLY A 118 25.19 -6.60 -27.57
C GLY A 118 24.79 -6.14 -26.17
N GLU A 119 25.56 -5.26 -25.56
CA GLU A 119 25.29 -4.87 -24.18
C GLU A 119 24.73 -3.45 -24.13
N ALA A 120 23.96 -3.13 -23.09
CA ALA A 120 23.46 -1.76 -22.91
C ALA A 120 24.56 -0.86 -22.37
N GLY A 121 24.41 0.43 -22.58
CA GLY A 121 25.32 1.38 -21.96
C GLY A 121 24.65 2.68 -21.61
N PRO A 122 25.24 3.43 -20.67
CA PRO A 122 24.53 4.60 -20.14
C PRO A 122 24.40 5.78 -21.13
N ARG A 123 25.22 5.80 -22.18
CA ARG A 123 25.08 6.80 -23.22
C ARG A 123 24.96 6.18 -24.59
N LEU A 124 24.34 5.02 -24.60
CA LEU A 124 24.09 4.26 -25.84
C LEU A 124 22.59 4.13 -25.99
N ALA A 125 22.06 4.59 -27.12
CA ALA A 125 20.68 4.27 -27.49
C ALA A 125 20.69 3.38 -28.76
N SER A 126 19.79 2.42 -28.82
CA SER A 126 19.66 1.59 -30.03
C SER A 126 18.24 1.11 -30.18
N GLY A 127 17.87 0.80 -31.41
CA GLY A 127 16.54 0.40 -31.67
C GLY A 127 16.27 0.09 -33.12
N ALA A 128 15.02 -0.28 -33.35
CA ALA A 128 14.48 -0.55 -34.68
C ALA A 128 13.83 0.69 -35.23
N ALA A 129 14.23 1.08 -36.43
CA ALA A 129 13.73 2.31 -37.05
C ALA A 129 12.43 2.09 -37.74
N ASP A 130 11.38 1.97 -36.96
CA ASP A 130 10.12 1.48 -37.49
C ASP A 130 8.91 2.26 -37.07
N VAL A 131 9.11 3.41 -36.43
CA VAL A 131 7.98 4.16 -35.93
C VAL A 131 7.57 5.22 -36.91
N THR A 132 6.26 5.28 -37.17
CA THR A 132 5.68 6.35 -37.98
C THR A 132 4.45 6.91 -37.29
N GLY A 133 4.11 8.14 -37.64
CA GLY A 133 2.94 8.80 -37.08
C GLY A 133 3.31 10.11 -36.37
N ARG A 134 2.30 10.77 -35.84
CA ARG A 134 2.43 12.15 -35.45
C ARG A 134 3.00 12.24 -34.01
N VAL A 135 3.42 13.44 -33.64
CA VAL A 135 4.29 13.66 -32.49
C VAL A 135 3.50 14.47 -31.45
N VAL A 136 3.59 14.02 -30.20
CA VAL A 136 2.95 14.71 -29.06
C VAL A 136 4.05 15.14 -28.10
N LEU A 137 4.00 16.39 -27.65
CA LEU A 137 4.77 16.80 -26.48
C LEU A 137 3.91 16.78 -25.22
N VAL A 138 4.37 16.06 -24.21
CA VAL A 138 3.63 15.90 -22.99
C VAL A 138 4.32 16.79 -21.93
N PHE A 139 3.53 17.57 -21.24
CA PHE A 139 4.04 18.39 -20.14
C PHE A 139 3.44 17.86 -18.82
N PRO A 140 4.26 17.41 -17.93
CA PRO A 140 3.70 16.73 -16.79
C PRO A 140 3.33 17.73 -15.69
N GLY A 141 2.67 17.23 -14.66
CA GLY A 141 2.30 18.05 -13.52
C GLY A 141 3.44 18.14 -12.53
N GLN A 142 3.10 18.52 -11.30
CA GLN A 142 4.14 18.68 -10.27
CA GLN A 142 4.07 18.63 -10.20
C GLN A 142 4.66 17.28 -9.88
N GLY A 143 5.95 17.22 -9.51
CA GLY A 143 6.53 16.00 -8.91
C GLY A 143 7.74 15.43 -9.61
N ALA A 144 8.12 16.04 -10.74
CA ALA A 144 9.26 15.58 -11.53
C ALA A 144 10.50 16.44 -11.27
N HIS A 145 10.35 17.56 -10.62
CA HIS A 145 11.44 18.51 -10.55
C HIS A 145 12.55 17.98 -9.62
N TRP A 146 13.80 18.27 -9.93
CA TRP A 146 14.87 17.96 -8.98
C TRP A 146 15.78 19.15 -8.82
N THR A 147 16.19 19.41 -7.59
CA THR A 147 16.94 20.62 -7.32
C THR A 147 18.25 20.67 -8.08
N GLY A 148 18.49 21.77 -8.75
CA GLY A 148 19.69 21.90 -9.54
C GLY A 148 19.46 21.68 -11.05
N VAL A 149 18.33 21.08 -11.40
CA VAL A 149 18.01 20.91 -12.85
C VAL A 149 17.91 22.27 -13.54
N ALA A 150 18.37 22.27 -14.76
CA ALA A 150 18.40 23.43 -15.65
C ALA A 150 19.62 24.30 -15.56
N GLU A 151 20.37 24.23 -14.47
CA GLU A 151 21.59 25.07 -14.37
C GLU A 151 22.63 24.59 -15.36
N ARG A 152 22.95 23.30 -15.32
CA ARG A 152 23.95 22.76 -16.23
C ARG A 152 23.56 22.95 -17.68
N LEU A 153 22.29 22.73 -17.99
CA LEU A 153 21.82 22.89 -19.38
C LEU A 153 21.83 24.35 -19.85
N TRP A 154 21.58 25.27 -18.92
CA TRP A 154 21.77 26.69 -19.20
C TRP A 154 23.23 26.99 -19.63
N ARG A 155 24.22 26.34 -19.00
CA ARG A 155 25.61 26.56 -19.38
C ARG A 155 25.95 25.93 -20.74
N GLU A 156 25.25 24.86 -21.09
CA GLU A 156 25.69 23.99 -22.16
C GLU A 156 24.95 24.18 -23.48
N ALA A 157 23.76 24.75 -23.46
CA ALA A 157 22.91 24.75 -24.63
C ALA A 157 22.32 26.12 -24.83
N PRO A 158 22.81 26.85 -25.83
CA PRO A 158 22.45 28.25 -25.98
C PRO A 158 20.97 28.51 -26.32
N VAL A 159 20.30 27.57 -26.95
CA VAL A 159 18.88 27.73 -27.19
C VAL A 159 18.09 27.63 -25.86
N PHE A 160 18.45 26.65 -25.04
CA PHE A 160 17.85 26.50 -23.72
C PHE A 160 18.15 27.73 -22.84
N ALA A 161 19.42 28.13 -22.79
CA ALA A 161 19.85 29.36 -22.08
C ALA A 161 18.98 30.55 -22.49
N ASP A 162 18.79 30.73 -23.79
CA ASP A 162 18.01 31.83 -24.26
C ASP A 162 16.57 31.80 -23.76
N SER A 163 15.91 30.66 -23.92
CA SER A 163 14.54 30.54 -23.48
C SER A 163 14.48 30.81 -21.98
N MET A 164 15.39 30.23 -21.21
CA MET A 164 15.39 30.41 -19.78
C MET A 164 15.54 31.91 -19.40
N ALA A 165 16.38 32.62 -20.12
CA ALA A 165 16.54 34.12 -19.93
C ALA A 165 15.28 34.91 -20.34
N ARG A 166 14.60 34.48 -21.41
CA ARG A 166 13.31 35.09 -21.77
C ARG A 166 12.26 34.82 -20.62
N CYS A 167 12.32 33.61 -20.01
CA CYS A 167 11.42 33.29 -18.92
C CYS A 167 11.78 34.17 -17.70
N ALA A 168 13.06 34.30 -17.44
CA ALA A 168 13.55 35.04 -16.27
C ALA A 168 13.03 36.48 -16.36
N ASP A 169 13.06 37.04 -17.55
CA ASP A 169 12.56 38.39 -17.77
C ASP A 169 11.11 38.54 -17.34
N VAL A 170 10.26 37.63 -17.80
CA VAL A 170 8.84 37.70 -17.50
C VAL A 170 8.56 37.41 -16.01
N LEU A 171 9.32 36.49 -15.42
CA LEU A 171 9.11 36.16 -14.01
C LEU A 171 9.67 37.26 -13.04
N ARG A 172 10.77 37.90 -13.44
CA ARG A 172 11.30 39.08 -12.73
C ARG A 172 10.17 40.16 -12.54
N ASP A 173 9.46 40.47 -13.63
CA ASP A 173 8.42 41.49 -13.61
C ASP A 173 7.33 41.08 -12.61
N LEU A 174 7.03 39.76 -12.55
CA LEU A 174 5.88 39.27 -11.84
C LEU A 174 6.16 38.92 -10.37
N ALA A 175 7.21 38.14 -10.14
CA ALA A 175 7.40 37.43 -8.86
C ALA A 175 8.56 38.05 -8.08
N GLY A 176 9.30 38.92 -8.74
CA GLY A 176 10.37 39.64 -8.10
C GLY A 176 11.69 38.92 -8.31
N TRP A 177 11.70 37.62 -8.03
CA TRP A 177 12.95 36.89 -7.84
C TRP A 177 13.65 36.54 -9.17
N GLU A 178 14.89 36.08 -9.08
CA GLU A 178 15.73 35.88 -10.27
C GLU A 178 15.81 34.36 -10.54
N LEU A 179 15.19 33.95 -11.65
CA LEU A 179 15.06 32.53 -11.99
C LEU A 179 16.35 31.71 -11.78
N ARG A 180 17.47 32.20 -12.29
CA ARG A 180 18.68 31.39 -12.26
C ARG A 180 19.16 31.15 -10.85
N GLU A 181 18.94 32.13 -9.97
CA GLU A 181 19.32 31.99 -8.56
C GLU A 181 18.50 30.95 -7.82
N VAL A 182 17.23 30.91 -8.11
CA VAL A 182 16.31 29.99 -7.49
C VAL A 182 16.50 28.49 -7.93
N LEU A 183 17.06 28.28 -9.14
CA LEU A 183 17.23 26.92 -9.67
C LEU A 183 17.97 26.00 -8.74
N VAL A 184 18.93 26.55 -7.98
CA VAL A 184 19.78 25.73 -7.14
C VAL A 184 19.45 25.84 -5.66
N ASP A 185 18.34 26.48 -5.33
CA ASP A 185 18.00 26.76 -3.91
C ASP A 185 16.93 25.79 -3.45
N PRO A 186 17.32 24.74 -2.71
CA PRO A 186 16.35 23.70 -2.33
C PRO A 186 15.26 24.23 -1.39
N VAL A 187 15.57 25.27 -0.64
CA VAL A 187 14.60 25.81 0.32
C VAL A 187 13.52 26.59 -0.44
N ALA A 188 13.95 27.46 -1.35
CA ALA A 188 12.99 28.18 -2.21
C ALA A 188 12.08 27.22 -3.02
N LEU A 189 12.69 26.16 -3.57
CA LEU A 189 11.97 25.20 -4.44
C LEU A 189 10.94 24.34 -3.73
N GLU A 190 10.98 24.31 -2.39
CA GLU A 190 9.94 23.63 -1.67
C GLU A 190 8.70 24.49 -1.63
N ARG A 191 8.82 25.79 -1.93
CA ARG A 191 7.67 26.66 -1.91
C ARG A 191 6.97 26.57 -3.26
N VAL A 192 5.66 26.31 -3.24
CA VAL A 192 4.86 26.06 -4.44
C VAL A 192 4.78 27.29 -5.35
N ASP A 193 4.84 28.46 -4.74
CA ASP A 193 4.85 29.71 -5.49
C ASP A 193 6.18 29.98 -6.23
N VAL A 194 7.27 29.31 -5.83
CA VAL A 194 8.54 29.39 -6.51
C VAL A 194 8.64 28.18 -7.48
N LEU A 195 8.34 26.98 -6.96
CA LEU A 195 8.50 25.74 -7.76
C LEU A 195 7.69 25.75 -9.04
N GLN A 196 6.43 26.17 -8.96
CA GLN A 196 5.59 26.05 -10.15
C GLN A 196 6.05 26.99 -11.27
N PRO A 197 6.39 28.25 -10.93
CA PRO A 197 6.90 29.07 -12.00
C PRO A 197 8.26 28.62 -12.56
N VAL A 198 9.16 28.11 -11.69
CA VAL A 198 10.45 27.59 -12.16
C VAL A 198 10.22 26.37 -13.08
N SER A 199 9.31 25.50 -12.66
CA SER A 199 9.01 24.30 -13.41
C SER A 199 8.45 24.64 -14.80
N PHE A 200 7.55 25.61 -14.83
CA PHE A 200 7.03 26.15 -16.08
C PHE A 200 8.16 26.65 -16.98
N ALA A 201 9.10 27.43 -16.43
CA ALA A 201 10.16 27.98 -17.25
C ALA A 201 11.04 26.87 -17.83
N VAL A 202 11.31 25.85 -17.01
CA VAL A 202 12.17 24.78 -17.41
C VAL A 202 11.52 24.00 -18.57
N VAL A 203 10.25 23.63 -18.44
CA VAL A 203 9.63 22.76 -19.48
C VAL A 203 9.30 23.54 -20.79
N VAL A 204 8.97 24.82 -20.69
CA VAL A 204 8.86 25.68 -21.88
C VAL A 204 10.22 25.75 -22.61
N SER A 205 11.30 25.82 -21.84
CA SER A 205 12.62 26.00 -22.40
C SER A 205 13.15 24.67 -22.99
N LEU A 206 12.80 23.56 -22.36
CA LEU A 206 13.15 22.28 -22.91
C LEU A 206 12.40 22.09 -24.22
N ALA A 207 11.17 22.58 -24.29
CA ALA A 207 10.41 22.46 -25.52
C ALA A 207 11.08 23.23 -26.66
N ALA A 208 11.59 24.42 -26.33
CA ALA A 208 12.34 25.19 -27.29
C ALA A 208 13.61 24.47 -27.74
N LEU A 209 14.30 23.81 -26.82
CA LEU A 209 15.47 23.03 -27.19
C LEU A 209 15.11 21.86 -28.13
N TRP A 210 14.05 21.12 -27.80
CA TRP A 210 13.52 20.10 -28.77
C TRP A 210 13.24 20.70 -30.17
N ALA A 211 12.58 21.85 -30.22
CA ALA A 211 12.28 22.47 -31.49
C ALA A 211 13.53 22.77 -32.28
N SER A 212 14.61 23.17 -31.59
CA SER A 212 15.86 23.51 -32.25
C SER A 212 16.54 22.27 -32.92
N VAL A 213 16.19 21.07 -32.49
CA VAL A 213 16.64 19.87 -33.19
C VAL A 213 15.53 19.23 -34.01
N GLY A 214 14.57 20.05 -34.37
CA GLY A 214 13.56 19.69 -35.32
C GLY A 214 12.51 18.74 -34.80
N VAL A 215 12.31 18.71 -33.49
CA VAL A 215 11.22 17.92 -32.94
C VAL A 215 10.14 18.87 -32.46
N ARG A 216 9.12 19.05 -33.29
CA ARG A 216 8.03 19.96 -32.99
C ARG A 216 6.76 19.18 -32.85
N PRO A 217 5.90 19.59 -31.92
CA PRO A 217 4.68 18.84 -31.69
C PRO A 217 3.64 18.99 -32.78
N ASP A 218 3.02 17.87 -33.17
CA ASP A 218 1.75 17.92 -33.92
C ASP A 218 0.55 18.18 -32.97
N ALA A 219 0.74 17.82 -31.70
CA ALA A 219 -0.26 18.05 -30.64
C ALA A 219 0.45 18.14 -29.28
N VAL A 220 -0.19 18.79 -28.31
CA VAL A 220 0.34 18.81 -26.97
C VAL A 220 -0.72 18.44 -25.93
N VAL A 221 -0.23 17.94 -24.81
CA VAL A 221 -1.09 17.65 -23.68
C VAL A 221 -0.32 17.97 -22.42
N GLY A 222 -0.94 18.71 -21.50
CA GLY A 222 -0.33 19.06 -20.23
C GLY A 222 -1.18 18.56 -19.06
N HIS A 223 -0.53 17.82 -18.19
CA HIS A 223 -1.19 17.19 -17.06
C HIS A 223 -1.24 18.27 -15.95
N SER A 224 -2.43 18.55 -15.42
CA SER A 224 -2.63 19.60 -14.37
C SER A 224 -1.80 20.85 -14.64
N GLN A 225 -0.83 21.12 -13.80
CA GLN A 225 -0.04 22.31 -13.87
C GLN A 225 0.61 22.50 -15.27
N GLY A 226 0.99 21.38 -15.88
CA GLY A 226 1.61 21.42 -17.21
C GLY A 226 0.73 21.92 -18.32
N GLU A 227 -0.57 22.04 -18.08
CA GLU A 227 -1.46 22.49 -19.16
C GLU A 227 -1.15 23.95 -19.56
N VAL A 228 -0.68 24.75 -18.62
CA VAL A 228 -0.36 26.14 -18.96
C VAL A 228 0.85 26.18 -19.91
N ALA A 229 1.85 25.39 -19.59
CA ALA A 229 3.01 25.31 -20.47
C ALA A 229 2.58 24.78 -21.87
N ALA A 230 1.74 23.76 -21.88
CA ALA A 230 1.25 23.15 -23.14
C ALA A 230 0.51 24.22 -23.96
N ALA A 231 -0.36 24.99 -23.29
CA ALA A 231 -1.08 26.04 -23.99
C ALA A 231 -0.12 27.06 -24.61
N HIS A 232 0.91 27.43 -23.87
CA HIS A 232 1.88 28.39 -24.41
C HIS A 232 2.60 27.79 -25.60
N VAL A 233 3.08 26.55 -25.43
CA VAL A 233 3.87 25.90 -26.50
C VAL A 233 3.02 25.70 -27.76
N ALA A 234 1.72 25.56 -27.56
CA ALA A 234 0.77 25.38 -28.65
C ALA A 234 0.39 26.70 -29.31
N GLY A 235 0.87 27.81 -28.75
CA GLY A 235 0.62 29.15 -29.32
C GLY A 235 -0.67 29.84 -28.87
N ALA A 236 -1.35 29.27 -27.87
CA ALA A 236 -2.60 29.82 -27.37
C ALA A 236 -2.35 30.94 -26.34
N LEU A 237 -1.19 30.93 -25.69
CA LEU A 237 -0.81 31.99 -24.74
C LEU A 237 0.57 32.54 -25.08
N THR A 238 0.75 33.84 -24.90
CA THR A 238 2.09 34.40 -24.84
C THR A 238 2.87 33.85 -23.64
N LEU A 239 4.20 33.97 -23.68
CA LEU A 239 5.03 33.60 -22.58
C LEU A 239 4.57 34.39 -21.34
N ALA A 240 4.32 35.68 -21.55
CA ALA A 240 4.01 36.60 -20.42
C ALA A 240 2.72 36.21 -19.76
N GLU A 241 1.71 35.93 -20.57
CA GLU A 241 0.40 35.63 -20.06
C GLU A 241 0.32 34.25 -19.38
N ALA A 242 0.93 33.24 -19.99
CA ALA A 242 1.08 31.96 -19.32
C ALA A 242 1.80 32.11 -17.97
N ALA A 243 2.91 32.82 -17.98
CA ALA A 243 3.65 33.02 -16.74
C ALA A 243 2.77 33.68 -15.66
N ARG A 244 1.93 34.63 -16.07
CA ARG A 244 1.08 35.35 -15.14
C ARG A 244 0.12 34.37 -14.48
N ILE A 245 -0.42 33.45 -15.28
CA ILE A 245 -1.35 32.49 -14.78
C ILE A 245 -0.64 31.60 -13.78
N VAL A 246 0.54 31.08 -14.12
CA VAL A 246 1.22 30.15 -13.22
C VAL A 246 1.61 30.89 -11.92
N VAL A 247 2.11 32.12 -12.06
CA VAL A 247 2.58 32.88 -10.88
C VAL A 247 1.39 33.20 -9.94
N LEU A 248 0.28 33.69 -10.47
CA LEU A 248 -0.83 34.11 -9.62
C LEU A 248 -1.56 32.92 -9.01
N ARG A 249 -1.64 31.82 -9.75
CA ARG A 249 -2.32 30.66 -9.27
C ARG A 249 -1.50 29.90 -8.23
N SER A 250 -0.19 29.84 -8.43
CA SER A 250 0.71 29.15 -7.52
C SER A 250 0.88 29.91 -6.18
N ALA A 251 0.88 31.22 -6.26
CA ALA A 251 0.93 32.09 -5.05
C ALA A 251 -0.37 31.92 -4.21
N LEU A 252 -1.49 31.79 -4.87
CA LEU A 252 -2.76 31.54 -4.19
C LEU A 252 -2.87 30.14 -3.55
N ILE A 253 -2.34 29.13 -4.23
CA ILE A 253 -2.22 27.81 -3.64
C ILE A 253 -1.35 27.87 -2.36
N ALA A 254 -0.22 28.56 -2.47
CA ALA A 254 0.72 28.64 -1.37
C ALA A 254 0.05 29.32 -0.17
N ARG A 255 -0.75 30.37 -0.43
CA ARG A 255 -1.39 31.12 0.66
C ARG A 255 -2.53 30.34 1.30
N GLU A 256 -3.33 29.64 0.49
CA GLU A 256 -4.62 29.10 0.97
C GLU A 256 -4.60 27.59 1.16
N LEU A 257 -3.78 26.87 0.39
CA LEU A 257 -3.82 25.38 0.43
C LEU A 257 -2.57 24.72 1.01
N SER A 258 -1.37 25.30 0.79
CA SER A 258 -0.14 24.66 1.18
C SER A 258 -0.20 24.36 2.70
N GLY A 259 0.31 23.21 3.08
CA GLY A 259 0.25 22.73 4.47
C GLY A 259 -1.04 22.05 4.90
N ARG A 260 -2.03 21.98 4.02
CA ARG A 260 -3.36 21.48 4.38
C ARG A 260 -3.76 20.24 3.57
N GLY A 261 -2.79 19.65 2.88
CA GLY A 261 -3.06 18.47 2.11
C GLY A 261 -1.87 17.88 1.41
N ALA A 262 -2.11 16.75 0.78
CA ALA A 262 -1.06 15.97 0.16
C ALA A 262 -1.69 15.22 -0.99
N MET A 263 -0.84 14.74 -1.88
CA MET A 263 -1.26 13.95 -3.06
C MET A 263 -0.42 12.68 -3.21
N LEU A 264 -1.10 11.59 -3.58
CA LEU A 264 -0.52 10.26 -3.56
C LEU A 264 -0.82 9.56 -4.85
N THR A 265 0.22 9.01 -5.50
CA THR A 265 0.03 8.18 -6.67
C THR A 265 0.05 6.71 -6.32
N VAL A 266 -0.90 5.98 -6.89
CA VAL A 266 -1.12 4.58 -6.59
C VAL A 266 -0.97 3.81 -7.88
N VAL A 267 -0.19 2.71 -7.82
CA VAL A 267 -0.07 1.79 -8.95
C VAL A 267 -1.27 0.86 -9.00
N ALA A 268 -2.32 1.30 -9.69
CA ALA A 268 -3.60 0.60 -9.73
C ALA A 268 -4.49 1.33 -10.68
N ASP A 269 -5.58 0.70 -11.14
CA ASP A 269 -6.52 1.43 -11.99
C ASP A 269 -7.64 2.11 -11.19
N VAL A 270 -8.33 3.05 -11.83
CA VAL A 270 -9.22 3.93 -11.11
C VAL A 270 -10.40 3.13 -10.49
N GLU A 271 -10.84 2.07 -11.17
CA GLU A 271 -11.87 1.17 -10.59
C GLU A 271 -11.41 0.62 -9.25
N ARG A 272 -10.19 0.10 -9.24
CA ARG A 272 -9.66 -0.45 -8.03
C ARG A 272 -9.50 0.62 -6.94
N VAL A 273 -8.98 1.79 -7.31
CA VAL A 273 -8.73 2.82 -6.30
C VAL A 273 -10.07 3.30 -5.70
N THR A 274 -11.08 3.39 -6.53
CA THR A 274 -12.38 3.88 -6.07
C THR A 274 -13.04 2.90 -5.09
N ALA A 275 -12.83 1.61 -5.33
CA ALA A 275 -13.28 0.57 -4.40
C ALA A 275 -12.60 0.74 -3.06
N LEU A 276 -11.31 1.05 -3.08
CA LEU A 276 -10.57 1.14 -1.85
C LEU A 276 -10.84 2.41 -1.11
N LEU A 277 -11.44 3.39 -1.80
CA LEU A 277 -11.82 4.65 -1.15
C LEU A 277 -13.21 4.59 -0.42
N ALA A 278 -13.86 3.43 -0.45
CA ALA A 278 -15.06 3.21 0.38
C ALA A 278 -14.74 3.55 1.81
N GLY A 279 -15.48 4.52 2.35
CA GLY A 279 -15.29 5.00 3.71
C GLY A 279 -14.46 6.25 3.78
N PHE A 280 -13.89 6.65 2.64
CA PHE A 280 -13.09 7.87 2.55
C PHE A 280 -13.83 9.01 1.84
N GLU A 281 -15.14 8.85 1.67
CA GLU A 281 -15.94 9.82 0.93
C GLU A 281 -15.74 11.17 1.56
N GLY A 282 -15.33 12.16 0.76
CA GLY A 282 -15.18 13.52 1.24
C GLY A 282 -13.93 13.71 2.04
N ARG A 283 -13.07 12.70 2.08
CA ARG A 283 -11.82 12.86 2.81
C ARG A 283 -10.60 12.63 1.89
N VAL A 284 -10.69 11.65 1.02
CA VAL A 284 -9.63 11.39 0.03
C VAL A 284 -10.29 11.08 -1.26
N CYS A 285 -9.98 11.85 -2.31
CA CYS A 285 -10.66 11.67 -3.59
C CYS A 285 -9.66 11.41 -4.71
N VAL A 286 -10.15 10.84 -5.80
CA VAL A 286 -9.37 10.70 -7.05
C VAL A 286 -9.12 12.06 -7.71
N ALA A 287 -7.83 12.32 -7.95
CA ALA A 287 -7.37 13.62 -8.45
C ALA A 287 -6.87 13.52 -9.87
N ALA A 288 -6.32 12.36 -10.24
CA ALA A 288 -5.88 12.15 -11.61
C ALA A 288 -6.01 10.71 -12.01
N VAL A 289 -6.34 10.50 -13.28
CA VAL A 289 -6.30 9.17 -13.85
C VAL A 289 -5.30 9.20 -15.02
N ASN A 290 -4.13 8.62 -14.78
CA ASN A 290 -3.00 8.73 -15.72
C ASN A 290 -2.87 7.53 -16.66
N GLY A 291 -3.35 6.39 -16.22
CA GLY A 291 -3.21 5.19 -17.02
C GLY A 291 -3.85 4.02 -16.28
N PRO A 292 -3.68 2.81 -16.81
CA PRO A 292 -4.26 1.63 -16.15
C PRO A 292 -3.56 1.28 -14.86
N ALA A 293 -2.35 1.81 -14.65
CA ALA A 293 -1.59 1.51 -13.47
C ALA A 293 -1.05 2.79 -12.79
N SER A 294 -1.82 3.87 -12.87
CA SER A 294 -1.41 5.10 -12.22
C SER A 294 -2.58 6.03 -11.97
N VAL A 295 -2.99 6.10 -10.71
CA VAL A 295 -4.07 6.98 -10.29
C VAL A 295 -3.60 7.76 -9.10
N THR A 296 -3.88 9.06 -9.08
CA THR A 296 -3.44 9.89 -7.95
C THR A 296 -4.62 10.32 -7.12
N VAL A 297 -4.48 10.26 -5.80
CA VAL A 297 -5.56 10.72 -4.89
C VAL A 297 -5.07 11.92 -4.06
N SER A 298 -6.01 12.61 -3.44
CA SER A 298 -5.73 13.89 -2.81
C SER A 298 -6.57 14.07 -1.55
N GLY A 299 -6.00 14.70 -0.52
CA GLY A 299 -6.74 15.04 0.68
C GLY A 299 -5.86 15.57 1.78
N GLU A 300 -6.47 15.80 2.95
CA GLU A 300 -5.72 16.21 4.12
C GLU A 300 -4.66 15.15 4.49
N ASP A 301 -3.52 15.57 5.04
CA ASP A 301 -2.38 14.67 5.28
C ASP A 301 -2.81 13.41 6.06
N GLY A 302 -3.49 13.62 7.18
CA GLY A 302 -3.91 12.52 8.04
C GLY A 302 -4.77 11.52 7.31
N ALA A 303 -5.70 12.02 6.51
CA ALA A 303 -6.61 11.17 5.84
C ALA A 303 -5.89 10.37 4.74
N VAL A 304 -4.95 11.01 4.07
CA VAL A 304 -4.15 10.32 3.06
C VAL A 304 -3.30 9.23 3.72
N ARG A 305 -2.77 9.52 4.91
CA ARG A 305 -1.97 8.53 5.64
C ARG A 305 -2.81 7.32 6.09
N GLU A 306 -4.09 7.55 6.36
CA GLU A 306 -5.06 6.46 6.59
C GLU A 306 -5.27 5.63 5.36
N PHE A 307 -5.38 6.31 4.23
CA PHE A 307 -5.50 5.57 3.01
C PHE A 307 -4.24 4.78 2.65
N GLU A 308 -3.05 5.32 2.94
CA GLU A 308 -1.79 4.60 2.73
C GLU A 308 -1.71 3.29 3.52
N ARG A 309 -2.37 3.25 4.69
CA ARG A 309 -2.44 2.02 5.51
C ARG A 309 -3.31 0.97 4.86
N VAL A 310 -4.40 1.43 4.23
CA VAL A 310 -5.23 0.55 3.41
C VAL A 310 -4.42 -0.08 2.25
N LEU A 311 -3.58 0.73 1.61
CA LEU A 311 -2.81 0.25 0.47
C LEU A 311 -1.69 -0.67 0.92
N SER A 312 -0.96 -0.27 1.95
CA SER A 312 0.15 -1.05 2.47
C SER A 312 -0.27 -2.46 2.83
N ALA A 313 -1.37 -2.56 3.59
CA ALA A 313 -1.86 -3.88 4.05
C ALA A 313 -2.05 -4.82 2.89
N ARG A 314 -2.43 -4.22 1.77
CA ARG A 314 -2.77 -4.94 0.56
C ARG A 314 -1.60 -5.03 -0.43
N ARG A 315 -0.40 -4.68 0.03
CA ARG A 315 0.81 -4.84 -0.80
C ARG A 315 0.69 -4.07 -2.11
N MET A 316 0.05 -2.90 -2.06
CA MET A 316 -0.03 -2.06 -3.22
C MET A 316 1.02 -0.96 -3.18
N LEU A 317 1.55 -0.62 -4.35
CA LEU A 317 2.61 0.35 -4.43
C LEU A 317 2.00 1.75 -4.52
N ARG A 318 2.64 2.70 -3.85
CA ARG A 318 2.19 4.10 -3.84
C ARG A 318 3.31 5.00 -3.42
N TRP A 319 3.18 6.29 -3.69
CA TRP A 319 4.15 7.25 -3.18
C TRP A 319 3.56 8.63 -3.22
N ARG A 320 3.99 9.47 -2.29
CA ARG A 320 3.59 10.86 -2.25
C ARG A 320 4.24 11.59 -3.45
N LEU A 321 3.51 12.53 -4.06
CA LEU A 321 4.09 13.41 -5.07
C LEU A 321 5.08 14.34 -4.41
N PRO A 322 6.34 14.34 -4.86
CA PRO A 322 7.29 15.10 -4.07
C PRO A 322 7.09 16.58 -4.27
N GLY A 323 7.20 17.35 -3.18
CA GLY A 323 7.08 18.80 -3.27
C GLY A 323 5.66 19.32 -3.37
N VAL A 324 4.70 18.42 -3.21
CA VAL A 324 3.30 18.82 -3.29
C VAL A 324 2.76 18.81 -1.89
N ASP A 325 2.37 19.99 -1.39
CA ASP A 325 1.97 20.13 0.02
C ASP A 325 0.54 20.64 0.12
N PHE A 326 -0.25 20.32 -0.89
CA PHE A 326 -1.62 20.76 -0.99
C PHE A 326 -2.46 19.67 -1.63
N ALA A 327 -3.75 19.70 -1.34
CA ALA A 327 -4.69 18.75 -1.89
C ALA A 327 -5.26 19.28 -3.17
N GLY A 328 -4.46 19.21 -4.23
CA GLY A 328 -4.94 19.54 -5.55
C GLY A 328 -6.13 18.72 -5.98
N HIS A 329 -6.98 19.32 -6.81
CA HIS A 329 -8.05 18.61 -7.51
C HIS A 329 -9.01 17.96 -6.50
N SER A 330 -9.30 18.73 -5.44
CA SER A 330 -10.16 18.28 -4.32
C SER A 330 -11.05 19.44 -3.93
N PRO A 331 -12.09 19.18 -3.15
CA PRO A 331 -13.01 20.20 -2.72
C PRO A 331 -12.35 21.34 -1.93
N GLN A 332 -11.15 21.11 -1.38
CA GLN A 332 -10.39 22.20 -0.75
C GLN A 332 -10.22 23.38 -1.71
N VAL A 333 -10.28 23.09 -3.01
CA VAL A 333 -10.02 24.09 -4.05
C VAL A 333 -11.22 25.04 -4.26
N ASP A 334 -12.38 24.62 -3.76
CA ASP A 334 -13.62 25.42 -3.95
C ASP A 334 -13.43 26.80 -3.38
N ALA A 335 -12.76 26.90 -2.24
CA ALA A 335 -12.71 28.14 -1.48
C ALA A 335 -11.84 29.19 -2.19
N LEU A 336 -11.01 28.72 -3.14
CA LEU A 336 -10.04 29.58 -3.85
C LEU A 336 -10.67 30.24 -5.07
N ARG A 337 -11.78 29.70 -5.49
CA ARG A 337 -12.37 30.05 -6.77
C ARG A 337 -12.56 31.55 -6.96
N ALA A 338 -13.17 32.21 -5.99
CA ALA A 338 -13.44 33.64 -6.14
C ALA A 338 -12.14 34.43 -6.29
N GLU A 339 -11.16 34.22 -5.41
CA GLU A 339 -9.93 34.99 -5.50
C GLU A 339 -9.20 34.64 -6.83
N LEU A 340 -9.31 33.40 -7.28
CA LEU A 340 -8.61 33.05 -8.55
C LEU A 340 -9.20 33.77 -9.77
N LEU A 341 -10.52 33.75 -9.90
CA LEU A 341 -11.18 34.42 -11.01
C LEU A 341 -10.91 35.91 -10.98
N ALA A 342 -10.88 36.49 -9.79
CA ALA A 342 -10.55 37.91 -9.65
C ALA A 342 -9.08 38.22 -10.03
N ALA A 343 -8.15 37.42 -9.54
CA ALA A 343 -6.75 37.68 -9.82
C ALA A 343 -6.49 37.50 -11.31
N LEU A 344 -7.02 36.43 -11.88
CA LEU A 344 -6.79 36.15 -13.31
C LEU A 344 -7.51 37.17 -14.19
N GLY A 345 -8.73 37.53 -13.82
CA GLY A 345 -9.56 38.44 -14.65
C GLY A 345 -9.79 37.91 -16.06
N ASP A 346 -9.64 38.79 -17.07
CA ASP A 346 -9.77 38.39 -18.44
C ASP A 346 -8.43 37.84 -18.88
N ILE A 347 -8.44 36.65 -19.49
CA ILE A 347 -7.20 36.04 -20.02
C ILE A 347 -7.02 36.44 -21.50
N ALA A 348 -5.81 36.90 -21.83
CA ALA A 348 -5.45 37.14 -23.24
C ALA A 348 -5.05 35.81 -23.86
N SER A 349 -5.88 35.29 -24.74
CA SER A 349 -5.63 34.00 -25.35
C SER A 349 -6.10 33.99 -26.77
N ARG A 350 -5.63 32.98 -27.50
CA ARG A 350 -5.95 32.85 -28.90
C ARG A 350 -6.08 31.37 -29.23
N GLU A 351 -6.62 31.07 -30.41
CA GLU A 351 -6.76 29.69 -30.84
C GLU A 351 -5.38 29.04 -30.90
N PRO A 352 -5.26 27.83 -30.35
CA PRO A 352 -3.97 27.16 -30.49
C PRO A 352 -3.62 26.90 -31.98
N GLU A 353 -2.36 27.11 -32.34
CA GLU A 353 -1.86 26.78 -33.67
C GLU A 353 -1.76 25.25 -33.93
N ILE A 354 -1.61 24.45 -32.87
CA ILE A 354 -1.74 23.01 -32.96
C ILE A 354 -2.72 22.51 -31.91
N PRO A 355 -3.23 21.31 -32.08
CA PRO A 355 -4.20 20.85 -31.13
C PRO A 355 -3.64 20.73 -29.71
N LEU A 356 -4.43 21.24 -28.78
CA LEU A 356 -4.16 21.18 -27.37
C LEU A 356 -5.23 20.31 -26.74
N LEU A 357 -4.85 19.12 -26.29
CA LEU A 357 -5.81 18.15 -25.71
C LEU A 357 -5.84 18.41 -24.22
N SER A 358 -6.95 18.99 -23.75
CA SER A 358 -7.02 19.42 -22.33
C SER A 358 -7.09 18.20 -21.44
N THR A 359 -6.44 18.25 -20.30
CA THR A 359 -6.69 17.21 -19.28
C THR A 359 -7.84 17.59 -18.32
N VAL A 360 -8.49 18.72 -18.57
CA VAL A 360 -9.75 19.02 -17.86
C VAL A 360 -10.88 18.17 -18.44
N THR A 361 -10.92 18.04 -19.77
CA THR A 361 -12.02 17.41 -20.45
C THR A 361 -11.63 16.13 -21.16
N GLY A 362 -10.33 15.92 -21.36
CA GLY A 362 -9.84 14.87 -22.20
C GLY A 362 -10.14 15.07 -23.67
N GLU A 363 -10.46 16.31 -24.05
CA GLU A 363 -10.87 16.64 -25.43
C GLU A 363 -10.16 17.90 -25.88
N PRO A 364 -10.19 18.21 -27.19
CA PRO A 364 -9.57 19.47 -27.61
C PRO A 364 -10.12 20.69 -26.85
N ALA A 365 -9.23 21.57 -26.44
CA ALA A 365 -9.61 22.64 -25.53
C ALA A 365 -10.39 23.76 -26.23
N THR A 366 -11.34 24.31 -25.50
CA THR A 366 -12.19 25.37 -25.98
C THR A 366 -11.62 26.75 -25.52
N ARG A 367 -12.36 27.49 -24.74
CA ARG A 367 -11.91 28.80 -24.33
C ARG A 367 -10.89 28.60 -23.18
N LEU A 368 -9.74 29.24 -23.26
CA LEU A 368 -8.80 29.20 -22.14
C LEU A 368 -8.94 30.39 -21.23
N ASP A 369 -10.14 30.57 -20.68
CA ASP A 369 -10.44 31.71 -19.84
C ASP A 369 -10.16 31.37 -18.38
N ALA A 370 -10.43 32.32 -17.49
CA ALA A 370 -10.16 32.16 -16.08
C ALA A 370 -10.84 30.91 -15.50
N GLU A 371 -12.10 30.68 -15.89
CA GLU A 371 -12.86 29.52 -15.42
C GLU A 371 -12.14 28.21 -15.83
N HIS A 372 -11.62 28.17 -17.05
CA HIS A 372 -10.81 27.02 -17.49
C HIS A 372 -9.65 26.76 -16.56
N TRP A 373 -8.91 27.82 -16.21
CA TRP A 373 -7.76 27.68 -15.31
C TRP A 373 -8.10 27.37 -13.87
N TYR A 374 -9.29 27.75 -13.42
CA TYR A 374 -9.82 27.20 -12.17
C TYR A 374 -10.10 25.68 -12.26
N ARG A 375 -10.75 25.27 -13.31
CA ARG A 375 -11.11 23.86 -13.46
C ARG A 375 -9.87 22.98 -13.62
N ASN A 376 -8.78 23.57 -14.15
CA ASN A 376 -7.48 22.87 -14.33
C ASN A 376 -6.85 22.62 -12.96
N LEU A 377 -7.31 23.36 -11.93
CA LEU A 377 -6.89 23.11 -10.52
C LEU A 377 -7.90 22.26 -9.74
N ARG A 378 -9.19 22.40 -10.07
CA ARG A 378 -10.27 21.80 -9.26
C ARG A 378 -10.58 20.38 -9.71
N GLU A 379 -10.74 20.19 -11.02
CA GLU A 379 -11.33 18.98 -11.56
CA GLU A 379 -11.33 18.98 -11.51
C GLU A 379 -10.28 17.88 -11.72
N PRO A 380 -10.70 16.62 -11.64
CA PRO A 380 -9.75 15.52 -11.83
C PRO A 380 -9.06 15.57 -13.18
N VAL A 381 -7.78 15.20 -13.17
CA VAL A 381 -6.94 15.26 -14.36
C VAL A 381 -7.23 14.03 -15.26
N ARG A 382 -7.71 14.28 -16.44
CA ARG A 382 -8.05 13.24 -17.36
C ARG A 382 -6.87 12.96 -18.35
N PHE A 383 -5.73 12.57 -17.81
CA PHE A 383 -4.53 12.42 -18.62
C PHE A 383 -4.65 11.20 -19.55
N ALA A 384 -5.07 10.07 -18.98
CA ALA A 384 -5.24 8.85 -19.79
C ALA A 384 -6.21 9.09 -20.94
N ASP A 385 -7.31 9.77 -20.68
CA ASP A 385 -8.27 10.09 -21.73
C ASP A 385 -7.65 10.93 -22.85
N ALA A 386 -6.91 11.96 -22.48
CA ALA A 386 -6.24 12.83 -23.48
C ALA A 386 -5.26 12.02 -24.35
N VAL A 387 -4.45 11.19 -23.73
CA VAL A 387 -3.45 10.40 -24.47
C VAL A 387 -4.12 9.38 -25.41
N THR A 388 -5.13 8.71 -24.89
CA THR A 388 -5.98 7.82 -25.66
C THR A 388 -6.64 8.51 -26.88
N ALA A 389 -7.15 9.73 -26.71
CA ALA A 389 -7.71 10.47 -27.85
C ALA A 389 -6.66 10.74 -28.94
N LEU A 390 -5.42 10.97 -28.51
CA LEU A 390 -4.31 11.19 -29.46
C LEU A 390 -3.88 9.89 -30.16
N LEU A 391 -3.86 8.78 -29.43
CA LEU A 391 -3.54 7.48 -30.02
C LEU A 391 -4.58 7.13 -31.09
N ASP A 392 -5.83 7.51 -30.82
CA ASP A 392 -6.92 7.16 -31.75
C ASP A 392 -6.92 8.10 -32.95
N ARG A 393 -6.08 9.13 -32.93
CA ARG A 393 -5.89 9.99 -34.09
C ARG A 393 -4.48 9.90 -34.68
N GLY A 394 -3.85 8.75 -34.54
CA GLY A 394 -2.62 8.44 -35.29
C GLY A 394 -1.32 9.00 -34.70
N HIS A 395 -1.36 9.43 -33.44
CA HIS A 395 -0.12 9.91 -32.74
C HIS A 395 0.63 8.72 -32.18
N ARG A 396 1.91 8.63 -32.51
CA ARG A 396 2.71 7.48 -32.20
C ARG A 396 4.05 7.84 -31.54
N VAL A 397 4.31 9.14 -31.39
CA VAL A 397 5.58 9.58 -30.83
C VAL A 397 5.25 10.53 -29.65
N PHE A 398 5.71 10.18 -28.47
CA PHE A 398 5.36 11.00 -27.26
C PHE A 398 6.63 11.38 -26.54
N VAL A 399 6.87 12.69 -26.43
CA VAL A 399 8.07 13.22 -25.83
C VAL A 399 7.65 13.91 -24.52
N GLU A 400 8.04 13.33 -23.37
CA GLU A 400 7.74 14.00 -22.11
C GLU A 400 8.81 15.08 -21.92
N VAL A 401 8.35 16.31 -21.80
CA VAL A 401 9.21 17.47 -21.68
C VAL A 401 9.40 17.81 -20.19
N SER A 402 10.33 17.12 -19.55
CA SER A 402 10.41 17.15 -18.10
C SER A 402 11.78 16.95 -17.60
N PRO A 403 12.01 17.30 -16.33
CA PRO A 403 13.29 17.03 -15.71
C PRO A 403 13.56 15.57 -15.44
N HIS A 404 12.49 14.78 -15.37
CA HIS A 404 12.59 13.36 -15.07
C HIS A 404 11.26 12.67 -15.45
N PRO A 405 11.35 11.47 -16.06
CA PRO A 405 10.12 10.93 -16.65
C PRO A 405 9.15 10.44 -15.58
N VAL A 406 7.96 10.99 -15.57
CA VAL A 406 6.96 10.59 -14.58
C VAL A 406 5.69 10.05 -15.20
N LEU A 407 5.45 10.35 -16.48
CA LEU A 407 4.25 9.87 -17.13
C LEU A 407 4.52 8.92 -18.32
N THR A 408 5.79 8.70 -18.63
CA THR A 408 6.15 7.87 -19.76
C THR A 408 5.61 6.44 -19.62
N THR A 409 5.70 5.83 -18.44
CA THR A 409 5.22 4.44 -18.27
C THR A 409 3.71 4.35 -18.50
N SER A 410 2.96 5.38 -18.11
CA SER A 410 1.54 5.43 -18.44
C SER A 410 1.27 5.55 -19.92
N VAL A 411 2.05 6.39 -20.62
CA VAL A 411 1.88 6.50 -22.04
C VAL A 411 2.22 5.17 -22.72
N VAL A 412 3.26 4.49 -22.24
CA VAL A 412 3.61 3.19 -22.79
C VAL A 412 2.45 2.21 -22.57
N ASP A 413 1.91 2.18 -21.34
CA ASP A 413 0.77 1.28 -20.99
C ASP A 413 -0.44 1.52 -21.92
N LEU A 414 -0.74 2.78 -22.17
CA LEU A 414 -1.91 3.17 -22.97
C LEU A 414 -1.74 2.89 -24.46
N ALA A 415 -0.49 2.96 -24.93
CA ALA A 415 -0.20 2.91 -26.36
C ALA A 415 -0.38 1.48 -26.88
N ALA A 416 -0.19 0.49 -26.00
CA ALA A 416 -0.22 -0.93 -26.43
C ALA A 416 -1.57 -1.18 -27.11
N PRO A 417 -1.55 -1.79 -28.31
CA PRO A 417 -0.43 -2.57 -28.83
C PRO A 417 0.37 -1.85 -29.95
N HIS A 418 0.14 -0.56 -30.12
CA HIS A 418 0.65 0.15 -31.27
C HIS A 418 2.17 0.33 -31.18
N ARG A 419 2.82 0.36 -32.32
CA ARG A 419 4.22 0.69 -32.38
C ARG A 419 4.44 2.20 -32.11
N THR A 420 5.13 2.51 -31.02
CA THR A 420 5.29 3.92 -30.61
C THR A 420 6.70 4.16 -30.07
N ALA A 421 7.12 5.43 -30.12
CA ALA A 421 8.36 5.85 -29.50
C ALA A 421 7.98 6.79 -28.34
N VAL A 422 8.41 6.48 -27.13
CA VAL A 422 8.06 7.29 -25.97
C VAL A 422 9.35 7.58 -25.21
N VAL A 423 9.68 8.85 -25.08
CA VAL A 423 10.94 9.27 -24.49
C VAL A 423 10.64 10.41 -23.51
N GLY A 424 11.56 10.57 -22.56
CA GLY A 424 11.62 11.75 -21.71
C GLY A 424 12.67 12.71 -22.25
N THR A 425 13.12 13.63 -21.39
CA THR A 425 14.09 14.63 -21.79
C THR A 425 15.31 14.56 -20.91
N LEU A 426 15.17 14.99 -19.65
CA LEU A 426 16.23 14.84 -18.66
C LEU A 426 15.91 13.75 -17.65
N ARG A 427 16.90 13.45 -16.80
CA ARG A 427 16.68 12.57 -15.66
C ARG A 427 17.27 13.21 -14.40
N ARG A 428 16.78 12.79 -13.26
CA ARG A 428 17.32 13.20 -11.97
C ARG A 428 18.85 13.09 -11.98
N ASP A 429 19.52 14.19 -11.67
CA ASP A 429 20.98 14.21 -11.56
C ASP A 429 21.67 14.03 -12.93
N GLU A 430 20.88 14.11 -14.00
CA GLU A 430 21.43 14.09 -15.36
C GLU A 430 20.83 15.20 -16.16
N GLY A 431 21.41 16.40 -16.03
CA GLY A 431 20.82 17.61 -16.56
C GLY A 431 21.65 18.21 -17.68
N GLY A 432 22.58 17.42 -18.19
CA GLY A 432 23.52 17.92 -19.19
C GLY A 432 22.97 17.84 -20.62
N LEU A 433 23.61 18.58 -21.52
CA LEU A 433 23.32 18.46 -22.93
C LEU A 433 23.46 17.01 -23.37
N ASP A 434 24.38 16.27 -22.76
CA ASP A 434 24.60 14.86 -23.11
C ASP A 434 23.34 14.04 -22.88
N ARG A 435 22.62 14.29 -21.78
CA ARG A 435 21.39 13.60 -21.49
C ARG A 435 20.29 14.04 -22.45
N PHE A 436 20.23 15.33 -22.78
CA PHE A 436 19.24 15.78 -23.77
C PHE A 436 19.46 15.08 -25.15
N LEU A 437 20.71 15.05 -25.57
CA LEU A 437 21.04 14.39 -26.86
C LEU A 437 20.74 12.91 -26.86
N LEU A 438 20.91 12.23 -25.72
CA LEU A 438 20.56 10.84 -25.62
C LEU A 438 19.07 10.66 -25.80
N SER A 439 18.27 11.57 -25.28
CA SER A 439 16.85 11.50 -25.49
C SER A 439 16.48 11.72 -26.96
N ALA A 440 17.17 12.67 -27.61
CA ALA A 440 16.97 12.91 -29.03
C ALA A 440 17.40 11.68 -29.84
N ALA A 441 18.44 11.00 -29.38
CA ALA A 441 18.91 9.78 -30.05
C ALA A 441 17.88 8.67 -29.92
N GLU A 442 17.19 8.61 -28.78
CA GLU A 442 16.20 7.57 -28.55
C GLU A 442 15.06 7.70 -29.58
N LEU A 443 14.79 8.91 -30.06
CA LEU A 443 13.85 9.10 -31.16
C LEU A 443 14.48 8.69 -32.51
N HIS A 444 15.67 9.18 -32.78
CA HIS A 444 16.36 8.85 -34.01
C HIS A 444 16.42 7.36 -34.28
N VAL A 445 16.73 6.56 -33.26
CA VAL A 445 16.93 5.13 -33.45
C VAL A 445 15.61 4.38 -33.72
N ARG A 446 14.49 5.06 -33.50
CA ARG A 446 13.18 4.49 -33.77
C ARG A 446 12.65 5.04 -35.08
N GLY A 447 13.50 5.74 -35.80
CA GLY A 447 13.14 6.29 -37.11
C GLY A 447 12.36 7.58 -37.12
N VAL A 448 12.29 8.25 -35.99
CA VAL A 448 11.62 9.55 -35.91
C VAL A 448 12.62 10.62 -36.41
N PRO A 449 12.16 11.56 -37.24
CA PRO A 449 13.02 12.65 -37.73
C PRO A 449 13.47 13.57 -36.59
N VAL A 450 14.76 13.68 -36.41
CA VAL A 450 15.33 14.64 -35.50
C VAL A 450 16.64 15.08 -36.12
N ASP A 451 16.97 16.32 -35.89
CA ASP A 451 18.19 16.90 -36.44
C ASP A 451 19.33 16.75 -35.46
N LEU A 452 19.82 15.52 -35.28
CA LEU A 452 21.00 15.27 -34.43
C LEU A 452 22.23 16.07 -34.97
N ALA A 453 22.28 16.32 -36.28
CA ALA A 453 23.45 16.96 -36.88
C ALA A 453 23.62 18.39 -36.38
N ARG A 454 22.58 18.97 -35.85
CA ARG A 454 22.72 20.29 -35.21
C ARG A 454 23.76 20.30 -34.13
N HIS A 455 23.92 19.17 -33.43
CA HIS A 455 24.92 19.05 -32.39
C HIS A 455 26.05 18.11 -32.72
N ALA A 456 26.26 17.82 -34.01
CA ALA A 456 27.25 16.82 -34.35
C ALA A 456 28.62 17.43 -34.64
N GLY A 457 28.69 18.75 -34.69
CA GLY A 457 29.97 19.45 -34.92
C GLY A 457 30.27 19.69 -36.38
N ALA A 458 31.55 19.77 -36.71
CA ALA A 458 32.00 20.22 -38.02
C ALA A 458 33.03 19.24 -38.63
N GLY A 459 32.94 17.99 -38.20
CA GLY A 459 33.87 16.99 -38.64
C GLY A 459 33.78 16.72 -40.14
N THR A 460 34.94 16.44 -40.74
CA THR A 460 35.02 15.96 -42.11
C THR A 460 35.72 14.58 -42.23
N ALA A 461 36.11 13.97 -41.10
CA ALA A 461 36.78 12.65 -41.14
C ALA A 461 35.82 11.52 -41.54
N GLU A 462 36.26 10.67 -42.48
CA GLU A 462 35.37 9.66 -43.10
C GLU A 462 35.74 8.22 -42.66
N VAL A 463 34.80 7.29 -42.90
CA VAL A 463 34.98 5.80 -42.82
C VAL A 463 35.43 5.38 -41.44
N VAL B 45 -22.18 -22.44 44.26
CA VAL B 45 -21.61 -21.29 43.47
C VAL B 45 -22.56 -20.87 42.35
N PRO B 46 -23.13 -19.66 42.44
CA PRO B 46 -24.05 -19.25 41.36
C PRO B 46 -23.37 -19.17 39.97
N VAL B 47 -24.17 -19.25 38.92
CA VAL B 47 -23.66 -19.33 37.59
C VAL B 47 -23.95 -17.99 36.90
N PRO B 48 -22.97 -17.47 36.16
CA PRO B 48 -23.25 -16.21 35.45
C PRO B 48 -24.29 -16.33 34.33
N VAL B 49 -25.13 -15.30 34.20
CA VAL B 49 -26.08 -15.20 33.11
C VAL B 49 -25.99 -13.82 32.47
N PRO B 50 -26.27 -13.75 31.18
CA PRO B 50 -26.28 -12.46 30.46
C PRO B 50 -27.62 -11.76 30.60
N VAL B 51 -27.62 -10.60 31.27
CA VAL B 51 -28.81 -9.82 31.48
C VAL B 51 -28.88 -8.66 30.49
N ALA B 52 -29.82 -8.73 29.53
CA ALA B 52 -29.85 -7.85 28.37
C ALA B 52 -30.82 -6.69 28.58
N VAL B 53 -30.38 -5.49 28.20
CA VAL B 53 -31.20 -4.26 28.23
C VAL B 53 -30.99 -3.59 26.90
N SER B 54 -31.99 -2.90 26.37
CA SER B 54 -31.76 -2.14 25.15
C SER B 54 -32.74 -0.96 25.05
N GLY B 55 -32.37 0.03 24.26
CA GLY B 55 -33.32 1.08 23.85
C GLY B 55 -33.07 1.57 22.44
N ALA B 56 -33.95 2.46 21.96
CA ALA B 56 -33.80 3.01 20.63
C ALA B 56 -32.65 4.01 20.56
N THR B 57 -32.25 4.52 21.71
CA THR B 57 -31.18 5.50 21.80
C THR B 57 -30.35 5.13 23.04
N THR B 58 -29.22 5.78 23.19
CA THR B 58 -28.38 5.63 24.35
C THR B 58 -29.00 6.19 25.63
N ALA B 59 -29.70 7.31 25.53
CA ALA B 59 -30.42 7.76 26.70
C ALA B 59 -31.56 6.79 27.09
N GLY B 60 -32.20 6.17 26.10
CA GLY B 60 -33.26 5.21 26.39
C GLY B 60 -32.69 3.95 27.05
N LEU B 61 -31.57 3.50 26.53
CA LEU B 61 -30.86 2.36 27.10
C LEU B 61 -30.50 2.61 28.54
N ARG B 62 -29.93 3.78 28.83
CA ARG B 62 -29.62 4.15 30.24
C ARG B 62 -30.85 4.25 31.15
N ALA B 63 -31.97 4.74 30.62
CA ALA B 63 -33.18 4.84 31.42
C ALA B 63 -33.78 3.45 31.66
N GLN B 64 -33.63 2.55 30.69
CA GLN B 64 -34.09 1.19 30.87
C GLN B 64 -33.23 0.47 31.94
N ALA B 65 -31.92 0.72 31.96
CA ALA B 65 -31.06 0.14 33.01
C ALA B 65 -31.50 0.59 34.39
N ALA B 66 -31.78 1.88 34.53
CA ALA B 66 -32.20 2.45 35.80
C ALA B 66 -33.52 1.85 36.26
N ARG B 67 -34.42 1.66 35.32
CA ARG B 67 -35.75 1.12 35.58
C ARG B 67 -35.67 -0.35 36.01
N LEU B 68 -34.79 -1.13 35.39
CA LEU B 68 -34.56 -2.51 35.82
C LEU B 68 -33.91 -2.58 37.22
N ALA B 69 -32.94 -1.72 37.47
CA ALA B 69 -32.34 -1.67 38.79
C ALA B 69 -33.39 -1.34 39.86
N GLY B 70 -34.23 -0.34 39.61
CA GLY B 70 -35.31 0.02 40.56
C GLY B 70 -36.26 -1.15 40.83
N HIS B 71 -36.63 -1.86 39.77
CA HIS B 71 -37.47 -3.06 39.81
C HIS B 71 -36.86 -4.12 40.70
N LEU B 72 -35.58 -4.39 40.47
CA LEU B 72 -34.88 -5.32 41.30
C LEU B 72 -34.79 -4.90 42.75
N ARG B 73 -34.55 -3.61 43.00
CA ARG B 73 -34.40 -3.12 44.36
C ARG B 73 -35.72 -3.21 45.14
N GLU B 74 -36.83 -3.14 44.42
CA GLU B 74 -38.16 -3.33 45.02
C GLU B 74 -38.46 -4.80 45.29
N ARG B 75 -37.66 -5.72 44.76
CA ARG B 75 -37.92 -7.15 44.89
C ARG B 75 -36.68 -7.89 45.32
N PRO B 76 -36.41 -7.89 46.64
CA PRO B 76 -35.09 -8.23 47.10
C PRO B 76 -34.67 -9.69 46.82
N ALA B 77 -35.63 -10.59 46.60
CA ALA B 77 -35.31 -12.01 46.37
C ALA B 77 -34.96 -12.32 44.89
N LEU B 78 -35.18 -11.36 44.00
CA LEU B 78 -35.01 -11.56 42.55
C LEU B 78 -33.55 -11.57 42.16
N GLY B 79 -33.09 -12.69 41.59
CA GLY B 79 -31.72 -12.79 41.12
C GLY B 79 -31.63 -12.67 39.60
N PRO B 80 -30.39 -12.43 39.06
CA PRO B 80 -30.24 -12.37 37.60
C PRO B 80 -30.83 -13.61 36.92
N GLU B 81 -30.64 -14.79 37.51
CA GLU B 81 -31.04 -16.04 36.86
C GLU B 81 -32.58 -16.16 36.76
N ALA B 82 -33.29 -15.35 37.52
CA ALA B 82 -34.77 -15.36 37.48
C ALA B 82 -35.27 -14.49 36.34
N VAL B 83 -34.50 -13.46 35.96
CA VAL B 83 -34.98 -12.49 34.93
C VAL B 83 -34.28 -12.55 33.57
N ALA B 84 -33.11 -13.19 33.50
CA ALA B 84 -32.36 -13.10 32.27
C ALA B 84 -33.12 -13.66 31.06
N ARG B 85 -33.66 -14.88 31.18
CA ARG B 85 -34.28 -15.50 30.00
C ARG B 85 -35.45 -14.67 29.40
N PRO B 86 -36.38 -14.21 30.24
CA PRO B 86 -37.44 -13.39 29.63
C PRO B 86 -36.96 -12.05 29.06
N LEU B 87 -35.95 -11.44 29.66
CA LEU B 87 -35.40 -10.21 29.10
C LEU B 87 -34.82 -10.41 27.72
N LEU B 88 -34.29 -11.59 27.44
CA LEU B 88 -33.81 -11.87 26.09
C LEU B 88 -34.91 -12.27 25.13
N LEU B 89 -35.81 -13.15 25.58
CA LEU B 89 -36.70 -13.82 24.66
C LEU B 89 -38.04 -13.06 24.52
N SER B 90 -38.41 -12.24 25.51
CA SER B 90 -39.70 -11.52 25.51
C SER B 90 -39.62 -10.07 25.09
N ARG B 91 -38.40 -9.55 24.94
CA ARG B 91 -38.20 -8.12 24.64
C ARG B 91 -37.47 -7.94 23.34
N ALA B 92 -37.91 -6.99 22.54
CA ALA B 92 -37.18 -6.63 21.34
C ALA B 92 -35.78 -6.15 21.70
N GLN B 93 -34.80 -6.60 20.94
CA GLN B 93 -33.43 -6.13 21.06
C GLN B 93 -33.15 -4.93 20.13
N ARG B 94 -33.17 -3.73 20.70
CA ARG B 94 -33.28 -2.51 19.92
C ARG B 94 -31.88 -1.99 19.54
N GLU B 95 -31.80 -0.77 19.06
CA GLU B 95 -30.62 -0.29 18.37
C GLU B 95 -29.41 -0.08 19.29
N ARG B 96 -29.68 0.26 20.53
CA ARG B 96 -28.63 0.51 21.50
C ARG B 96 -28.77 -0.52 22.62
N ARG B 97 -27.72 -1.33 22.80
CA ARG B 97 -27.83 -2.57 23.57
C ARG B 97 -26.75 -2.65 24.62
N ALA B 98 -27.11 -3.27 25.74
CA ALA B 98 -26.16 -3.63 26.80
C ALA B 98 -26.46 -5.01 27.34
N VAL B 99 -25.41 -5.65 27.87
CA VAL B 99 -25.56 -6.85 28.64
C VAL B 99 -24.69 -6.70 29.89
N VAL B 100 -25.24 -7.05 31.04
CA VAL B 100 -24.44 -7.25 32.25
C VAL B 100 -24.38 -8.73 32.49
N VAL B 101 -23.17 -9.27 32.51
CA VAL B 101 -22.97 -10.69 32.87
C VAL B 101 -22.76 -10.78 34.39
N ALA B 102 -23.71 -11.44 35.07
CA ALA B 102 -23.75 -11.46 36.50
C ALA B 102 -24.28 -12.78 37.00
N ALA B 103 -23.72 -13.24 38.12
CA ALA B 103 -24.22 -14.47 38.78
C ALA B 103 -25.12 -14.17 39.96
N ASP B 104 -24.96 -12.98 40.54
CA ASP B 104 -25.75 -12.57 41.68
C ASP B 104 -26.30 -11.18 41.55
N ARG B 105 -27.22 -10.89 42.45
CA ARG B 105 -27.97 -9.66 42.47
C ARG B 105 -27.06 -8.43 42.57
N ASP B 106 -26.15 -8.47 43.54
CA ASP B 106 -25.33 -7.28 43.84
C ASP B 106 -24.48 -6.94 42.63
N SER B 107 -23.91 -7.96 42.00
CA SER B 107 -23.10 -7.74 40.82
C SER B 107 -23.93 -7.27 39.60
N LEU B 108 -25.16 -7.75 39.45
CA LEU B 108 -26.05 -7.19 38.42
C LEU B 108 -26.34 -5.69 38.68
N LEU B 109 -26.73 -5.37 39.91
CA LEU B 109 -27.10 -3.99 40.26
C LEU B 109 -25.89 -3.01 40.13
N THR B 110 -24.68 -3.50 40.39
CA THR B 110 -23.47 -2.70 40.13
C THR B 110 -23.32 -2.37 38.64
N GLY B 111 -23.55 -3.38 37.78
CA GLY B 111 -23.46 -3.19 36.37
C GLY B 111 -24.54 -2.25 35.86
N LEU B 112 -25.77 -2.44 36.34
CA LEU B 112 -26.91 -1.60 35.90
C LEU B 112 -26.72 -0.13 36.30
N ASP B 113 -26.28 0.10 37.53
CA ASP B 113 -26.07 1.46 38.01
C ASP B 113 -24.98 2.13 37.13
N ALA B 114 -23.91 1.39 36.79
CA ALA B 114 -22.88 1.92 35.93
C ALA B 114 -23.44 2.29 34.57
N LEU B 115 -24.21 1.37 34.02
CA LEU B 115 -24.82 1.58 32.71
C LEU B 115 -25.78 2.82 32.74
N ALA B 116 -26.62 2.85 33.74
CA ALA B 116 -27.59 3.95 33.92
C ALA B 116 -26.87 5.30 33.95
N GLY B 117 -25.70 5.32 34.58
CA GLY B 117 -24.92 6.55 34.76
C GLY B 117 -23.92 6.80 33.65
N GLY B 118 -23.91 5.94 32.63
CA GLY B 118 -23.04 6.11 31.48
C GLY B 118 -21.57 5.80 31.74
N GLU B 119 -21.29 4.90 32.69
CA GLU B 119 -19.91 4.51 32.99
C GLU B 119 -19.65 3.11 32.44
N ALA B 120 -18.38 2.80 32.24
CA ALA B 120 -17.99 1.42 31.91
C ALA B 120 -18.01 0.55 33.16
N GLY B 121 -18.07 -0.75 32.94
CA GLY B 121 -17.94 -1.70 34.04
C GLY B 121 -17.28 -2.97 33.56
N PRO B 122 -16.67 -3.73 34.48
CA PRO B 122 -15.90 -4.90 34.06
C PRO B 122 -16.72 -6.07 33.49
N ARG B 123 -18.02 -6.10 33.76
CA ARG B 123 -18.87 -7.13 33.26
C ARG B 123 -20.08 -6.53 32.54
N LEU B 124 -19.84 -5.37 31.95
CA LEU B 124 -20.83 -4.65 31.16
C LEU B 124 -20.32 -4.50 29.74
N ALA B 125 -21.13 -4.91 28.77
CA ALA B 125 -20.87 -4.63 27.38
C ALA B 125 -22.01 -3.77 26.84
N SER B 126 -21.69 -2.80 25.99
CA SER B 126 -22.74 -1.96 25.38
C SER B 126 -22.28 -1.51 24.03
N GLY B 127 -23.25 -1.22 23.16
CA GLY B 127 -22.91 -0.88 21.82
C GLY B 127 -24.09 -0.49 20.96
N ALA B 128 -23.75 -0.16 19.73
CA ALA B 128 -24.73 0.08 18.64
C ALA B 128 -24.90 -1.17 17.83
N ALA B 129 -26.15 -1.58 17.66
CA ALA B 129 -26.45 -2.82 16.99
C ALA B 129 -26.54 -2.55 15.53
N ASP B 130 -25.40 -2.35 14.92
CA ASP B 130 -25.37 -1.91 13.55
C ASP B 130 -24.40 -2.69 12.68
N VAL B 131 -23.90 -3.83 13.15
CA VAL B 131 -22.93 -4.58 12.35
C VAL B 131 -23.60 -5.65 11.55
N THR B 132 -23.32 -5.67 10.24
CA THR B 132 -23.72 -6.77 9.36
C THR B 132 -22.51 -7.33 8.61
N GLY B 133 -22.65 -8.55 8.11
CA GLY B 133 -21.63 -9.15 7.27
C GLY B 133 -21.07 -10.43 7.88
N ARG B 134 -20.14 -11.06 7.18
CA ARG B 134 -19.82 -12.44 7.45
C ARG B 134 -18.80 -12.53 8.63
N VAL B 135 -18.64 -13.74 9.18
CA VAL B 135 -17.99 -13.96 10.46
C VAL B 135 -16.68 -14.75 10.20
N VAL B 136 -15.62 -14.25 10.82
CA VAL B 136 -14.30 -14.87 10.76
C VAL B 136 -13.89 -15.30 12.18
N LEU B 137 -13.41 -16.53 12.30
CA LEU B 137 -12.68 -16.93 13.50
C LEU B 137 -11.18 -16.88 13.23
N VAL B 138 -10.47 -16.22 14.14
CA VAL B 138 -9.05 -15.99 14.03
C VAL B 138 -8.39 -16.83 15.13
N PHE B 139 -7.43 -17.65 14.75
CA PHE B 139 -6.65 -18.44 15.71
C PHE B 139 -5.24 -17.87 15.73
N PRO B 140 -4.80 -17.33 16.88
CA PRO B 140 -3.56 -16.61 16.89
C PRO B 140 -2.37 -17.55 17.02
N GLY B 141 -1.19 -16.98 16.84
CA GLY B 141 0.04 -17.75 17.01
C GLY B 141 0.39 -17.84 18.47
N GLN B 142 1.63 -18.20 18.72
CA GLN B 142 2.15 -18.32 20.07
CA GLN B 142 2.12 -18.33 20.09
C GLN B 142 2.22 -16.93 20.71
N GLY B 143 2.01 -16.87 22.02
CA GLY B 143 2.18 -15.63 22.78
C GLY B 143 0.97 -15.19 23.60
N ALA B 144 -0.13 -15.92 23.44
CA ALA B 144 -1.38 -15.51 24.10
C ALA B 144 -1.68 -16.36 25.36
N HIS B 145 -1.01 -17.48 25.50
CA HIS B 145 -1.38 -18.44 26.56
C HIS B 145 -1.01 -17.89 27.96
N TRP B 146 -1.81 -18.24 28.96
CA TRP B 146 -1.45 -17.92 30.34
C TRP B 146 -1.70 -19.13 31.22
N THR B 147 -0.76 -19.38 32.14
CA THR B 147 -0.83 -20.57 32.94
C THR B 147 -2.10 -20.67 33.80
N GLY B 148 -2.77 -21.80 33.68
CA GLY B 148 -4.01 -22.01 34.40
C GLY B 148 -5.24 -21.90 33.49
N VAL B 149 -5.08 -21.25 32.33
CA VAL B 149 -6.23 -21.08 31.40
C VAL B 149 -6.78 -22.45 31.00
N ALA B 150 -8.11 -22.47 30.85
CA ALA B 150 -8.92 -23.64 30.46
C ALA B 150 -9.35 -24.52 31.63
N GLU B 151 -8.69 -24.42 32.77
CA GLU B 151 -9.09 -25.30 33.90
C GLU B 151 -10.45 -24.84 34.45
N ARG B 152 -10.60 -23.55 34.68
CA ARG B 152 -11.83 -23.07 35.22
C ARG B 152 -12.97 -23.27 34.24
N LEU B 153 -12.70 -23.01 32.97
CA LEU B 153 -13.73 -23.21 31.93
C LEU B 153 -14.12 -24.69 31.71
N TRP B 154 -13.17 -25.58 31.98
CA TRP B 154 -13.46 -27.02 31.95
C TRP B 154 -14.49 -27.34 33.03
N ARG B 155 -14.35 -26.73 34.22
CA ARG B 155 -15.28 -26.93 35.32
C ARG B 155 -16.65 -26.35 35.02
N GLU B 156 -16.70 -25.28 34.23
CA GLU B 156 -17.92 -24.46 34.14
C GLU B 156 -18.76 -24.64 32.86
N ALA B 157 -18.19 -25.24 31.82
CA ALA B 157 -18.86 -25.26 30.53
C ALA B 157 -18.70 -26.62 29.91
N PRO B 158 -19.79 -27.41 29.96
CA PRO B 158 -19.72 -28.80 29.50
C PRO B 158 -19.32 -29.01 28.05
N VAL B 159 -19.69 -28.09 27.16
CA VAL B 159 -19.28 -28.21 25.79
C VAL B 159 -17.75 -28.07 25.64
N PHE B 160 -17.20 -27.07 26.33
CA PHE B 160 -15.76 -26.91 26.42
C PHE B 160 -15.04 -28.09 27.08
N ALA B 161 -15.57 -28.55 28.20
CA ALA B 161 -15.07 -29.75 28.90
C ALA B 161 -15.03 -30.94 28.00
N ASP B 162 -16.10 -31.15 27.22
CA ASP B 162 -16.13 -32.26 26.32
C ASP B 162 -15.03 -32.17 25.27
N SER B 163 -14.90 -31.01 24.65
CA SER B 163 -13.94 -30.86 23.60
C SER B 163 -12.54 -31.08 24.17
N MET B 164 -12.27 -30.51 25.33
CA MET B 164 -10.99 -30.67 25.99
C MET B 164 -10.67 -32.15 26.30
N ALA B 165 -11.67 -32.91 26.73
CA ALA B 165 -11.48 -34.38 26.94
C ALA B 165 -11.21 -35.16 25.66
N ARG B 166 -11.87 -34.76 24.56
CA ARG B 166 -11.66 -35.36 23.26
C ARG B 166 -10.22 -35.06 22.82
N CYS B 167 -9.73 -33.84 23.13
CA CYS B 167 -8.34 -33.48 22.80
C CYS B 167 -7.36 -34.30 23.64
N ALA B 168 -7.71 -34.43 24.92
CA ALA B 168 -6.88 -35.16 25.88
C ALA B 168 -6.69 -36.60 25.43
N ASP B 169 -7.72 -37.18 24.84
CA ASP B 169 -7.66 -38.57 24.35
C ASP B 169 -6.60 -38.72 23.25
N VAL B 170 -6.67 -37.81 22.28
CA VAL B 170 -5.82 -37.83 21.14
C VAL B 170 -4.37 -37.49 21.55
N LEU B 171 -4.20 -36.54 22.46
CA LEU B 171 -2.85 -36.14 22.93
C LEU B 171 -2.21 -37.18 23.87
N ARG B 172 -3.02 -37.82 24.67
CA ARG B 172 -2.56 -38.94 25.46
C ARG B 172 -1.86 -39.97 24.55
N ASP B 173 -2.53 -40.38 23.48
CA ASP B 173 -1.97 -41.38 22.56
C ASP B 173 -0.62 -40.89 22.00
N LEU B 174 -0.55 -39.62 21.62
CA LEU B 174 0.57 -39.08 20.85
C LEU B 174 1.77 -38.66 21.70
N ALA B 175 1.48 -37.95 22.77
CA ALA B 175 2.49 -37.20 23.51
C ALA B 175 2.77 -37.87 24.84
N GLY B 176 1.82 -38.70 25.30
CA GLY B 176 1.91 -39.39 26.58
C GLY B 176 2.13 -38.43 27.71
N TRP B 177 1.29 -37.43 27.77
CA TRP B 177 1.03 -36.74 29.01
C TRP B 177 -0.44 -36.43 29.06
N GLU B 178 -0.90 -35.94 30.21
CA GLU B 178 -2.30 -35.76 30.45
C GLU B 178 -2.68 -34.26 30.39
N LEU B 179 -3.48 -33.92 29.39
CA LEU B 179 -3.77 -32.49 29.10
C LEU B 179 -4.20 -31.69 30.33
N ARG B 180 -5.11 -32.23 31.13
CA ARG B 180 -5.66 -31.46 32.22
C ARG B 180 -4.62 -31.21 33.32
N GLU B 181 -3.66 -32.12 33.44
CA GLU B 181 -2.57 -31.92 34.40
C GLU B 181 -1.64 -30.76 34.02
N VAL B 182 -1.26 -30.70 32.75
CA VAL B 182 -0.27 -29.70 32.33
C VAL B 182 -0.84 -28.27 32.27
N LEU B 183 -2.16 -28.16 32.21
CA LEU B 183 -2.83 -26.84 32.11
C LEU B 183 -2.35 -25.91 33.15
N VAL B 184 -2.19 -26.42 34.38
CA VAL B 184 -1.78 -25.61 35.51
C VAL B 184 -0.31 -25.70 35.88
N ASP B 185 0.51 -26.28 35.03
CA ASP B 185 1.91 -26.52 35.37
C ASP B 185 2.80 -25.53 34.64
N PRO B 186 3.28 -24.50 35.35
CA PRO B 186 4.02 -23.43 34.70
C PRO B 186 5.33 -23.88 34.09
N VAL B 187 5.91 -24.97 34.63
CA VAL B 187 7.18 -25.42 34.14
C VAL B 187 7.00 -26.18 32.84
N ALA B 188 6.04 -27.10 32.83
CA ALA B 188 5.67 -27.82 31.62
C ALA B 188 5.30 -26.89 30.46
N LEU B 189 4.54 -25.83 30.76
CA LEU B 189 4.06 -24.88 29.74
C LEU B 189 5.14 -23.97 29.13
N GLU B 190 6.35 -23.96 29.71
CA GLU B 190 7.45 -23.24 29.08
C GLU B 190 8.11 -24.09 28.02
N ARG B 191 7.73 -25.35 27.95
CA ARG B 191 8.29 -26.24 26.97
C ARG B 191 7.40 -26.21 25.73
N VAL B 192 8.00 -25.92 24.58
CA VAL B 192 7.28 -25.75 23.33
C VAL B 192 6.48 -27.01 22.92
N ASP B 193 7.07 -28.18 23.16
CA ASP B 193 6.41 -29.46 22.88
C ASP B 193 5.16 -29.75 23.75
N VAL B 194 5.00 -29.01 24.87
CA VAL B 194 3.82 -29.13 25.73
C VAL B 194 2.84 -27.96 25.43
N LEU B 195 3.40 -26.76 25.36
CA LEU B 195 2.58 -25.52 25.11
C LEU B 195 1.83 -25.56 23.80
N GLN B 196 2.49 -25.95 22.71
CA GLN B 196 1.81 -25.84 21.44
C GLN B 196 0.62 -26.80 21.37
N PRO B 197 0.80 -28.03 21.83
CA PRO B 197 -0.38 -28.90 21.79
C PRO B 197 -1.48 -28.48 22.74
N VAL B 198 -1.10 -27.99 23.90
CA VAL B 198 -2.07 -27.52 24.87
C VAL B 198 -2.83 -26.31 24.28
N SER B 199 -2.08 -25.42 23.62
CA SER B 199 -2.67 -24.25 23.02
C SER B 199 -3.69 -24.64 21.95
N PHE B 200 -3.29 -25.58 21.08
CA PHE B 200 -4.14 -26.14 20.05
C PHE B 200 -5.42 -26.68 20.69
N ALA B 201 -5.28 -27.46 21.76
CA ALA B 201 -6.46 -28.05 22.39
C ALA B 201 -7.41 -26.96 22.91
N VAL B 202 -6.84 -25.94 23.57
CA VAL B 202 -7.64 -24.87 24.16
C VAL B 202 -8.40 -24.11 23.07
N VAL B 203 -7.72 -23.71 21.97
CA VAL B 203 -8.41 -22.91 20.95
C VAL B 203 -9.44 -23.69 20.13
N VAL B 204 -9.16 -24.96 19.82
CA VAL B 204 -10.15 -25.82 19.20
C VAL B 204 -11.38 -25.96 20.10
N SER B 205 -11.17 -26.04 21.39
CA SER B 205 -12.26 -26.21 22.35
C SER B 205 -13.04 -24.94 22.58
N LEU B 206 -12.36 -23.80 22.54
CA LEU B 206 -13.05 -22.52 22.59
C LEU B 206 -13.89 -22.34 21.34
N ALA B 207 -13.42 -22.83 20.22
CA ALA B 207 -14.21 -22.75 19.00
C ALA B 207 -15.49 -23.57 19.11
N ALA B 208 -15.40 -24.73 19.72
CA ALA B 208 -16.56 -25.56 19.94
C ALA B 208 -17.54 -24.84 20.87
N LEU B 209 -17.03 -24.12 21.85
CA LEU B 209 -17.88 -23.38 22.74
C LEU B 209 -18.61 -22.25 22.04
N TRP B 210 -17.88 -21.49 21.22
CA TRP B 210 -18.51 -20.50 20.33
C TRP B 210 -19.62 -21.13 19.46
N ALA B 211 -19.35 -22.29 18.85
CA ALA B 211 -20.33 -22.90 17.96
C ALA B 211 -21.58 -23.23 18.73
N SER B 212 -21.41 -23.63 19.99
CA SER B 212 -22.56 -24.00 20.85
C SER B 212 -23.45 -22.82 21.23
N VAL B 213 -22.94 -21.58 21.13
CA VAL B 213 -23.83 -20.41 21.22
C VAL B 213 -24.09 -19.78 19.84
N GLY B 214 -24.01 -20.59 18.81
CA GLY B 214 -24.44 -20.20 17.51
C GLY B 214 -23.51 -19.21 16.81
N VAL B 215 -22.24 -19.17 17.22
CA VAL B 215 -21.24 -18.38 16.52
C VAL B 215 -20.32 -19.32 15.73
N ARG B 216 -20.60 -19.43 14.44
CA ARG B 216 -19.86 -20.33 13.57
C ARG B 216 -19.18 -19.50 12.53
N PRO B 217 -17.99 -19.92 12.13
CA PRO B 217 -17.27 -19.15 11.12
C PRO B 217 -17.81 -19.31 9.69
N ASP B 218 -17.89 -18.18 8.98
CA ASP B 218 -18.00 -18.20 7.52
C ASP B 218 -16.63 -18.37 6.86
N ALA B 219 -15.59 -17.98 7.58
CA ALA B 219 -14.18 -18.19 7.14
C ALA B 219 -13.28 -18.30 8.37
N VAL B 220 -12.13 -18.99 8.24
CA VAL B 220 -11.17 -19.04 9.33
C VAL B 220 -9.77 -18.62 8.86
N VAL B 221 -9.05 -17.96 9.75
CA VAL B 221 -7.66 -17.68 9.50
C VAL B 221 -6.86 -18.06 10.74
N GLY B 222 -5.72 -18.72 10.52
CA GLY B 222 -4.80 -19.03 11.61
C GLY B 222 -3.41 -18.46 11.40
N HIS B 223 -2.95 -17.73 12.39
CA HIS B 223 -1.63 -17.08 12.38
C HIS B 223 -0.58 -18.14 12.84
N SER B 224 0.44 -18.35 12.02
CA SER B 224 1.46 -19.35 12.27
C SER B 224 0.91 -20.62 12.92
N GLN B 225 1.31 -20.87 14.16
CA GLN B 225 0.88 -22.06 14.85
C GLN B 225 -0.64 -22.30 14.75
N GLY B 226 -1.41 -21.22 14.85
CA GLY B 226 -2.89 -21.29 14.80
C GLY B 226 -3.46 -21.82 13.50
N GLU B 227 -2.66 -21.87 12.44
CA GLU B 227 -3.17 -22.37 11.16
C GLU B 227 -3.58 -23.86 11.23
N VAL B 228 -2.95 -24.65 12.10
CA VAL B 228 -3.39 -26.04 12.28
C VAL B 228 -4.82 -26.13 12.88
N ALA B 229 -5.03 -25.41 13.95
CA ALA B 229 -6.34 -25.34 14.57
C ALA B 229 -7.42 -24.82 13.57
N ALA B 230 -7.06 -23.79 12.80
CA ALA B 230 -8.01 -23.23 11.83
C ALA B 230 -8.37 -24.27 10.78
N ALA B 231 -7.38 -25.03 10.31
CA ALA B 231 -7.66 -26.08 9.35
C ALA B 231 -8.58 -27.17 9.94
N HIS B 232 -8.36 -27.57 11.19
CA HIS B 232 -9.27 -28.51 11.82
C HIS B 232 -10.68 -27.92 11.95
N VAL B 233 -10.79 -26.69 12.44
CA VAL B 233 -12.12 -26.09 12.68
C VAL B 233 -12.84 -25.88 11.35
N ALA B 234 -12.07 -25.71 10.30
CA ALA B 234 -12.61 -25.54 8.95
C ALA B 234 -13.06 -26.85 8.32
N GLY B 235 -12.72 -27.98 8.96
CA GLY B 235 -13.12 -29.30 8.47
C GLY B 235 -12.12 -29.98 7.56
N ALA B 236 -10.92 -29.40 7.43
CA ALA B 236 -9.93 -29.91 6.49
C ALA B 236 -9.06 -31.04 7.11
N LEU B 237 -8.98 -31.06 8.45
CA LEU B 237 -8.25 -32.10 9.19
C LEU B 237 -9.12 -32.63 10.32
N THR B 238 -9.00 -33.93 10.58
CA THR B 238 -9.63 -34.49 11.77
C THR B 238 -8.93 -33.94 13.00
N LEU B 239 -9.55 -34.06 14.16
CA LEU B 239 -8.90 -33.70 15.41
C LEU B 239 -7.57 -34.49 15.56
N ALA B 240 -7.59 -35.78 15.25
CA ALA B 240 -6.38 -36.62 15.42
C ALA B 240 -5.22 -36.20 14.52
N GLU B 241 -5.52 -35.93 13.26
CA GLU B 241 -4.49 -35.62 12.28
C GLU B 241 -3.90 -34.21 12.58
N ALA B 242 -4.77 -33.27 12.98
CA ALA B 242 -4.29 -31.95 13.34
C ALA B 242 -3.39 -32.06 14.60
N ALA B 243 -3.84 -32.78 15.60
CA ALA B 243 -3.04 -32.97 16.80
C ALA B 243 -1.68 -33.58 16.47
N ARG B 244 -1.66 -34.53 15.53
CA ARG B 244 -0.42 -35.20 15.14
C ARG B 244 0.58 -34.20 14.59
N ILE B 245 0.08 -33.29 13.74
CA ILE B 245 0.92 -32.29 13.14
C ILE B 245 1.51 -31.37 14.23
N VAL B 246 0.68 -30.92 15.17
CA VAL B 246 1.15 -29.97 16.18
C VAL B 246 2.15 -30.64 17.10
N VAL B 247 1.79 -31.83 17.56
CA VAL B 247 2.67 -32.63 18.43
C VAL B 247 4.03 -32.93 17.78
N LEU B 248 4.02 -33.44 16.57
CA LEU B 248 5.29 -33.82 15.92
C LEU B 248 6.15 -32.59 15.57
N ARG B 249 5.50 -31.54 15.11
CA ARG B 249 6.22 -30.36 14.76
C ARG B 249 6.78 -29.64 15.98
N SER B 250 6.00 -29.53 17.04
CA SER B 250 6.48 -28.82 18.20
C SER B 250 7.60 -29.58 18.94
N ALA B 251 7.52 -30.90 18.93
CA ALA B 251 8.60 -31.70 19.53
C ALA B 251 9.89 -31.50 18.75
N LEU B 252 9.79 -31.38 17.44
CA LEU B 252 10.96 -31.17 16.60
C LEU B 252 11.55 -29.78 16.86
N ILE B 253 10.69 -28.76 17.02
CA ILE B 253 11.15 -27.44 17.36
C ILE B 253 11.87 -27.46 18.70
N ALA B 254 11.26 -28.13 19.66
CA ALA B 254 11.85 -28.22 20.98
C ALA B 254 13.26 -28.87 20.89
N ARG B 255 13.38 -29.92 20.11
CA ARG B 255 14.67 -30.65 20.05
C ARG B 255 15.73 -29.88 19.32
N GLU B 256 15.35 -29.14 18.27
CA GLU B 256 16.33 -28.61 17.35
C GLU B 256 16.46 -27.07 17.42
N LEU B 257 15.42 -26.35 17.81
CA LEU B 257 15.46 -24.86 17.74
C LEU B 257 15.39 -24.19 19.06
N SER B 258 14.71 -24.80 20.04
CA SER B 258 14.50 -24.19 21.33
C SER B 258 15.85 -23.82 21.98
N GLY B 259 15.93 -22.61 22.54
CA GLY B 259 17.16 -22.11 23.15
C GLY B 259 18.12 -21.45 22.20
N ARG B 260 17.81 -21.42 20.89
CA ARG B 260 18.71 -20.84 19.90
C ARG B 260 18.10 -19.62 19.18
N GLY B 261 17.01 -19.10 19.75
CA GLY B 261 16.43 -17.90 19.19
C GLY B 261 15.28 -17.31 19.96
N ALA B 262 14.72 -16.25 19.37
CA ALA B 262 13.72 -15.47 20.04
C ALA B 262 12.92 -14.73 19.01
N MET B 263 11.73 -14.31 19.40
CA MET B 263 10.84 -13.54 18.54
C MET B 263 10.33 -12.30 19.28
N LEU B 264 10.24 -11.20 18.53
CA LEU B 264 10.02 -9.88 19.07
C LEU B 264 8.95 -9.18 18.23
N THR B 265 7.87 -8.75 18.89
CA THR B 265 6.84 -7.96 18.20
C THR B 265 7.11 -6.49 18.37
N VAL B 266 6.97 -5.73 17.27
CA VAL B 266 7.29 -4.31 17.27
C VAL B 266 6.06 -3.52 16.90
N VAL B 267 5.79 -2.44 17.63
CA VAL B 267 4.67 -1.57 17.34
C VAL B 267 5.10 -0.54 16.28
N ALA B 268 5.01 -0.95 15.03
CA ALA B 268 5.48 -0.16 13.90
C ALA B 268 5.03 -0.89 12.69
N ASP B 269 5.12 -0.25 11.52
CA ASP B 269 4.74 -0.91 10.27
C ASP B 269 5.90 -1.55 9.59
N VAL B 270 5.61 -2.41 8.62
CA VAL B 270 6.61 -3.24 8.01
C VAL B 270 7.64 -2.40 7.24
N GLU B 271 7.22 -1.27 6.69
CA GLU B 271 8.17 -0.36 6.00
C GLU B 271 9.23 0.14 6.97
N ARG B 272 8.78 0.58 8.14
CA ARG B 272 9.64 1.13 9.13
C ARG B 272 10.55 0.05 9.75
N VAL B 273 10.00 -1.13 10.04
CA VAL B 273 10.83 -2.19 10.57
C VAL B 273 11.90 -2.63 9.57
N THR B 274 11.51 -2.79 8.32
CA THR B 274 12.45 -3.20 7.29
C THR B 274 13.61 -2.17 7.18
N ALA B 275 13.28 -0.89 7.26
CA ALA B 275 14.32 0.15 7.21
C ALA B 275 15.28 0.06 8.41
N LEU B 276 14.72 -0.23 9.59
CA LEU B 276 15.54 -0.33 10.80
C LEU B 276 16.36 -1.60 10.82
N LEU B 277 16.03 -2.57 9.97
CA LEU B 277 16.77 -3.83 9.92
C LEU B 277 17.99 -3.75 8.96
N ALA B 278 18.22 -2.56 8.40
CA ALA B 278 19.46 -2.28 7.66
C ALA B 278 20.65 -2.61 8.55
N GLY B 279 21.50 -3.50 8.06
CA GLY B 279 22.64 -3.98 8.84
C GLY B 279 22.39 -5.20 9.69
N PHE B 280 21.15 -5.69 9.68
CA PHE B 280 20.82 -6.94 10.37
C PHE B 280 20.52 -8.08 9.38
N GLU B 281 20.87 -7.86 8.11
CA GLU B 281 20.67 -8.89 7.07
C GLU B 281 21.23 -10.24 7.52
N GLY B 282 20.37 -11.26 7.45
CA GLY B 282 20.73 -12.61 7.87
C GLY B 282 20.94 -12.79 9.36
N ARG B 283 20.51 -11.81 10.15
CA ARG B 283 20.65 -11.96 11.60
C ARG B 283 19.29 -11.77 12.28
N VAL B 284 18.51 -10.83 11.80
CA VAL B 284 17.16 -10.62 12.32
C VAL B 284 16.28 -10.34 11.16
N CYS B 285 15.20 -11.10 11.02
CA CYS B 285 14.36 -11.02 9.83
C CYS B 285 12.90 -10.84 10.23
N VAL B 286 12.13 -10.26 9.32
CA VAL B 286 10.69 -10.09 9.53
C VAL B 286 10.03 -11.47 9.49
N ALA B 287 9.30 -11.80 10.56
CA ALA B 287 8.67 -13.11 10.74
C ALA B 287 7.13 -13.04 10.61
N ALA B 288 6.56 -11.89 10.89
CA ALA B 288 5.14 -11.69 10.66
C ALA B 288 4.75 -10.24 10.42
N VAL B 289 3.79 -10.04 9.52
CA VAL B 289 3.23 -8.74 9.30
C VAL B 289 1.76 -8.81 9.72
N ASN B 290 1.46 -8.24 10.89
CA ASN B 290 0.10 -8.38 11.48
C ASN B 290 -0.81 -7.21 11.23
N GLY B 291 -0.24 -6.02 11.04
CA GLY B 291 -1.01 -4.84 10.82
C GLY B 291 -0.10 -3.64 10.72
N PRO B 292 -0.70 -2.44 10.53
CA PRO B 292 0.07 -1.19 10.46
C PRO B 292 0.86 -0.87 11.71
N ALA B 293 0.54 -1.50 12.85
CA ALA B 293 1.26 -1.25 14.08
C ALA B 293 1.67 -2.57 14.81
N SER B 294 1.92 -3.61 14.04
CA SER B 294 2.40 -4.88 14.62
C SER B 294 3.15 -5.71 13.59
N VAL B 295 4.48 -5.82 13.80
CA VAL B 295 5.35 -6.62 12.97
C VAL B 295 6.26 -7.40 13.91
N THR B 296 6.48 -8.66 13.64
CA THR B 296 7.29 -9.49 14.52
C THR B 296 8.55 -9.87 13.78
N VAL B 297 9.68 -9.86 14.47
CA VAL B 297 10.96 -10.25 13.90
C VAL B 297 11.54 -11.41 14.70
N SER B 298 12.56 -12.06 14.16
CA SER B 298 13.03 -13.32 14.67
C SER B 298 14.51 -13.46 14.38
N GLY B 299 15.22 -14.07 15.32
CA GLY B 299 16.62 -14.46 15.14
C GLY B 299 17.25 -14.87 16.46
N GLU B 300 18.57 -15.02 16.46
CA GLU B 300 19.26 -15.46 17.64
C GLU B 300 19.12 -14.38 18.71
N ASP B 301 19.18 -14.78 19.97
CA ASP B 301 18.86 -13.93 21.09
C ASP B 301 19.74 -12.65 21.13
N GLY B 302 21.04 -12.82 20.93
CA GLY B 302 21.98 -11.69 20.94
C GLY B 302 21.68 -10.68 19.86
N ALA B 303 21.43 -11.16 18.66
CA ALA B 303 21.08 -10.32 17.54
C ALA B 303 19.75 -9.58 17.79
N VAL B 304 18.79 -10.27 18.39
CA VAL B 304 17.50 -9.66 18.64
C VAL B 304 17.64 -8.60 19.72
N ARG B 305 18.57 -8.82 20.65
CA ARG B 305 18.81 -7.82 21.70
C ARG B 305 19.55 -6.58 21.17
N GLU B 306 20.34 -6.76 20.11
CA GLU B 306 20.92 -5.65 19.37
C GLU B 306 19.85 -4.82 18.65
N PHE B 307 18.85 -5.49 18.10
CA PHE B 307 17.79 -4.80 17.39
C PHE B 307 16.91 -4.07 18.39
N GLU B 308 16.73 -4.64 19.58
CA GLU B 308 15.96 -3.99 20.64
C GLU B 308 16.56 -2.66 21.04
N ARG B 309 17.89 -2.57 21.06
CA ARG B 309 18.57 -1.29 21.37
C ARG B 309 18.32 -0.24 20.27
N VAL B 310 18.29 -0.67 19.03
CA VAL B 310 17.90 0.18 17.91
C VAL B 310 16.47 0.74 18.12
N LEU B 311 15.55 -0.14 18.53
CA LEU B 311 14.17 0.26 18.75
C LEU B 311 14.02 1.18 19.93
N SER B 312 14.69 0.85 21.01
CA SER B 312 14.62 1.60 22.24
C SER B 312 15.08 3.03 22.07
N ALA B 313 16.22 3.20 21.40
CA ALA B 313 16.83 4.50 21.29
C ALA B 313 15.90 5.45 20.54
N ARG B 314 15.04 4.85 19.69
CA ARG B 314 14.07 5.56 18.91
C ARG B 314 12.65 5.56 19.54
N ARG B 315 12.59 5.23 20.82
CA ARG B 315 11.33 5.21 21.56
C ARG B 315 10.29 4.38 20.86
N MET B 316 10.64 3.18 20.41
CA MET B 316 9.64 2.31 19.82
C MET B 316 9.27 1.18 20.76
N LEU B 317 7.99 0.84 20.79
CA LEU B 317 7.54 -0.16 21.72
C LEU B 317 7.75 -1.51 21.13
N ARG B 318 8.15 -2.46 22.00
CA ARG B 318 8.35 -3.84 21.57
C ARG B 318 8.29 -4.77 22.76
N TRP B 319 8.20 -6.07 22.50
CA TRP B 319 8.27 -7.07 23.57
C TRP B 319 8.53 -8.43 22.97
N ARG B 320 9.25 -9.27 23.71
CA ARG B 320 9.46 -10.65 23.34
C ARG B 320 8.11 -11.42 23.37
N LEU B 321 7.92 -12.35 22.43
CA LEU B 321 6.76 -13.25 22.49
C LEU B 321 6.93 -14.21 23.65
N PRO B 322 5.94 -14.24 24.57
CA PRO B 322 6.05 -15.13 25.72
C PRO B 322 6.01 -16.59 25.34
N GLY B 323 6.85 -17.41 25.97
CA GLY B 323 6.84 -18.86 25.72
C GLY B 323 7.46 -19.25 24.39
N VAL B 324 8.08 -18.28 23.71
CA VAL B 324 8.74 -18.57 22.45
C VAL B 324 10.25 -18.51 22.69
N ASP B 325 10.92 -19.65 22.53
CA ASP B 325 12.35 -19.73 22.76
C ASP B 325 13.08 -20.17 21.50
N PHE B 326 12.50 -19.85 20.36
CA PHE B 326 13.06 -20.25 19.08
C PHE B 326 12.81 -19.19 18.04
N ALA B 327 13.65 -19.19 17.00
CA ALA B 327 13.55 -18.22 15.92
C ALA B 327 12.65 -18.77 14.84
N GLY B 328 11.35 -18.74 15.10
CA GLY B 328 10.38 -19.17 14.09
C GLY B 328 10.48 -18.30 12.85
N HIS B 329 10.11 -18.86 11.70
CA HIS B 329 9.97 -18.11 10.44
C HIS B 329 11.30 -17.43 10.09
N SER B 330 12.38 -18.19 10.30
CA SER B 330 13.71 -17.71 9.97
C SER B 330 14.51 -18.82 9.29
N PRO B 331 15.67 -18.46 8.74
CA PRO B 331 16.56 -19.50 8.17
C PRO B 331 17.00 -20.61 9.13
N GLN B 332 16.89 -20.42 10.44
CA GLN B 332 17.16 -21.54 11.37
C GLN B 332 16.26 -22.76 11.08
N VAL B 333 15.10 -22.48 10.47
CA VAL B 333 14.09 -23.51 10.24
C VAL B 333 14.52 -24.43 9.08
N ASP B 334 15.45 -23.95 8.22
CA ASP B 334 15.89 -24.75 7.04
C ASP B 334 16.41 -26.12 7.48
N ALA B 335 17.06 -26.16 8.62
CA ALA B 335 17.74 -27.37 9.07
C ALA B 335 16.72 -28.43 9.50
N LEU B 336 15.47 -28.03 9.79
CA LEU B 336 14.45 -28.98 10.26
C LEU B 336 13.70 -29.63 9.10
N ARG B 337 13.82 -29.04 7.92
CA ARG B 337 12.92 -29.37 6.83
C ARG B 337 12.85 -30.88 6.57
N ALA B 338 14.02 -31.50 6.39
CA ALA B 338 14.05 -32.92 6.08
C ALA B 338 13.40 -33.78 7.17
N GLU B 339 13.74 -33.60 8.44
CA GLU B 339 13.14 -34.40 9.53
C GLU B 339 11.61 -34.11 9.65
N LEU B 340 11.18 -32.89 9.37
CA LEU B 340 9.73 -32.56 9.50
C LEU B 340 8.94 -33.29 8.40
N LEU B 341 9.45 -33.26 7.17
CA LEU B 341 8.74 -33.89 6.03
C LEU B 341 8.68 -35.41 6.22
N ALA B 342 9.73 -35.96 6.82
CA ALA B 342 9.74 -37.39 7.12
C ALA B 342 8.74 -37.73 8.18
N ALA B 343 8.79 -37.01 9.30
CA ALA B 343 7.93 -37.34 10.43
C ALA B 343 6.44 -37.13 10.09
N LEU B 344 6.12 -36.05 9.40
CA LEU B 344 4.73 -35.82 9.00
C LEU B 344 4.28 -36.83 7.95
N GLY B 345 5.12 -37.09 6.94
CA GLY B 345 4.78 -38.07 5.90
C GLY B 345 3.59 -37.61 5.05
N ASP B 346 2.71 -38.54 4.70
CA ASP B 346 1.46 -38.16 4.02
C ASP B 346 0.45 -37.64 5.05
N ILE B 347 -0.18 -36.53 4.71
CA ILE B 347 -1.18 -35.92 5.60
C ILE B 347 -2.57 -36.35 5.12
N ALA B 348 -3.40 -36.81 6.02
CA ALA B 348 -4.78 -37.07 5.65
C ALA B 348 -5.54 -35.78 5.80
N SER B 349 -6.03 -35.25 4.69
CA SER B 349 -6.75 -33.99 4.69
C SER B 349 -7.88 -34.03 3.68
N ARG B 350 -8.82 -33.11 3.84
CA ARG B 350 -9.94 -32.96 2.90
C ARG B 350 -10.12 -31.49 2.59
N GLU B 351 -10.90 -31.20 1.54
CA GLU B 351 -11.24 -29.84 1.21
C GLU B 351 -11.95 -29.21 2.41
N PRO B 352 -11.58 -27.97 2.76
CA PRO B 352 -12.26 -27.38 3.90
C PRO B 352 -13.72 -27.08 3.59
N GLU B 353 -14.57 -27.29 4.58
CA GLU B 353 -15.99 -27.04 4.42
C GLU B 353 -16.29 -25.52 4.44
N ILE B 354 -15.41 -24.72 4.99
CA ILE B 354 -15.50 -23.26 4.85
C ILE B 354 -14.15 -22.70 4.51
N PRO B 355 -14.12 -21.52 3.90
CA PRO B 355 -12.87 -21.03 3.39
C PRO B 355 -11.85 -20.89 4.49
N LEU B 356 -10.65 -21.37 4.20
CA LEU B 356 -9.52 -21.25 5.08
C LEU B 356 -8.49 -20.37 4.42
N LEU B 357 -8.20 -19.24 5.01
CA LEU B 357 -7.27 -18.27 4.41
C LEU B 357 -5.93 -18.54 5.02
N SER B 358 -4.96 -18.94 4.22
CA SER B 358 -3.66 -19.29 4.75
C SER B 358 -2.88 -18.03 5.03
N THR B 359 -2.16 -18.01 6.16
CA THR B 359 -1.20 -16.95 6.42
C THR B 359 0.22 -17.29 5.88
N VAL B 360 0.34 -18.46 5.25
CA VAL B 360 1.50 -18.74 4.36
C VAL B 360 1.46 -17.87 3.08
N THR B 361 0.30 -17.79 2.46
CA THR B 361 0.16 -17.14 1.17
C THR B 361 -0.68 -15.88 1.24
N GLY B 362 -1.50 -15.77 2.29
CA GLY B 362 -2.52 -14.72 2.37
C GLY B 362 -3.69 -14.95 1.43
N GLU B 363 -3.85 -16.20 0.98
CA GLU B 363 -4.90 -16.58 0.00
C GLU B 363 -5.54 -17.87 0.43
N PRO B 364 -6.70 -18.21 -0.16
CA PRO B 364 -7.34 -19.47 0.19
C PRO B 364 -6.37 -20.65 0.05
N ALA B 365 -6.35 -21.51 1.07
CA ALA B 365 -5.35 -22.58 1.14
C ALA B 365 -5.50 -23.59 0.01
N THR B 366 -4.36 -24.10 -0.46
CA THR B 366 -4.32 -25.20 -1.41
C THR B 366 -4.11 -26.54 -0.66
N ARG B 367 -3.16 -27.35 -1.08
CA ARG B 367 -3.08 -28.68 -0.51
C ARG B 367 -2.42 -28.55 0.88
N LEU B 368 -3.00 -29.18 1.91
CA LEU B 368 -2.44 -29.11 3.25
C LEU B 368 -1.55 -30.29 3.50
N ASP B 369 -0.49 -30.41 2.69
CA ASP B 369 0.44 -31.52 2.79
C ASP B 369 1.61 -31.16 3.72
N ALA B 370 2.57 -32.07 3.86
CA ALA B 370 3.68 -31.85 4.75
C ALA B 370 4.43 -30.56 4.39
N GLU B 371 4.66 -30.33 3.11
CA GLU B 371 5.39 -29.16 2.67
C GLU B 371 4.67 -27.87 3.10
N HIS B 372 3.35 -27.87 3.06
CA HIS B 372 2.57 -26.74 3.58
C HIS B 372 2.88 -26.50 5.06
N TRP B 373 2.86 -27.57 5.86
CA TRP B 373 3.14 -27.41 7.30
C TRP B 373 4.60 -27.05 7.62
N TYR B 374 5.52 -27.38 6.72
CA TYR B 374 6.86 -26.81 6.77
C TYR B 374 6.87 -25.30 6.49
N ARG B 375 6.26 -24.90 5.39
CA ARG B 375 6.22 -23.47 5.04
C ARG B 375 5.48 -22.63 6.12
N ASN B 376 4.48 -23.21 6.76
CA ASN B 376 3.77 -22.59 7.91
C ASN B 376 4.72 -22.30 9.09
N LEU B 377 5.86 -22.98 9.13
CA LEU B 377 6.91 -22.71 10.13
C LEU B 377 8.05 -21.83 9.57
N ARG B 378 8.34 -21.96 8.29
CA ARG B 378 9.52 -21.29 7.68
C ARG B 378 9.20 -19.86 7.21
N GLU B 379 8.09 -19.73 6.47
CA GLU B 379 7.79 -18.49 5.73
C GLU B 379 7.16 -17.44 6.65
N PRO B 380 7.38 -16.17 6.34
CA PRO B 380 6.75 -15.07 7.08
C PRO B 380 5.23 -15.16 7.06
N VAL B 381 4.63 -14.78 8.18
CA VAL B 381 3.18 -14.86 8.36
C VAL B 381 2.52 -13.66 7.72
N ARG B 382 1.64 -13.92 6.78
CA ARG B 382 0.97 -12.84 6.11
C ARG B 382 -0.44 -12.65 6.72
N PHE B 383 -0.48 -12.25 7.98
CA PHE B 383 -1.72 -12.11 8.68
C PHE B 383 -2.50 -10.92 8.16
N ALA B 384 -1.84 -9.77 8.04
CA ALA B 384 -2.51 -8.58 7.53
C ALA B 384 -3.09 -8.80 6.14
N ASP B 385 -2.37 -9.54 5.32
CA ASP B 385 -2.84 -9.97 3.99
C ASP B 385 -4.11 -10.79 4.06
N ALA B 386 -4.13 -11.79 4.92
CA ALA B 386 -5.28 -12.68 5.04
C ALA B 386 -6.51 -11.91 5.53
N VAL B 387 -6.32 -11.04 6.52
CA VAL B 387 -7.42 -10.30 7.10
C VAL B 387 -8.01 -9.28 6.12
N THR B 388 -7.16 -8.61 5.34
CA THR B 388 -7.65 -7.67 4.34
C THR B 388 -8.27 -8.35 3.14
N ALA B 389 -7.82 -9.55 2.80
CA ALA B 389 -8.53 -10.36 1.78
C ALA B 389 -10.00 -10.64 2.20
N LEU B 390 -10.19 -10.98 3.48
CA LEU B 390 -11.50 -11.19 4.03
C LEU B 390 -12.34 -9.90 4.14
N LEU B 391 -11.73 -8.80 4.58
CA LEU B 391 -12.46 -7.54 4.64
C LEU B 391 -12.98 -7.15 3.25
N ASP B 392 -12.22 -7.50 2.22
CA ASP B 392 -12.52 -7.07 0.87
C ASP B 392 -13.59 -7.98 0.25
N ARG B 393 -13.91 -9.08 0.94
CA ARG B 393 -15.00 -9.98 0.56
C ARG B 393 -16.16 -9.96 1.60
N GLY B 394 -16.34 -8.83 2.26
CA GLY B 394 -17.56 -8.58 3.05
C GLY B 394 -17.55 -9.22 4.44
N HIS B 395 -16.38 -9.58 4.97
CA HIS B 395 -16.33 -10.07 6.38
C HIS B 395 -16.22 -8.88 7.30
N ARG B 396 -17.07 -8.83 8.31
CA ARG B 396 -17.14 -7.69 9.21
C ARG B 396 -17.20 -8.08 10.69
N VAL B 397 -17.14 -9.38 11.00
CA VAL B 397 -17.14 -9.86 12.37
C VAL B 397 -15.92 -10.78 12.58
N PHE B 398 -15.08 -10.42 13.53
CA PHE B 398 -13.83 -11.16 13.75
C PHE B 398 -13.81 -11.57 15.21
N VAL B 399 -13.72 -12.89 15.45
CA VAL B 399 -13.67 -13.44 16.77
C VAL B 399 -12.28 -14.09 16.96
N GLU B 400 -11.45 -13.51 17.82
CA GLU B 400 -10.18 -14.15 18.16
C GLU B 400 -10.46 -15.22 19.19
N VAL B 401 -10.10 -16.43 18.85
CA VAL B 401 -10.34 -17.61 19.67
C VAL B 401 -9.08 -17.93 20.44
N SER B 402 -8.90 -17.24 21.55
CA SER B 402 -7.61 -17.27 22.26
C SER B 402 -7.83 -17.07 23.73
N PRO B 403 -6.83 -17.44 24.54
CA PRO B 403 -6.83 -17.15 25.96
C PRO B 403 -6.68 -15.69 26.33
N HIS B 404 -6.12 -14.88 25.43
CA HIS B 404 -5.97 -13.44 25.65
C HIS B 404 -5.78 -12.74 24.30
N PRO B 405 -6.38 -11.59 24.12
CA PRO B 405 -6.39 -11.02 22.76
C PRO B 405 -5.05 -10.44 22.37
N VAL B 406 -4.49 -10.96 21.29
CA VAL B 406 -3.16 -10.52 20.83
C VAL B 406 -3.15 -9.97 19.40
N LEU B 407 -4.21 -10.27 18.64
CA LEU B 407 -4.29 -9.80 17.26
C LEU B 407 -5.53 -8.91 17.02
N THR B 408 -6.36 -8.72 18.04
CA THR B 408 -7.58 -7.97 17.87
C THR B 408 -7.26 -6.51 17.48
N THR B 409 -6.26 -5.89 18.10
CA THR B 409 -5.95 -4.48 17.79
C THR B 409 -5.46 -4.34 16.34
N SER B 410 -4.78 -5.35 15.82
CA SER B 410 -4.40 -5.35 14.41
C SER B 410 -5.59 -5.49 13.51
N VAL B 411 -6.55 -6.35 13.87
CA VAL B 411 -7.75 -6.50 13.04
C VAL B 411 -8.57 -5.20 13.05
N VAL B 412 -8.64 -4.55 14.22
CA VAL B 412 -9.31 -3.28 14.34
C VAL B 412 -8.64 -2.28 13.40
N ASP B 413 -7.31 -2.21 13.44
CA ASP B 413 -6.53 -1.22 12.63
C ASP B 413 -6.78 -1.46 11.15
N LEU B 414 -6.82 -2.74 10.76
CA LEU B 414 -6.98 -3.11 9.38
C LEU B 414 -8.42 -2.86 8.86
N ALA B 415 -9.38 -3.03 9.75
CA ALA B 415 -10.77 -3.00 9.39
C ALA B 415 -11.23 -1.55 9.10
N ALA B 416 -10.52 -0.54 9.65
CA ALA B 416 -10.93 0.87 9.44
C ALA B 416 -10.85 1.20 7.95
N PRO B 417 -11.92 1.78 7.41
CA PRO B 417 -12.95 2.52 8.16
C PRO B 417 -14.29 1.76 8.28
N HIS B 418 -14.30 0.47 7.92
CA HIS B 418 -15.55 -0.29 7.90
C HIS B 418 -16.16 -0.49 9.26
N ARG B 419 -17.43 -0.74 9.27
CA ARG B 419 -18.14 -0.99 10.50
C ARG B 419 -18.00 -2.47 10.84
N THR B 420 -17.38 -2.77 11.97
CA THR B 420 -16.98 -4.18 12.27
C THR B 420 -17.09 -4.41 13.77
N ALA B 421 -17.31 -5.68 14.12
CA ALA B 421 -17.30 -6.15 15.52
C ALA B 421 -16.05 -7.02 15.65
N VAL B 422 -15.18 -6.68 16.57
CA VAL B 422 -13.97 -7.49 16.80
C VAL B 422 -13.86 -7.78 18.28
N VAL B 423 -13.81 -9.08 18.62
CA VAL B 423 -13.83 -9.50 20.01
C VAL B 423 -12.80 -10.58 20.18
N GLY B 424 -12.34 -10.75 21.42
CA GLY B 424 -11.56 -11.92 21.83
C GLY B 424 -12.47 -12.95 22.52
N THR B 425 -11.86 -13.85 23.30
CA THR B 425 -12.63 -14.87 23.97
C THR B 425 -12.38 -14.80 25.46
N LEU B 426 -11.20 -15.23 25.90
CA LEU B 426 -10.80 -15.06 27.28
C LEU B 426 -9.77 -13.95 27.42
N ARG B 427 -9.44 -13.62 28.68
CA ARG B 427 -8.35 -12.73 29.01
C ARG B 427 -7.47 -13.38 30.07
N ARG B 428 -6.24 -12.88 30.18
CA ARG B 428 -5.31 -13.29 31.24
C ARG B 428 -5.99 -13.20 32.60
N ASP B 429 -5.97 -14.29 33.36
CA ASP B 429 -6.53 -14.34 34.71
C ASP B 429 -8.06 -14.28 34.72
N GLU B 430 -8.66 -14.35 33.54
CA GLU B 430 -10.11 -14.35 33.42
C GLU B 430 -10.54 -15.47 32.51
N GLY B 431 -10.64 -16.67 33.07
CA GLY B 431 -10.89 -17.88 32.32
C GLY B 431 -12.25 -18.50 32.58
N GLY B 432 -13.12 -17.77 33.23
CA GLY B 432 -14.41 -18.31 33.58
C GLY B 432 -15.45 -18.21 32.48
N LEU B 433 -16.54 -18.97 32.62
CA LEU B 433 -17.69 -18.85 31.74
C LEU B 433 -18.15 -17.38 31.67
N ASP B 434 -17.99 -16.64 32.76
CA ASP B 434 -18.43 -15.25 32.80
C ASP B 434 -17.70 -14.42 31.77
N ARG B 435 -16.39 -14.62 31.67
CA ARG B 435 -15.58 -13.96 30.62
C ARG B 435 -15.99 -14.40 29.24
N PHE B 436 -16.26 -15.69 29.05
CA PHE B 436 -16.69 -16.14 27.73
C PHE B 436 -18.01 -15.43 27.36
N LEU B 437 -18.95 -15.42 28.29
CA LEU B 437 -20.27 -14.80 28.02
C LEU B 437 -20.15 -13.30 27.73
N LEU B 438 -19.21 -12.62 28.40
CA LEU B 438 -19.01 -11.19 28.12
C LEU B 438 -18.52 -10.98 26.70
N SER B 439 -17.68 -11.89 26.21
CA SER B 439 -17.26 -11.83 24.84
C SER B 439 -18.41 -12.09 23.85
N ALA B 440 -19.26 -13.05 24.17
CA ALA B 440 -20.47 -13.31 23.38
C ALA B 440 -21.40 -12.08 23.43
N ALA B 441 -21.46 -11.42 24.59
CA ALA B 441 -22.28 -10.21 24.73
C ALA B 441 -21.75 -9.06 23.87
N GLU B 442 -20.43 -8.96 23.75
CA GLU B 442 -19.81 -7.93 22.93
C GLU B 442 -20.20 -8.07 21.45
N LEU B 443 -20.51 -9.29 21.00
CA LEU B 443 -21.08 -9.50 19.67
C LEU B 443 -22.57 -9.08 19.66
N HIS B 444 -23.32 -9.59 20.60
CA HIS B 444 -24.73 -9.28 20.70
C HIS B 444 -25.04 -7.79 20.61
N VAL B 445 -24.29 -6.97 21.33
CA VAL B 445 -24.59 -5.56 21.43
C VAL B 445 -24.25 -4.81 20.14
N ARG B 446 -23.56 -5.49 19.21
CA ARG B 446 -23.27 -4.91 17.90
C ARG B 446 -24.18 -5.51 16.85
N GLY B 447 -25.19 -6.25 17.29
CA GLY B 447 -26.18 -6.79 16.35
C GLY B 447 -25.84 -8.11 15.68
N VAL B 448 -24.76 -8.74 16.13
CA VAL B 448 -24.35 -10.00 15.58
C VAL B 448 -25.19 -11.09 16.26
N PRO B 449 -25.72 -12.03 15.48
CA PRO B 449 -26.49 -13.16 16.06
C PRO B 449 -25.62 -14.02 16.95
N VAL B 450 -26.06 -14.24 18.16
CA VAL B 450 -25.39 -15.14 19.10
C VAL B 450 -26.48 -15.59 20.07
N ASP B 451 -26.42 -16.85 20.43
CA ASP B 451 -27.46 -17.50 21.23
C ASP B 451 -27.14 -17.33 22.69
N LEU B 452 -27.27 -16.10 23.20
CA LEU B 452 -27.05 -15.82 24.63
C LEU B 452 -28.05 -16.61 25.51
N ALA B 453 -29.21 -16.88 24.95
CA ALA B 453 -30.22 -17.59 25.70
C ALA B 453 -29.81 -19.02 26.08
N ARG B 454 -28.88 -19.64 25.35
CA ARG B 454 -28.33 -20.92 25.79
C ARG B 454 -27.79 -20.91 27.22
N HIS B 455 -27.24 -19.79 27.63
CA HIS B 455 -26.70 -19.64 28.98
C HIS B 455 -27.49 -18.69 29.84
N ALA B 456 -28.74 -18.39 29.46
CA ALA B 456 -29.47 -17.39 30.22
C ALA B 456 -30.28 -17.99 31.38
N GLY B 457 -30.24 -19.32 31.50
CA GLY B 457 -30.90 -20.02 32.62
C GLY B 457 -32.38 -20.31 32.33
N ALA B 458 -33.14 -20.56 33.38
CA ALA B 458 -34.49 -21.07 33.23
C ALA B 458 -35.51 -20.14 33.87
N GLY B 459 -35.18 -18.85 33.92
CA GLY B 459 -36.02 -17.88 34.59
C GLY B 459 -37.38 -17.65 33.94
N THR B 460 -38.40 -17.46 34.77
CA THR B 460 -39.72 -17.12 34.27
C THR B 460 -40.26 -15.89 34.97
N ALA B 461 -39.45 -15.24 35.81
CA ALA B 461 -39.92 -14.02 36.47
C ALA B 461 -40.09 -12.97 35.40
N GLU B 462 -41.19 -12.23 35.44
CA GLU B 462 -41.44 -11.22 34.43
C GLU B 462 -41.07 -9.85 34.98
N VAL B 463 -40.53 -8.98 34.12
CA VAL B 463 -40.53 -7.53 34.36
C VAL B 463 -41.68 -6.91 33.58
N PRO B 464 -42.59 -6.16 34.25
CA PRO B 464 -43.66 -5.47 33.49
C PRO B 464 -43.21 -4.15 32.87
N VAL C 45 -48.48 -22.79 0.79
CA VAL C 45 -47.92 -21.66 -0.03
C VAL C 45 -48.92 -21.33 -1.13
N PRO C 46 -49.45 -20.08 -1.13
CA PRO C 46 -50.41 -19.74 -2.19
C PRO C 46 -49.73 -19.66 -3.56
N VAL C 47 -50.52 -19.86 -4.62
CA VAL C 47 -50.02 -19.90 -5.95
C VAL C 47 -50.26 -18.55 -6.65
N PRO C 48 -49.32 -18.14 -7.52
CA PRO C 48 -49.49 -16.84 -8.15
C PRO C 48 -50.54 -16.91 -9.23
N VAL C 49 -51.34 -15.83 -9.34
CA VAL C 49 -52.28 -15.70 -10.45
C VAL C 49 -52.08 -14.37 -11.20
N PRO C 50 -52.37 -14.34 -12.48
CA PRO C 50 -52.28 -13.07 -13.20
C PRO C 50 -53.59 -12.32 -13.06
N VAL C 51 -53.54 -11.19 -12.38
CA VAL C 51 -54.69 -10.30 -12.21
C VAL C 51 -54.67 -9.14 -13.25
N ALA C 52 -55.61 -9.19 -14.19
CA ALA C 52 -55.55 -8.34 -15.35
C ALA C 52 -56.55 -7.15 -15.26
N VAL C 53 -56.08 -5.98 -15.64
CA VAL C 53 -56.94 -4.77 -15.72
C VAL C 53 -56.57 -3.98 -16.95
N SER C 54 -57.57 -3.33 -17.54
CA SER C 54 -57.30 -2.59 -18.77
C SER C 54 -58.26 -1.43 -18.94
N GLY C 55 -57.86 -0.49 -19.80
CA GLY C 55 -58.71 0.67 -20.13
C GLY C 55 -58.45 1.12 -21.55
N ALA C 56 -59.31 2.03 -22.04
CA ALA C 56 -59.10 2.55 -23.37
C ALA C 56 -57.97 3.58 -23.38
N THR C 57 -57.61 4.10 -22.20
CA THR C 57 -56.53 5.07 -22.09
C THR C 57 -55.75 4.71 -20.87
N THR C 58 -54.56 5.27 -20.74
CA THR C 58 -53.74 5.05 -19.57
C THR C 58 -54.39 5.60 -18.33
N ALA C 59 -55.06 6.75 -18.46
CA ALA C 59 -55.73 7.28 -17.27
C ALA C 59 -56.90 6.38 -16.85
N GLY C 60 -57.55 5.75 -17.82
CA GLY C 60 -58.64 4.81 -17.52
C GLY C 60 -58.09 3.56 -16.84
N LEU C 61 -56.99 3.05 -17.39
CA LEU C 61 -56.28 1.88 -16.79
C LEU C 61 -55.91 2.12 -15.32
N ARG C 62 -55.33 3.29 -15.04
CA ARG C 62 -54.97 3.65 -13.67
C ARG C 62 -56.17 3.83 -12.74
N ALA C 63 -57.27 4.32 -13.29
CA ALA C 63 -58.50 4.42 -12.53
C ALA C 63 -59.12 3.05 -12.23
N GLN C 64 -59.14 2.14 -13.20
CA GLN C 64 -59.57 0.76 -12.96
C GLN C 64 -58.73 0.10 -11.85
N ALA C 65 -57.41 0.30 -11.89
CA ALA C 65 -56.55 -0.26 -10.85
C ALA C 65 -56.96 0.24 -9.46
N ALA C 66 -57.13 1.55 -9.31
CA ALA C 66 -57.64 2.16 -8.06
C ALA C 66 -59.00 1.60 -7.59
N ARG C 67 -59.98 1.49 -8.50
CA ARG C 67 -61.32 0.95 -8.18
C ARG C 67 -61.25 -0.52 -7.69
N LEU C 68 -60.36 -1.30 -8.30
CA LEU C 68 -60.19 -2.68 -7.88
C LEU C 68 -59.56 -2.76 -6.50
N ALA C 69 -58.51 -2.00 -6.30
CA ALA C 69 -57.85 -1.96 -5.02
C ALA C 69 -58.85 -1.52 -3.92
N GLY C 70 -59.70 -0.55 -4.23
CA GLY C 70 -60.68 -0.07 -3.25
C GLY C 70 -61.65 -1.17 -2.90
N HIS C 71 -62.10 -1.90 -3.92
CA HIS C 71 -63.05 -2.97 -3.73
C HIS C 71 -62.44 -4.07 -2.87
N LEU C 72 -61.18 -4.38 -3.12
CA LEU C 72 -60.47 -5.36 -2.31
C LEU C 72 -60.41 -4.88 -0.86
N ARG C 73 -60.12 -3.59 -0.66
CA ARG C 73 -60.04 -3.06 0.70
C ARG C 73 -61.39 -2.99 1.40
N GLU C 74 -62.48 -2.84 0.65
CA GLU C 74 -63.82 -2.99 1.26
C GLU C 74 -64.12 -4.44 1.69
N ARG C 75 -63.36 -5.41 1.15
CA ARG C 75 -63.68 -6.82 1.32
C ARG C 75 -62.46 -7.61 1.75
N PRO C 76 -62.13 -7.59 3.04
CA PRO C 76 -60.87 -8.13 3.53
C PRO C 76 -60.63 -9.59 3.23
N ALA C 77 -61.68 -10.37 3.01
CA ALA C 77 -61.50 -11.79 2.80
C ALA C 77 -61.12 -12.10 1.33
N LEU C 78 -61.26 -11.13 0.45
CA LEU C 78 -61.18 -11.36 -1.00
C LEU C 78 -59.72 -11.44 -1.47
N GLY C 79 -59.33 -12.59 -2.04
CA GLY C 79 -57.96 -12.79 -2.53
C GLY C 79 -57.84 -12.63 -4.04
N PRO C 80 -56.59 -12.48 -4.55
CA PRO C 80 -56.34 -12.47 -6.01
C PRO C 80 -56.93 -13.68 -6.73
N GLU C 81 -56.85 -14.86 -6.11
CA GLU C 81 -57.33 -16.11 -6.73
C GLU C 81 -58.89 -16.13 -6.94
N ALA C 82 -59.61 -15.29 -6.18
CA ALA C 82 -61.04 -15.15 -6.37
C ALA C 82 -61.45 -14.28 -7.57
N VAL C 83 -60.62 -13.28 -7.92
CA VAL C 83 -61.04 -12.28 -8.94
C VAL C 83 -60.32 -12.44 -10.29
N ALA C 84 -59.23 -13.22 -10.32
CA ALA C 84 -58.37 -13.26 -11.53
C ALA C 84 -59.11 -13.82 -12.74
N ARG C 85 -59.92 -14.86 -12.55
CA ARG C 85 -60.51 -15.52 -13.70
C ARG C 85 -61.53 -14.63 -14.43
N PRO C 86 -62.44 -14.01 -13.70
CA PRO C 86 -63.43 -13.19 -14.36
C PRO C 86 -62.83 -11.92 -14.97
N LEU C 87 -61.76 -11.41 -14.40
CA LEU C 87 -61.11 -10.26 -14.99
C LEU C 87 -60.51 -10.54 -16.37
N LEU C 88 -60.11 -11.80 -16.60
CA LEU C 88 -59.66 -12.24 -17.90
C LEU C 88 -60.79 -12.67 -18.84
N LEU C 89 -61.74 -13.42 -18.32
CA LEU C 89 -62.69 -14.07 -19.18
C LEU C 89 -63.98 -13.27 -19.35
N SER C 90 -64.28 -12.36 -18.41
CA SER C 90 -65.55 -11.60 -18.45
C SER C 90 -65.41 -10.10 -18.72
N ARG C 91 -64.18 -9.62 -18.95
CA ARG C 91 -63.95 -8.20 -19.27
C ARG C 91 -63.22 -8.06 -20.60
N ALA C 92 -63.60 -7.04 -21.35
CA ALA C 92 -62.84 -6.59 -22.51
C ALA C 92 -61.37 -6.29 -22.13
N GLN C 93 -60.44 -6.80 -22.93
CA GLN C 93 -59.01 -6.47 -22.78
C GLN C 93 -58.68 -5.31 -23.73
N ARG C 94 -58.72 -4.12 -23.17
CA ARG C 94 -58.69 -2.88 -23.94
C ARG C 94 -57.29 -2.45 -24.32
N GLU C 95 -57.19 -1.23 -24.81
CA GLU C 95 -55.99 -0.75 -25.52
C GLU C 95 -54.75 -0.55 -24.62
N ARG C 96 -55.00 -0.20 -23.36
CA ARG C 96 -53.95 -0.01 -22.37
C ARG C 96 -54.14 -1.00 -21.23
N ARG C 97 -53.18 -1.92 -21.09
CA ARG C 97 -53.35 -3.16 -20.34
C ARG C 97 -52.29 -3.28 -19.24
N ALA C 98 -52.66 -3.87 -18.12
CA ALA C 98 -51.71 -4.20 -17.05
C ALA C 98 -52.04 -5.59 -16.49
N VAL C 99 -51.02 -6.23 -15.88
CA VAL C 99 -51.27 -7.42 -15.11
C VAL C 99 -50.42 -7.30 -13.86
N VAL C 100 -50.99 -7.66 -12.72
CA VAL C 100 -50.21 -7.87 -11.52
C VAL C 100 -50.20 -9.37 -11.26
N VAL C 101 -49.00 -9.95 -11.16
CA VAL C 101 -48.90 -11.37 -10.82
C VAL C 101 -48.71 -11.51 -9.34
N ALA C 102 -49.72 -12.07 -8.66
CA ALA C 102 -49.79 -12.00 -7.21
C ALA C 102 -50.36 -13.28 -6.62
N ALA C 103 -49.80 -13.73 -5.48
CA ALA C 103 -50.35 -14.93 -4.82
C ALA C 103 -51.22 -14.56 -3.61
N ASP C 104 -51.08 -13.36 -3.10
CA ASP C 104 -51.87 -12.94 -1.92
C ASP C 104 -52.34 -11.51 -2.07
N ARG C 105 -53.25 -11.10 -1.18
CA ARG C 105 -53.84 -9.79 -1.21
C ARG C 105 -52.82 -8.68 -1.20
N ASP C 106 -51.93 -8.77 -0.22
CA ASP C 106 -50.92 -7.72 0.01
C ASP C 106 -50.05 -7.46 -1.21
N SER C 107 -49.60 -8.52 -1.87
CA SER C 107 -48.92 -8.41 -3.14
C SER C 107 -49.77 -7.75 -4.23
N LEU C 108 -51.01 -8.19 -4.36
CA LEU C 108 -51.88 -7.62 -5.38
C LEU C 108 -52.05 -6.11 -5.14
N LEU C 109 -52.33 -5.75 -3.90
CA LEU C 109 -52.63 -4.36 -3.55
C LEU C 109 -51.39 -3.48 -3.73
N THR C 110 -50.20 -4.00 -3.40
CA THR C 110 -48.93 -3.35 -3.77
C THR C 110 -48.83 -3.03 -5.26
N GLY C 111 -49.07 -4.04 -6.09
CA GLY C 111 -49.00 -3.87 -7.53
C GLY C 111 -50.03 -2.85 -8.01
N LEU C 112 -51.26 -2.99 -7.51
CA LEU C 112 -52.39 -2.18 -7.99
C LEU C 112 -52.15 -0.72 -7.62
N ASP C 113 -51.67 -0.49 -6.42
CA ASP C 113 -51.41 0.89 -5.98
C ASP C 113 -50.33 1.52 -6.84
N ALA C 114 -49.28 0.77 -7.17
CA ALA C 114 -48.23 1.28 -8.04
C ALA C 114 -48.78 1.62 -9.42
N LEU C 115 -49.57 0.72 -9.97
CA LEU C 115 -50.18 0.95 -11.27
C LEU C 115 -51.04 2.25 -11.19
N ALA C 116 -51.83 2.37 -10.14
CA ALA C 116 -52.74 3.54 -9.99
C ALA C 116 -51.94 4.82 -9.92
N GLY C 117 -50.72 4.74 -9.41
CA GLY C 117 -49.91 5.91 -9.15
C GLY C 117 -48.98 6.19 -10.29
N GLY C 118 -48.96 5.32 -11.29
CA GLY C 118 -48.05 5.44 -12.41
C GLY C 118 -46.63 5.00 -12.13
N GLU C 119 -46.44 4.13 -11.16
CA GLU C 119 -45.10 3.65 -10.82
C GLU C 119 -44.87 2.23 -11.37
N ALA C 120 -43.62 1.87 -11.60
CA ALA C 120 -43.29 0.50 -11.94
C ALA C 120 -43.26 -0.32 -10.68
N GLY C 121 -43.45 -1.64 -10.83
CA GLY C 121 -43.43 -2.54 -9.70
C GLY C 121 -42.84 -3.85 -10.12
N PRO C 122 -42.30 -4.62 -9.16
CA PRO C 122 -41.59 -5.84 -9.54
C PRO C 122 -42.45 -6.97 -10.11
N ARG C 123 -43.74 -6.99 -9.80
CA ARG C 123 -44.64 -8.00 -10.35
C ARG C 123 -45.78 -7.33 -11.15
N LEU C 124 -45.46 -6.21 -11.78
CA LEU C 124 -46.42 -5.44 -12.60
C LEU C 124 -45.94 -5.37 -14.04
N ALA C 125 -46.76 -5.81 -14.97
CA ALA C 125 -46.51 -5.56 -16.37
C ALA C 125 -47.62 -4.62 -16.94
N SER C 126 -47.23 -3.69 -17.80
CA SER C 126 -48.24 -2.79 -18.46
C SER C 126 -47.71 -2.31 -19.77
N GLY C 127 -48.63 -1.95 -20.66
CA GLY C 127 -48.27 -1.57 -21.99
C GLY C 127 -49.46 -1.22 -22.86
N ALA C 128 -49.13 -0.94 -24.10
CA ALA C 128 -50.08 -0.65 -25.11
C ALA C 128 -50.30 -1.88 -25.93
N ALA C 129 -51.56 -2.25 -26.13
CA ALA C 129 -51.87 -3.46 -26.85
C ALA C 129 -51.86 -3.20 -28.33
N ASP C 130 -50.67 -3.02 -28.89
CA ASP C 130 -50.56 -2.57 -30.26
C ASP C 130 -49.74 -3.46 -31.19
N VAL C 131 -49.38 -4.67 -30.75
CA VAL C 131 -48.51 -5.53 -31.54
C VAL C 131 -49.26 -6.61 -32.24
N THR C 132 -49.03 -6.71 -33.55
CA THR C 132 -49.47 -7.84 -34.35
C THR C 132 -48.31 -8.35 -35.16
N GLY C 133 -48.38 -9.61 -35.56
CA GLY C 133 -47.36 -10.22 -36.37
C GLY C 133 -46.91 -11.55 -35.80
N ARG C 134 -45.95 -12.16 -36.48
CA ARG C 134 -45.57 -13.52 -36.24
C ARG C 134 -44.57 -13.63 -35.08
N VAL C 135 -44.45 -14.86 -34.54
CA VAL C 135 -43.79 -15.08 -33.23
C VAL C 135 -42.48 -15.86 -33.45
N VAL C 136 -41.43 -15.39 -32.82
CA VAL C 136 -40.13 -16.04 -32.85
C VAL C 136 -39.77 -16.46 -31.43
N LEU C 137 -39.34 -17.70 -31.28
CA LEU C 137 -38.61 -18.11 -30.08
C LEU C 137 -37.09 -18.05 -30.34
N VAL C 138 -36.40 -17.39 -29.43
CA VAL C 138 -34.97 -17.17 -29.49
C VAL C 138 -34.33 -18.02 -28.38
N PHE C 139 -33.36 -18.83 -28.75
CA PHE C 139 -32.62 -19.64 -27.79
C PHE C 139 -31.21 -19.09 -27.73
N PRO C 140 -30.79 -18.58 -26.57
CA PRO C 140 -29.53 -17.91 -26.48
C PRO C 140 -28.33 -18.87 -26.40
N GLY C 141 -27.15 -18.30 -26.54
CA GLY C 141 -25.90 -19.07 -26.30
C GLY C 141 -25.57 -19.16 -24.82
N GLN C 142 -24.40 -19.70 -24.52
CA GLN C 142 -23.99 -19.88 -23.15
C GLN C 142 -23.85 -18.49 -22.49
N GLY C 143 -24.07 -18.41 -21.19
CA GLY C 143 -23.81 -17.17 -20.48
C GLY C 143 -24.96 -16.66 -19.66
N ALA C 144 -26.12 -17.32 -19.79
CA ALA C 144 -27.34 -16.85 -19.14
C ALA C 144 -27.69 -17.70 -17.94
N HIS C 145 -27.02 -18.83 -17.79
CA HIS C 145 -27.45 -19.79 -16.82
C HIS C 145 -27.11 -19.31 -15.41
N TRP C 146 -27.95 -19.62 -14.44
CA TRP C 146 -27.60 -19.30 -13.07
C TRP C 146 -27.91 -20.48 -12.17
N THR C 147 -27.01 -20.73 -11.22
CA THR C 147 -27.09 -21.97 -10.46
C THR C 147 -28.36 -21.99 -9.60
N GLY C 148 -29.10 -23.09 -9.72
CA GLY C 148 -30.39 -23.21 -9.05
C GLY C 148 -31.57 -23.07 -10.00
N VAL C 149 -31.34 -22.51 -11.19
CA VAL C 149 -32.47 -22.31 -12.13
C VAL C 149 -33.07 -23.64 -12.49
N ALA C 150 -34.38 -23.64 -12.66
CA ALA C 150 -35.18 -24.79 -13.00
C ALA C 150 -35.67 -25.63 -11.83
N GLU C 151 -35.02 -25.56 -10.68
CA GLU C 151 -35.45 -26.38 -9.55
C GLU C 151 -36.82 -25.93 -9.06
N ARG C 152 -36.94 -24.65 -8.83
CA ARG C 152 -38.20 -24.10 -8.36
C ARG C 152 -39.33 -24.26 -9.37
N LEU C 153 -39.04 -24.03 -10.64
CA LEU C 153 -40.04 -24.20 -11.70
C LEU C 153 -40.46 -25.68 -11.90
N TRP C 154 -39.53 -26.62 -11.68
CA TRP C 154 -39.87 -28.04 -11.66
C TRP C 154 -40.98 -28.34 -10.62
N ARG C 155 -40.85 -27.74 -9.45
CA ARG C 155 -41.83 -27.95 -8.38
C ARG C 155 -43.15 -27.29 -8.69
N GLU C 156 -43.13 -26.24 -9.50
CA GLU C 156 -44.27 -25.31 -9.53
C GLU C 156 -45.09 -25.36 -10.80
N ALA C 157 -44.56 -25.99 -11.83
CA ALA C 157 -45.19 -26.00 -13.14
C ALA C 157 -45.12 -27.38 -13.74
N PRO C 158 -46.24 -28.09 -13.72
CA PRO C 158 -46.24 -29.50 -14.14
C PRO C 158 -45.80 -29.75 -15.57
N VAL C 159 -46.08 -28.81 -16.47
CA VAL C 159 -45.67 -28.97 -17.87
C VAL C 159 -44.14 -28.92 -17.99
N PHE C 160 -43.53 -28.02 -17.23
CA PHE C 160 -42.09 -27.86 -17.25
C PHE C 160 -41.41 -29.04 -16.54
N ALA C 161 -42.04 -29.51 -15.48
CA ALA C 161 -41.59 -30.78 -14.81
C ALA C 161 -41.58 -31.96 -15.78
N ASP C 162 -42.67 -32.13 -16.51
CA ASP C 162 -42.80 -33.26 -17.39
C ASP C 162 -41.68 -33.27 -18.47
N SER C 163 -41.48 -32.10 -19.11
CA SER C 163 -40.43 -31.97 -20.11
C SER C 163 -39.07 -32.18 -19.44
N MET C 164 -38.86 -31.61 -18.28
CA MET C 164 -37.56 -31.78 -17.63
C MET C 164 -37.29 -33.27 -17.32
N ALA C 165 -38.34 -34.00 -16.97
CA ALA C 165 -38.21 -35.43 -16.64
C ALA C 165 -37.94 -36.23 -17.87
N ARG C 166 -38.57 -35.85 -18.97
CA ARG C 166 -38.27 -36.43 -20.27
C ARG C 166 -36.81 -36.14 -20.73
N CYS C 167 -36.31 -34.93 -20.47
CA CYS C 167 -34.89 -34.61 -20.69
C CYS C 167 -33.94 -35.42 -19.78
N ALA C 168 -34.33 -35.56 -18.53
CA ALA C 168 -33.59 -36.36 -17.57
C ALA C 168 -33.42 -37.83 -18.02
N ASP C 169 -34.47 -38.43 -18.59
CA ASP C 169 -34.35 -39.78 -19.19
C ASP C 169 -33.29 -39.83 -20.28
N VAL C 170 -33.37 -38.88 -21.21
CA VAL C 170 -32.47 -38.84 -22.33
C VAL C 170 -31.03 -38.60 -21.89
N LEU C 171 -30.84 -37.72 -20.91
CA LEU C 171 -29.51 -37.38 -20.46
C LEU C 171 -28.89 -38.47 -19.55
N ARG C 172 -29.74 -39.21 -18.85
CA ARG C 172 -29.30 -40.32 -18.01
C ARG C 172 -28.61 -41.40 -18.88
N ASP C 173 -29.21 -41.72 -20.02
CA ASP C 173 -28.67 -42.70 -20.92
C ASP C 173 -27.29 -42.26 -21.42
N LEU C 174 -27.17 -40.98 -21.77
CA LEU C 174 -26.00 -40.46 -22.48
C LEU C 174 -24.84 -40.10 -21.54
N ALA C 175 -25.18 -39.39 -20.47
CA ALA C 175 -24.17 -38.70 -19.64
C ALA C 175 -23.97 -39.39 -18.28
N GLY C 176 -24.93 -40.24 -17.90
CA GLY C 176 -24.88 -40.96 -16.63
C GLY C 176 -25.69 -40.27 -15.54
N TRP C 177 -25.50 -38.97 -15.43
CA TRP C 177 -25.87 -38.24 -14.23
C TRP C 177 -27.34 -37.88 -14.23
N GLU C 178 -27.82 -37.45 -13.05
CA GLU C 178 -29.25 -37.21 -12.85
C GLU C 178 -29.53 -35.71 -12.93
N LEU C 179 -30.31 -35.32 -13.95
CA LEU C 179 -30.50 -33.90 -14.27
C LEU C 179 -30.91 -33.06 -13.03
N ARG C 180 -31.88 -33.52 -12.27
CA ARG C 180 -32.39 -32.72 -11.14
C ARG C 180 -31.38 -32.49 -10.05
N GLU C 181 -30.43 -33.40 -9.92
CA GLU C 181 -29.43 -33.26 -8.87
C GLU C 181 -28.34 -32.28 -9.29
N VAL C 182 -27.95 -32.35 -10.56
CA VAL C 182 -26.93 -31.45 -11.12
C VAL C 182 -27.41 -29.96 -11.19
N LEU C 183 -28.73 -29.74 -11.24
CA LEU C 183 -29.29 -28.39 -11.33
C LEU C 183 -28.83 -27.46 -10.25
N VAL C 184 -28.64 -28.00 -9.05
CA VAL C 184 -28.26 -27.17 -7.92
C VAL C 184 -26.79 -27.26 -7.55
N ASP C 185 -26.00 -28.00 -8.33
CA ASP C 185 -24.56 -28.19 -8.04
C ASP C 185 -23.67 -27.16 -8.77
N PRO C 186 -23.23 -26.12 -8.06
CA PRO C 186 -22.45 -25.01 -8.63
C PRO C 186 -21.11 -25.43 -9.18
N VAL C 187 -20.57 -26.53 -8.68
CA VAL C 187 -19.24 -26.96 -9.06
C VAL C 187 -19.33 -27.80 -10.36
N ALA C 188 -20.28 -28.70 -10.40
CA ALA C 188 -20.54 -29.42 -11.63
C ALA C 188 -20.95 -28.46 -12.78
N LEU C 189 -21.73 -27.42 -12.46
CA LEU C 189 -22.23 -26.53 -13.50
C LEU C 189 -21.14 -25.59 -14.03
N GLU C 190 -19.96 -25.60 -13.41
CA GLU C 190 -18.83 -24.86 -13.96
C GLU C 190 -18.18 -25.62 -15.10
N ARG C 191 -18.51 -26.90 -15.22
CA ARG C 191 -17.95 -27.73 -16.29
C ARG C 191 -18.84 -27.67 -17.50
N VAL C 192 -18.26 -27.34 -18.65
CA VAL C 192 -19.04 -27.13 -19.88
C VAL C 192 -19.81 -28.36 -20.32
N ASP C 193 -19.19 -29.53 -20.13
CA ASP C 193 -19.87 -30.79 -20.48
C ASP C 193 -21.09 -31.14 -19.59
N VAL C 194 -21.22 -30.49 -18.44
CA VAL C 194 -22.41 -30.62 -17.63
C VAL C 194 -23.34 -29.43 -17.90
N LEU C 195 -22.74 -28.22 -17.96
CA LEU C 195 -23.55 -26.97 -18.15
C LEU C 195 -24.33 -26.98 -19.44
N GLN C 196 -23.68 -27.33 -20.54
CA GLN C 196 -24.38 -27.25 -21.85
C GLN C 196 -25.55 -28.23 -21.97
N PRO C 197 -25.36 -29.49 -21.52
CA PRO C 197 -26.55 -30.36 -21.59
C PRO C 197 -27.66 -29.98 -20.63
N VAL C 198 -27.31 -29.44 -19.47
CA VAL C 198 -28.35 -28.96 -18.54
C VAL C 198 -29.11 -27.76 -19.13
N SER C 199 -28.39 -26.86 -19.77
CA SER C 199 -28.98 -25.65 -20.33
C SER C 199 -29.91 -25.98 -21.46
N PHE C 200 -29.50 -26.93 -22.29
CA PHE C 200 -30.35 -27.50 -23.31
C PHE C 200 -31.67 -28.03 -22.77
N ALA C 201 -31.61 -28.83 -21.69
CA ALA C 201 -32.82 -29.39 -21.07
C ALA C 201 -33.71 -28.25 -20.60
N VAL C 202 -33.13 -27.27 -19.91
CA VAL C 202 -33.90 -26.15 -19.34
C VAL C 202 -34.59 -25.31 -20.44
N VAL C 203 -33.89 -24.96 -21.51
CA VAL C 203 -34.54 -24.13 -22.54
C VAL C 203 -35.56 -24.89 -23.38
N VAL C 204 -35.31 -26.16 -23.66
CA VAL C 204 -36.31 -26.99 -24.37
C VAL C 204 -37.58 -27.08 -23.51
N SER C 205 -37.38 -27.19 -22.21
CA SER C 205 -38.49 -27.37 -21.30
C SER C 205 -39.24 -26.06 -21.03
N LEU C 206 -38.55 -24.93 -21.15
CA LEU C 206 -39.23 -23.63 -21.12
C LEU C 206 -40.04 -23.39 -22.38
N ALA C 207 -39.56 -23.86 -23.53
CA ALA C 207 -40.32 -23.77 -24.77
C ALA C 207 -41.63 -24.57 -24.65
N ALA C 208 -41.54 -25.73 -24.00
CA ALA C 208 -42.74 -26.53 -23.74
C ALA C 208 -43.72 -25.81 -22.82
N LEU C 209 -43.21 -25.11 -21.82
CA LEU C 209 -44.06 -24.37 -20.95
C LEU C 209 -44.74 -23.19 -21.67
N TRP C 210 -43.99 -22.45 -22.50
CA TRP C 210 -44.60 -21.44 -23.36
C TRP C 210 -45.72 -22.02 -24.22
N ALA C 211 -45.47 -23.19 -24.82
CA ALA C 211 -46.44 -23.79 -25.72
C ALA C 211 -47.75 -24.05 -24.95
N SER C 212 -47.64 -24.45 -23.69
CA SER C 212 -48.83 -24.80 -22.89
C SER C 212 -49.70 -23.58 -22.55
N VAL C 213 -49.15 -22.37 -22.63
CA VAL C 213 -49.98 -21.15 -22.58
C VAL C 213 -50.17 -20.52 -23.95
N GLY C 214 -50.08 -21.34 -24.98
CA GLY C 214 -50.49 -20.95 -26.31
C GLY C 214 -49.51 -20.03 -27.04
N VAL C 215 -48.27 -20.01 -26.59
CA VAL C 215 -47.25 -19.20 -27.27
C VAL C 215 -46.32 -20.16 -28.01
N ARG C 216 -46.57 -20.29 -29.29
CA ARG C 216 -45.87 -21.23 -30.13
C ARG C 216 -45.15 -20.49 -31.25
N PRO C 217 -43.94 -20.95 -31.62
CA PRO C 217 -43.19 -20.19 -32.59
C PRO C 217 -43.72 -20.34 -33.99
N ASP C 218 -43.69 -19.25 -34.76
CA ASP C 218 -43.81 -19.31 -36.22
C ASP C 218 -42.44 -19.51 -36.87
N ALA C 219 -41.40 -19.19 -36.12
CA ALA C 219 -40.01 -19.40 -36.55
C ALA C 219 -39.12 -19.46 -35.31
N VAL C 220 -37.98 -20.12 -35.43
CA VAL C 220 -37.03 -20.15 -34.31
C VAL C 220 -35.65 -19.71 -34.76
N VAL C 221 -34.88 -19.23 -33.80
CA VAL C 221 -33.48 -18.92 -34.03
C VAL C 221 -32.71 -19.21 -32.77
N GLY C 222 -31.59 -19.90 -32.91
CA GLY C 222 -30.70 -20.17 -31.77
C GLY C 222 -29.32 -19.55 -31.97
N HIS C 223 -28.88 -18.83 -30.97
CA HIS C 223 -27.55 -18.23 -30.96
C HIS C 223 -26.51 -19.32 -30.49
N SER C 224 -25.49 -19.52 -31.29
CA SER C 224 -24.40 -20.47 -30.99
C SER C 224 -24.93 -21.77 -30.40
N GLN C 225 -24.69 -21.98 -29.13
CA GLN C 225 -25.02 -23.24 -28.52
C GLN C 225 -26.54 -23.52 -28.60
N GLY C 226 -27.31 -22.44 -28.59
CA GLY C 226 -28.76 -22.53 -28.69
C GLY C 226 -29.36 -23.01 -29.97
N GLU C 227 -28.55 -23.11 -31.01
CA GLU C 227 -29.03 -23.58 -32.29
C GLU C 227 -29.52 -25.04 -32.20
N VAL C 228 -28.90 -25.86 -31.35
CA VAL C 228 -29.34 -27.24 -31.24
C VAL C 228 -30.75 -27.30 -30.69
N ALA C 229 -30.98 -26.61 -29.57
CA ALA C 229 -32.31 -26.56 -28.99
C ALA C 229 -33.31 -26.03 -30.03
N ALA C 230 -32.93 -24.97 -30.73
CA ALA C 230 -33.84 -24.36 -31.69
C ALA C 230 -34.21 -25.41 -32.77
N ALA C 231 -33.21 -26.17 -33.24
CA ALA C 231 -33.46 -27.18 -34.25
C ALA C 231 -34.41 -28.25 -33.73
N HIS C 232 -34.28 -28.60 -32.46
CA HIS C 232 -35.15 -29.61 -31.87
C HIS C 232 -36.57 -29.03 -31.78
N VAL C 233 -36.69 -27.82 -31.26
CA VAL C 233 -37.99 -27.22 -31.05
C VAL C 233 -38.71 -26.99 -32.40
N ALA C 234 -37.93 -26.79 -33.48
CA ALA C 234 -38.48 -26.64 -34.84
C ALA C 234 -38.88 -27.99 -35.48
N GLY C 235 -38.49 -29.09 -34.87
CA GLY C 235 -38.88 -30.42 -35.34
C GLY C 235 -37.84 -31.08 -36.26
N ALA C 236 -36.67 -30.44 -36.44
CA ALA C 236 -35.63 -30.98 -37.31
C ALA C 236 -34.85 -32.12 -36.65
N LEU C 237 -34.78 -32.12 -35.31
CA LEU C 237 -34.07 -33.14 -34.54
C LEU C 237 -35.01 -33.67 -33.51
N THR C 238 -34.89 -34.96 -33.18
CA THR C 238 -35.57 -35.50 -32.03
C THR C 238 -34.88 -35.03 -30.77
N LEU C 239 -35.54 -35.18 -29.64
CA LEU C 239 -34.94 -34.76 -28.39
C LEU C 239 -33.65 -35.56 -28.14
N ALA C 240 -33.68 -36.86 -28.44
CA ALA C 240 -32.54 -37.72 -28.15
C ALA C 240 -31.36 -37.42 -29.04
N GLU C 241 -31.63 -37.01 -30.29
CA GLU C 241 -30.53 -36.72 -31.22
C GLU C 241 -29.92 -35.34 -30.94
N ALA C 242 -30.78 -34.37 -30.61
CA ALA C 242 -30.32 -33.07 -30.17
C ALA C 242 -29.47 -33.19 -28.90
N ALA C 243 -29.96 -33.94 -27.94
CA ALA C 243 -29.23 -34.16 -26.71
C ALA C 243 -27.89 -34.81 -26.99
N ARG C 244 -27.85 -35.75 -27.93
CA ARG C 244 -26.58 -36.45 -28.25
C ARG C 244 -25.54 -35.45 -28.82
N ILE C 245 -25.99 -34.56 -29.70
CA ILE C 245 -25.12 -33.55 -30.27
C ILE C 245 -24.59 -32.64 -29.13
N VAL C 246 -25.45 -32.18 -28.26
CA VAL C 246 -25.02 -31.27 -27.20
C VAL C 246 -23.99 -31.96 -26.31
N VAL C 247 -24.32 -33.16 -25.84
CA VAL C 247 -23.46 -33.93 -24.94
C VAL C 247 -22.08 -34.21 -25.56
N LEU C 248 -22.05 -34.72 -26.79
CA LEU C 248 -20.77 -35.09 -27.41
C LEU C 248 -19.93 -33.85 -27.72
N ARG C 249 -20.57 -32.78 -28.20
CA ARG C 249 -19.81 -31.60 -28.50
C ARG C 249 -19.27 -30.93 -27.23
N SER C 250 -20.10 -30.83 -26.20
CA SER C 250 -19.71 -30.13 -25.00
C SER C 250 -18.56 -30.88 -24.28
N ALA C 251 -18.58 -32.19 -24.36
CA ALA C 251 -17.47 -32.98 -23.74
C ALA C 251 -16.18 -32.77 -24.53
N LEU C 252 -16.27 -32.61 -25.84
CA LEU C 252 -15.10 -32.32 -26.69
C LEU C 252 -14.54 -30.93 -26.40
N ILE C 253 -15.42 -29.95 -26.22
CA ILE C 253 -14.98 -28.62 -25.78
C ILE C 253 -14.24 -28.72 -24.46
N ALA C 254 -14.82 -29.45 -23.51
CA ALA C 254 -14.25 -29.51 -22.16
C ALA C 254 -12.87 -30.22 -22.20
N ARG C 255 -12.71 -31.18 -23.09
CA ARG C 255 -11.45 -31.92 -23.19
C ARG C 255 -10.37 -31.05 -23.86
N GLU C 256 -10.76 -30.26 -24.87
CA GLU C 256 -9.77 -29.68 -25.79
C GLU C 256 -9.63 -28.17 -25.69
N LEU C 257 -10.69 -27.47 -25.26
CA LEU C 257 -10.70 -25.98 -25.25
C LEU C 257 -10.80 -25.36 -23.89
N SER C 258 -11.52 -26.01 -22.96
CA SER C 258 -11.74 -25.42 -21.68
C SER C 258 -10.40 -25.11 -21.01
N GLY C 259 -10.34 -23.97 -20.32
CA GLY C 259 -9.09 -23.45 -19.74
C GLY C 259 -8.16 -22.67 -20.68
N ARG C 260 -8.46 -22.60 -21.96
CA ARG C 260 -7.52 -22.02 -22.93
C ARG C 260 -8.07 -20.76 -23.60
N GLY C 261 -9.16 -20.23 -23.07
CA GLY C 261 -9.76 -19.05 -23.68
C GLY C 261 -10.89 -18.43 -22.89
N ALA C 262 -11.35 -17.28 -23.37
CA ALA C 262 -12.47 -16.58 -22.78
C ALA C 262 -13.20 -15.80 -23.84
N MET C 263 -14.42 -15.39 -23.50
CA MET C 263 -15.27 -14.62 -24.39
C MET C 263 -15.80 -13.36 -23.71
N LEU C 264 -15.86 -12.28 -24.49
CA LEU C 264 -16.11 -10.97 -23.95
C LEU C 264 -17.12 -10.26 -24.84
N THR C 265 -18.21 -9.79 -24.24
CA THR C 265 -19.17 -8.95 -24.95
C THR C 265 -18.90 -7.45 -24.77
N VAL C 266 -18.92 -6.72 -25.88
CA VAL C 266 -18.66 -5.30 -25.93
C VAL C 266 -19.92 -4.56 -26.40
N VAL C 267 -20.26 -3.48 -25.70
CA VAL C 267 -21.33 -2.59 -26.10
C VAL C 267 -20.85 -1.61 -27.17
N ALA C 268 -20.90 -2.04 -28.43
CA ALA C 268 -20.42 -1.30 -29.57
C ALA C 268 -20.86 -2.08 -30.78
N ASP C 269 -20.80 -1.48 -31.97
CA ASP C 269 -21.09 -2.22 -33.18
C ASP C 269 -19.82 -2.86 -33.74
N VAL C 270 -20.00 -3.77 -34.69
CA VAL C 270 -18.89 -4.63 -35.14
C VAL C 270 -17.81 -3.78 -35.85
N GLU C 271 -18.22 -2.70 -36.48
CA GLU C 271 -17.25 -1.77 -37.12
C GLU C 271 -16.32 -1.14 -36.07
N ARG C 272 -16.91 -0.66 -35.00
CA ARG C 272 -16.14 -0.12 -33.90
C ARG C 272 -15.23 -1.16 -33.25
N VAL C 273 -15.76 -2.36 -33.00
CA VAL C 273 -14.93 -3.40 -32.37
C VAL C 273 -13.81 -3.83 -33.32
N THR C 274 -14.11 -3.92 -34.60
CA THR C 274 -13.08 -4.27 -35.55
C THR C 274 -11.94 -3.23 -35.55
N ALA C 275 -12.30 -1.96 -35.49
CA ALA C 275 -11.30 -0.89 -35.37
C ALA C 275 -10.47 -1.06 -34.14
N LEU C 276 -11.12 -1.39 -33.03
CA LEU C 276 -10.43 -1.48 -31.75
C LEU C 276 -9.57 -2.71 -31.66
N LEU C 277 -9.78 -3.67 -32.55
CA LEU C 277 -8.97 -4.90 -32.55
C LEU C 277 -7.70 -4.76 -33.37
N ALA C 278 -7.41 -3.57 -33.86
CA ALA C 278 -6.12 -3.35 -34.54
C ALA C 278 -5.00 -3.69 -33.59
N GLY C 279 -4.08 -4.53 -34.06
CA GLY C 279 -2.99 -5.04 -33.27
C GLY C 279 -3.30 -6.32 -32.55
N PHE C 280 -4.56 -6.80 -32.66
CA PHE C 280 -4.93 -8.07 -32.00
C PHE C 280 -5.18 -9.20 -33.03
N GLU C 281 -4.78 -8.95 -34.27
CA GLU C 281 -4.99 -9.90 -35.38
C GLU C 281 -4.44 -11.27 -34.96
N GLY C 282 -5.27 -12.29 -35.10
CA GLY C 282 -4.89 -13.63 -34.69
C GLY C 282 -4.79 -13.85 -33.20
N ARG C 283 -5.24 -12.89 -32.39
CA ARG C 283 -5.16 -13.08 -30.92
C ARG C 283 -6.53 -12.91 -30.26
N VAL C 284 -7.31 -11.95 -30.75
CA VAL C 284 -8.70 -11.77 -30.29
C VAL C 284 -9.53 -11.49 -31.51
N CYS C 285 -10.59 -12.27 -31.72
CA CYS C 285 -11.39 -12.10 -32.93
C CYS C 285 -12.86 -11.88 -32.58
N VAL C 286 -13.62 -11.37 -33.54
CA VAL C 286 -15.07 -11.25 -33.40
C VAL C 286 -15.70 -12.64 -33.48
N ALA C 287 -16.50 -12.93 -32.46
CA ALA C 287 -17.13 -14.23 -32.33
C ALA C 287 -18.65 -14.22 -32.57
N ALA C 288 -19.28 -13.09 -32.30
CA ALA C 288 -20.73 -12.93 -32.47
C ALA C 288 -21.08 -11.49 -32.73
N VAL C 289 -22.01 -11.27 -33.66
CA VAL C 289 -22.54 -9.97 -33.89
C VAL C 289 -24.02 -10.05 -33.56
N ASN C 290 -24.37 -9.47 -32.43
CA ASN C 290 -25.71 -9.63 -31.85
C ASN C 290 -26.65 -8.47 -32.18
N GLY C 291 -26.10 -7.30 -32.45
CA GLY C 291 -26.90 -6.10 -32.63
C GLY C 291 -25.98 -4.92 -32.84
N PRO C 292 -26.55 -3.72 -32.93
CA PRO C 292 -25.73 -2.54 -33.13
C PRO C 292 -24.95 -2.15 -31.89
N ALA C 293 -25.30 -2.74 -30.76
CA ALA C 293 -24.62 -2.41 -29.53
C ALA C 293 -24.24 -3.65 -28.76
N SER C 294 -23.97 -4.73 -29.47
CA SER C 294 -23.56 -6.00 -28.81
C SER C 294 -22.76 -6.89 -29.74
N VAL C 295 -21.46 -6.94 -29.49
CA VAL C 295 -20.51 -7.75 -30.26
C VAL C 295 -19.61 -8.48 -29.29
N THR C 296 -19.48 -9.77 -29.50
CA THR C 296 -18.70 -10.62 -28.59
C THR C 296 -17.40 -11.04 -29.26
N VAL C 297 -16.30 -10.94 -28.53
CA VAL C 297 -15.00 -11.37 -29.03
C VAL C 297 -14.44 -12.52 -28.18
N SER C 298 -13.41 -13.18 -28.71
CA SER C 298 -12.94 -14.45 -28.16
C SER C 298 -11.42 -14.61 -28.39
N GLY C 299 -10.76 -15.18 -27.41
CA GLY C 299 -9.36 -15.60 -27.55
C GLY C 299 -8.82 -16.01 -26.21
N GLU C 300 -7.50 -16.23 -26.18
CA GLU C 300 -6.81 -16.62 -24.94
C GLU C 300 -6.97 -15.54 -23.87
N ASP C 301 -7.00 -15.97 -22.61
CA ASP C 301 -7.31 -15.07 -21.48
C ASP C 301 -6.42 -13.80 -21.46
N GLY C 302 -5.11 -13.99 -21.52
CA GLY C 302 -4.17 -12.87 -21.53
C GLY C 302 -4.48 -11.85 -22.59
N ALA C 303 -4.62 -12.32 -23.81
CA ALA C 303 -4.88 -11.47 -24.92
C ALA C 303 -6.23 -10.72 -24.76
N VAL C 304 -7.24 -11.41 -24.23
CA VAL C 304 -8.53 -10.79 -23.99
C VAL C 304 -8.40 -9.72 -22.89
N ARG C 305 -7.54 -9.97 -21.91
CA ARG C 305 -7.29 -8.96 -20.86
C ARG C 305 -6.53 -7.73 -21.38
N GLU C 306 -5.65 -7.91 -22.34
CA GLU C 306 -5.05 -6.78 -23.04
C GLU C 306 -6.09 -5.96 -23.82
N PHE C 307 -6.99 -6.65 -24.49
CA PHE C 307 -8.06 -5.96 -25.19
C PHE C 307 -8.94 -5.17 -24.21
N GLU C 308 -9.22 -5.76 -23.06
CA GLU C 308 -10.05 -5.11 -22.06
C GLU C 308 -9.44 -3.78 -21.57
N ARG C 309 -8.11 -3.72 -21.53
CA ARG C 309 -7.40 -2.47 -21.23
C ARG C 309 -7.54 -1.44 -22.32
N VAL C 310 -7.51 -1.88 -23.57
CA VAL C 310 -7.88 -1.01 -24.66
C VAL C 310 -9.31 -0.45 -24.51
N LEU C 311 -10.27 -1.31 -24.15
CA LEU C 311 -11.66 -0.85 -24.07
C LEU C 311 -11.83 0.10 -22.90
N SER C 312 -11.21 -0.26 -21.81
CA SER C 312 -11.28 0.50 -20.58
C SER C 312 -10.81 1.94 -20.78
N ALA C 313 -9.73 2.10 -21.53
CA ALA C 313 -9.15 3.42 -21.75
C ALA C 313 -10.12 4.27 -22.54
N ARG C 314 -11.00 3.60 -23.28
CA ARG C 314 -11.88 4.29 -24.20
C ARG C 314 -13.33 4.37 -23.67
N ARG C 315 -13.46 4.05 -22.40
CA ARG C 315 -14.74 4.08 -21.69
C ARG C 315 -15.79 3.22 -22.37
N MET C 316 -15.42 2.00 -22.70
CA MET C 316 -16.39 1.13 -23.29
C MET C 316 -16.81 0.04 -22.39
N LEU C 317 -18.11 -0.21 -22.44
CA LEU C 317 -18.71 -1.19 -21.58
C LEU C 317 -18.47 -2.56 -22.15
N ARG C 318 -18.12 -3.49 -21.30
CA ARG C 318 -17.82 -4.84 -21.73
C ARG C 318 -17.86 -5.75 -20.53
N TRP C 319 -18.05 -7.04 -20.76
CA TRP C 319 -17.98 -8.04 -19.69
C TRP C 319 -17.69 -9.40 -20.26
N ARG C 320 -17.05 -10.23 -19.44
CA ARG C 320 -16.83 -11.61 -19.77
C ARG C 320 -18.16 -12.37 -19.76
N LEU C 321 -18.29 -13.34 -20.65
CA LEU C 321 -19.44 -14.25 -20.63
C LEU C 321 -19.27 -15.15 -19.44
N PRO C 322 -20.19 -15.06 -18.46
CA PRO C 322 -20.02 -15.84 -17.22
C PRO C 322 -19.95 -17.32 -17.49
N GLY C 323 -18.92 -17.96 -16.95
CA GLY C 323 -18.85 -19.42 -16.99
C GLY C 323 -18.30 -19.98 -18.28
N VAL C 324 -17.96 -19.11 -19.23
CA VAL C 324 -17.40 -19.57 -20.49
C VAL C 324 -15.86 -19.57 -20.36
N ASP C 325 -15.28 -20.77 -20.38
CA ASP C 325 -13.85 -20.95 -20.12
C ASP C 325 -13.10 -21.39 -21.37
N PHE C 326 -13.67 -21.09 -22.53
CA PHE C 326 -13.08 -21.44 -23.79
C PHE C 326 -13.25 -20.32 -24.83
N ALA C 327 -12.39 -20.32 -25.83
CA ALA C 327 -12.45 -19.34 -26.91
C ALA C 327 -13.29 -19.84 -28.04
N GLY C 328 -14.61 -19.78 -27.85
CA GLY C 328 -15.54 -20.24 -28.91
C GLY C 328 -15.42 -19.40 -30.18
N HIS C 329 -15.72 -20.00 -31.33
CA HIS C 329 -15.80 -19.28 -32.58
C HIS C 329 -14.50 -18.60 -32.90
N SER C 330 -13.40 -19.31 -32.64
CA SER C 330 -12.05 -18.82 -32.87
C SER C 330 -11.24 -19.91 -33.55
N PRO C 331 -10.04 -19.57 -34.01
CA PRO C 331 -9.23 -20.59 -34.68
C PRO C 331 -8.84 -21.74 -33.75
N GLN C 332 -8.92 -21.54 -32.45
CA GLN C 332 -8.72 -22.64 -31.51
C GLN C 332 -9.62 -23.80 -31.85
N VAL C 333 -10.76 -23.51 -32.48
CA VAL C 333 -11.77 -24.56 -32.76
C VAL C 333 -11.32 -25.49 -33.91
N ASP C 334 -10.40 -25.02 -34.75
CA ASP C 334 -9.96 -25.78 -35.94
C ASP C 334 -9.47 -27.18 -35.56
N ALA C 335 -8.82 -27.26 -34.40
CA ALA C 335 -8.16 -28.48 -34.00
C ALA C 335 -9.16 -29.55 -33.55
N LEU C 336 -10.43 -29.17 -33.33
CA LEU C 336 -11.43 -30.17 -32.91
C LEU C 336 -12.22 -30.73 -34.09
N ARG C 337 -12.05 -30.17 -35.29
CA ARG C 337 -12.93 -30.51 -36.39
C ARG C 337 -12.97 -32.03 -36.64
N ALA C 338 -11.79 -32.64 -36.75
CA ALA C 338 -11.71 -34.06 -37.03
C ALA C 338 -12.39 -34.90 -35.98
N GLU C 339 -12.08 -34.71 -34.69
CA GLU C 339 -12.73 -35.49 -33.67
C GLU C 339 -14.27 -35.23 -33.60
N LEU C 340 -14.69 -34.00 -33.79
CA LEU C 340 -16.14 -33.70 -33.70
C LEU C 340 -16.92 -34.39 -34.84
N LEU C 341 -16.40 -34.33 -36.06
CA LEU C 341 -17.04 -34.99 -37.23
C LEU C 341 -17.13 -36.50 -37.02
N ALA C 342 -16.10 -37.09 -36.44
CA ALA C 342 -16.13 -38.53 -36.14
C ALA C 342 -17.13 -38.84 -35.04
N ALA C 343 -17.03 -38.15 -33.91
CA ALA C 343 -17.92 -38.40 -32.79
C ALA C 343 -19.37 -38.26 -33.20
N LEU C 344 -19.70 -37.20 -33.93
CA LEU C 344 -21.09 -36.95 -34.30
C LEU C 344 -21.53 -37.95 -35.35
N GLY C 345 -20.64 -38.24 -36.29
CA GLY C 345 -20.93 -39.21 -37.34
C GLY C 345 -22.04 -38.74 -38.24
N ASP C 346 -22.93 -39.67 -38.62
CA ASP C 346 -24.18 -39.30 -39.30
C ASP C 346 -25.20 -38.75 -38.26
N ILE C 347 -25.80 -37.61 -38.60
CA ILE C 347 -26.80 -36.98 -37.76
C ILE C 347 -28.15 -37.44 -38.30
N ALA C 348 -29.03 -37.84 -37.41
CA ALA C 348 -30.40 -38.09 -37.78
C ALA C 348 -31.16 -36.74 -37.77
N SER C 349 -31.50 -36.25 -38.95
CA SER C 349 -32.31 -35.02 -39.06
C SER C 349 -33.30 -35.06 -40.20
N ARG C 350 -34.32 -34.21 -40.13
CA ARG C 350 -35.27 -34.06 -41.18
C ARG C 350 -35.62 -32.57 -41.31
N GLU C 351 -36.46 -32.26 -42.28
CA GLU C 351 -36.89 -30.89 -42.53
C GLU C 351 -37.65 -30.35 -41.34
N PRO C 352 -37.35 -29.12 -40.89
CA PRO C 352 -38.12 -28.60 -39.75
C PRO C 352 -39.56 -28.25 -40.12
N GLU C 353 -40.45 -28.40 -39.16
CA GLU C 353 -41.87 -28.10 -39.34
C GLU C 353 -42.15 -26.61 -39.28
N ILE C 354 -41.29 -25.85 -38.60
CA ILE C 354 -41.32 -24.40 -38.71
C ILE C 354 -39.96 -23.83 -39.09
N PRO C 355 -39.96 -22.65 -39.74
CA PRO C 355 -38.72 -22.13 -40.23
C PRO C 355 -37.68 -22.00 -39.14
N LEU C 356 -36.48 -22.45 -39.46
CA LEU C 356 -35.33 -22.40 -38.58
C LEU C 356 -34.29 -21.48 -39.22
N LEU C 357 -33.97 -20.39 -38.56
CA LEU C 357 -32.97 -19.45 -39.10
C LEU C 357 -31.65 -19.79 -38.44
N SER C 358 -30.66 -20.20 -39.22
CA SER C 358 -29.34 -20.48 -38.63
C SER C 358 -28.61 -19.20 -38.33
N THR C 359 -27.89 -19.20 -37.21
CA THR C 359 -26.95 -18.13 -36.91
C THR C 359 -25.52 -18.46 -37.38
N VAL C 360 -25.37 -19.56 -38.12
CA VAL C 360 -24.16 -19.77 -38.93
C VAL C 360 -24.19 -18.87 -40.17
N THR C 361 -25.34 -18.80 -40.82
CA THR C 361 -25.47 -18.16 -42.10
C THR C 361 -26.30 -16.90 -42.02
N GLY C 362 -27.14 -16.82 -40.99
CA GLY C 362 -28.20 -15.82 -40.94
C GLY C 362 -29.35 -16.05 -41.92
N GLU C 363 -29.44 -17.26 -42.47
CA GLU C 363 -30.48 -17.61 -43.44
C GLU C 363 -31.20 -18.90 -43.02
N PRO C 364 -32.32 -19.23 -43.68
CA PRO C 364 -32.97 -20.50 -43.30
C PRO C 364 -32.00 -21.67 -43.37
N ALA C 365 -32.02 -22.53 -42.36
CA ALA C 365 -30.99 -23.54 -42.21
C ALA C 365 -31.04 -24.54 -43.36
N THR C 366 -29.91 -25.11 -43.70
CA THR C 366 -29.87 -26.17 -44.71
C THR C 366 -29.67 -27.51 -43.99
N ARG C 367 -28.80 -28.35 -44.50
CA ARG C 367 -28.59 -29.67 -43.91
C ARG C 367 -27.95 -29.56 -42.51
N LEU C 368 -28.56 -30.19 -41.50
CA LEU C 368 -28.00 -30.22 -40.13
C LEU C 368 -27.11 -31.44 -39.90
N ASP C 369 -26.09 -31.57 -40.73
CA ASP C 369 -25.11 -32.65 -40.60
C ASP C 369 -23.99 -32.25 -39.66
N ALA C 370 -23.03 -33.15 -39.47
CA ALA C 370 -21.98 -32.94 -38.51
C ALA C 370 -21.17 -31.70 -38.85
N GLU C 371 -20.96 -31.46 -40.15
CA GLU C 371 -20.21 -30.28 -40.56
C GLU C 371 -20.99 -28.99 -40.17
N HIS C 372 -22.31 -29.05 -40.19
CA HIS C 372 -23.10 -27.90 -39.73
C HIS C 372 -22.83 -27.60 -38.25
N TRP C 373 -22.85 -28.65 -37.43
CA TRP C 373 -22.60 -28.49 -36.00
C TRP C 373 -21.18 -28.08 -35.66
N TYR C 374 -20.22 -28.42 -36.53
CA TYR C 374 -18.87 -27.89 -36.41
C TYR C 374 -18.85 -26.40 -36.73
N ARG C 375 -19.48 -26.03 -37.84
CA ARG C 375 -19.55 -24.60 -38.20
C ARG C 375 -20.28 -23.76 -37.16
N ASN C 376 -21.24 -24.36 -36.45
CA ASN C 376 -21.98 -23.69 -35.36
C ASN C 376 -21.08 -23.41 -34.14
N LEU C 377 -19.94 -24.10 -34.07
CA LEU C 377 -18.95 -23.81 -33.04
C LEU C 377 -17.77 -22.96 -33.57
N ARG C 378 -17.45 -23.07 -34.85
CA ARG C 378 -16.27 -22.37 -35.40
C ARG C 378 -16.62 -20.96 -35.86
N GLU C 379 -17.71 -20.85 -36.60
CA GLU C 379 -17.99 -19.63 -37.36
C GLU C 379 -18.61 -18.52 -36.50
N PRO C 380 -18.37 -17.27 -36.88
CA PRO C 380 -18.97 -16.19 -36.08
C PRO C 380 -20.50 -16.25 -36.08
N VAL C 381 -21.10 -15.82 -35.00
CA VAL C 381 -22.54 -15.95 -34.82
C VAL C 381 -23.26 -14.75 -35.45
N ARG C 382 -24.03 -15.01 -36.50
CA ARG C 382 -24.78 -13.99 -37.18
C ARG C 382 -26.20 -13.84 -36.57
N PHE C 383 -26.24 -13.42 -35.32
CA PHE C 383 -27.51 -13.33 -34.64
C PHE C 383 -28.32 -12.12 -35.13
N ALA C 384 -27.68 -10.96 -35.24
CA ALA C 384 -28.34 -9.76 -35.75
C ALA C 384 -28.92 -9.98 -37.13
N ASP C 385 -28.16 -10.66 -37.97
CA ASP C 385 -28.59 -10.93 -39.33
C ASP C 385 -29.84 -11.81 -39.33
N ALA C 386 -29.85 -12.82 -38.49
CA ALA C 386 -31.01 -13.73 -38.41
C ALA C 386 -32.26 -12.99 -37.91
N VAL C 387 -32.10 -12.17 -36.90
CA VAL C 387 -33.23 -11.43 -36.36
C VAL C 387 -33.77 -10.41 -37.42
N THR C 388 -32.86 -9.75 -38.12
CA THR C 388 -33.21 -8.81 -39.18
C THR C 388 -33.98 -9.50 -40.34
N ALA C 389 -33.54 -10.69 -40.72
CA ALA C 389 -34.28 -11.48 -41.72
C ALA C 389 -35.72 -11.76 -41.27
N LEU C 390 -35.91 -12.03 -39.98
CA LEU C 390 -37.26 -12.32 -39.46
C LEU C 390 -38.11 -11.03 -39.35
N LEU C 391 -37.49 -9.94 -38.95
CA LEU C 391 -38.20 -8.65 -38.92
C LEU C 391 -38.65 -8.29 -40.34
N ASP C 392 -37.81 -8.54 -41.33
CA ASP C 392 -38.18 -8.23 -42.70
C ASP C 392 -39.29 -9.15 -43.25
N ARG C 393 -39.60 -10.22 -42.52
CA ARG C 393 -40.65 -11.16 -42.93
C ARG C 393 -41.84 -11.13 -41.94
N GLY C 394 -42.05 -9.97 -41.33
CA GLY C 394 -43.26 -9.70 -40.58
C GLY C 394 -43.32 -10.31 -39.19
N HIS C 395 -42.16 -10.70 -38.62
CA HIS C 395 -42.12 -11.19 -37.19
C HIS C 395 -41.97 -9.99 -36.24
N ARG C 396 -42.83 -9.94 -35.24
CA ARG C 396 -42.93 -8.82 -34.35
C ARG C 396 -42.99 -9.20 -32.86
N VAL C 397 -42.97 -10.51 -32.58
CA VAL C 397 -42.97 -11.00 -31.21
C VAL C 397 -41.76 -11.94 -31.00
N PHE C 398 -40.88 -11.58 -30.08
CA PHE C 398 -39.64 -12.35 -29.87
C PHE C 398 -39.61 -12.75 -28.42
N VAL C 399 -39.60 -14.06 -28.18
CA VAL C 399 -39.55 -14.63 -26.84
C VAL C 399 -38.18 -15.29 -26.62
N GLU C 400 -37.39 -14.74 -25.72
CA GLU C 400 -36.09 -15.36 -25.37
C GLU C 400 -36.33 -16.42 -24.33
N VAL C 401 -36.04 -17.65 -24.72
CA VAL C 401 -36.36 -18.83 -23.94
C VAL C 401 -35.11 -19.17 -23.12
N SER C 402 -34.96 -18.47 -22.00
CA SER C 402 -33.68 -18.45 -21.30
C SER C 402 -33.87 -18.24 -19.79
N PRO C 403 -32.87 -18.61 -18.99
CA PRO C 403 -32.82 -18.31 -17.57
C PRO C 403 -32.70 -16.85 -17.16
N HIS C 404 -32.21 -16.01 -18.07
CA HIS C 404 -32.00 -14.60 -17.81
C HIS C 404 -31.75 -13.93 -19.14
N PRO C 405 -32.33 -12.74 -19.34
CA PRO C 405 -32.38 -12.24 -20.71
C PRO C 405 -31.05 -11.63 -21.12
N VAL C 406 -30.52 -12.12 -22.23
CA VAL C 406 -29.19 -11.68 -22.70
C VAL C 406 -29.20 -11.08 -24.09
N LEU C 407 -30.16 -11.51 -24.90
CA LEU C 407 -30.24 -11.04 -26.28
C LEU C 407 -31.46 -10.12 -26.52
N THR C 408 -32.27 -9.90 -25.50
CA THR C 408 -33.51 -9.11 -25.68
C THR C 408 -33.20 -7.66 -26.08
N THR C 409 -32.20 -7.05 -25.44
CA THR C 409 -31.90 -5.65 -25.74
C THR C 409 -31.40 -5.47 -27.18
N SER C 410 -30.73 -6.47 -27.73
CA SER C 410 -30.30 -6.42 -29.10
C SER C 410 -31.47 -6.61 -30.04
N VAL C 411 -32.42 -7.48 -29.69
CA VAL C 411 -33.61 -7.65 -30.54
C VAL C 411 -34.40 -6.32 -30.57
N VAL C 412 -34.52 -5.69 -29.42
CA VAL C 412 -35.21 -4.43 -29.29
C VAL C 412 -34.53 -3.36 -30.16
N ASP C 413 -33.20 -3.31 -30.10
CA ASP C 413 -32.39 -2.34 -30.93
C ASP C 413 -32.65 -2.55 -32.41
N LEU C 414 -32.70 -3.81 -32.82
CA LEU C 414 -32.82 -4.15 -34.21
C LEU C 414 -34.20 -3.87 -34.74
N ALA C 415 -35.21 -4.07 -33.86
CA ALA C 415 -36.59 -4.04 -34.24
C ALA C 415 -37.08 -2.59 -34.53
N ALA C 416 -36.39 -1.60 -33.95
CA ALA C 416 -36.83 -0.19 -34.13
C ALA C 416 -36.85 0.14 -35.64
N PRO C 417 -37.97 0.71 -36.14
CA PRO C 417 -38.95 1.42 -35.34
C PRO C 417 -40.27 0.66 -35.15
N HIS C 418 -40.28 -0.62 -35.48
CA HIS C 418 -41.50 -1.39 -35.54
C HIS C 418 -42.08 -1.61 -34.15
N ARG C 419 -43.41 -1.63 -34.06
CA ARG C 419 -44.12 -2.06 -32.86
C ARG C 419 -43.89 -3.57 -32.63
N THR C 420 -43.15 -3.89 -31.57
CA THR C 420 -42.71 -5.31 -31.36
C THR C 420 -42.82 -5.59 -29.87
N ALA C 421 -43.10 -6.85 -29.57
CA ALA C 421 -43.11 -7.30 -28.18
C ALA C 421 -41.88 -8.19 -28.00
N VAL C 422 -41.02 -7.84 -27.05
CA VAL C 422 -39.77 -8.61 -26.81
C VAL C 422 -39.70 -8.93 -25.34
N VAL C 423 -39.75 -10.23 -25.02
CA VAL C 423 -39.68 -10.65 -23.63
C VAL C 423 -38.62 -11.75 -23.45
N GLY C 424 -38.25 -12.00 -22.22
CA GLY C 424 -37.49 -13.19 -21.88
C GLY C 424 -38.42 -14.16 -21.19
N THR C 425 -37.85 -15.01 -20.33
CA THR C 425 -38.66 -16.03 -19.66
C THR C 425 -38.43 -15.95 -18.16
N LEU C 426 -37.25 -16.38 -17.67
CA LEU C 426 -36.90 -16.18 -16.25
C LEU C 426 -35.88 -15.07 -16.08
N ARG C 427 -35.49 -14.79 -14.82
CA ARG C 427 -34.34 -13.92 -14.55
C ARG C 427 -33.46 -14.57 -13.46
N ARG C 428 -32.26 -14.05 -13.30
CA ARG C 428 -31.35 -14.49 -12.22
C ARG C 428 -32.04 -14.42 -10.87
N ASP C 429 -32.01 -15.51 -10.13
CA ASP C 429 -32.64 -15.60 -8.82
C ASP C 429 -34.16 -15.44 -8.88
N GLU C 430 -34.76 -15.57 -10.07
CA GLU C 430 -36.23 -15.54 -10.17
C GLU C 430 -36.74 -16.62 -11.06
N GLY C 431 -36.81 -17.81 -10.47
CA GLY C 431 -37.11 -19.04 -11.21
C GLY C 431 -38.47 -19.62 -10.92
N GLY C 432 -39.34 -18.84 -10.32
CA GLY C 432 -40.68 -19.32 -9.99
C GLY C 432 -41.69 -19.24 -11.12
N LEU C 433 -42.81 -19.94 -10.95
CA LEU C 433 -43.93 -19.79 -11.84
C LEU C 433 -44.34 -18.34 -11.95
N ASP C 434 -44.21 -17.59 -10.85
CA ASP C 434 -44.55 -16.16 -10.85
C ASP C 434 -43.76 -15.38 -11.89
N ARG C 435 -42.48 -15.69 -12.04
CA ARG C 435 -41.65 -15.00 -13.00
C ARG C 435 -42.03 -15.41 -14.39
N PHE C 436 -42.35 -16.69 -14.59
CA PHE C 436 -42.83 -17.13 -15.89
C PHE C 436 -44.12 -16.38 -16.26
N LEU C 437 -45.04 -16.33 -15.30
CA LEU C 437 -46.34 -15.65 -15.55
C LEU C 437 -46.18 -14.15 -15.84
N LEU C 438 -45.21 -13.51 -15.22
CA LEU C 438 -44.98 -12.11 -15.52
C LEU C 438 -44.45 -11.92 -16.95
N SER C 439 -43.59 -12.83 -17.41
CA SER C 439 -43.14 -12.83 -18.80
C SER C 439 -44.31 -13.04 -19.78
N ALA C 440 -45.21 -13.95 -19.42
CA ALA C 440 -46.38 -14.20 -20.23
C ALA C 440 -47.27 -12.93 -20.25
N ALA C 441 -47.34 -12.24 -19.12
CA ALA C 441 -48.14 -11.01 -18.99
C ALA C 441 -47.55 -9.90 -19.84
N GLU C 442 -46.23 -9.90 -19.97
CA GLU C 442 -45.58 -8.90 -20.80
C GLU C 442 -45.99 -8.99 -22.23
N LEU C 443 -46.30 -10.20 -22.69
CA LEU C 443 -46.87 -10.40 -23.99
C LEU C 443 -48.32 -9.92 -24.04
N HIS C 444 -49.10 -10.40 -23.09
CA HIS C 444 -50.53 -10.05 -23.02
C HIS C 444 -50.79 -8.55 -23.13
N VAL C 445 -50.03 -7.76 -22.36
CA VAL C 445 -50.26 -6.32 -22.29
C VAL C 445 -49.89 -5.58 -23.59
N ARG C 446 -49.20 -6.27 -24.50
CA ARG C 446 -48.88 -5.74 -25.81
C ARG C 446 -49.81 -6.31 -26.86
N GLY C 447 -50.83 -7.05 -26.42
CA GLY C 447 -51.87 -7.53 -27.34
C GLY C 447 -51.59 -8.86 -27.98
N VAL C 448 -50.54 -9.54 -27.51
CA VAL C 448 -50.15 -10.81 -28.10
C VAL C 448 -51.00 -11.87 -27.42
N PRO C 449 -51.61 -12.82 -28.20
CA PRO C 449 -52.42 -13.88 -27.63
C PRO C 449 -51.59 -14.80 -26.72
N VAL C 450 -52.00 -14.92 -25.48
CA VAL C 450 -51.39 -15.86 -24.51
C VAL C 450 -52.48 -16.30 -23.52
N ASP C 451 -52.47 -17.58 -23.20
CA ASP C 451 -53.52 -18.13 -22.37
C ASP C 451 -53.18 -17.93 -20.86
N LEU C 452 -53.32 -16.70 -20.38
CA LEU C 452 -53.06 -16.43 -18.94
C LEU C 452 -54.14 -17.15 -18.07
N ALA C 453 -55.31 -17.37 -18.66
CA ALA C 453 -56.43 -17.95 -17.90
C ALA C 453 -56.10 -19.37 -17.45
N ARG C 454 -55.22 -20.04 -18.17
CA ARG C 454 -54.75 -21.38 -17.75
C ARG C 454 -54.24 -21.35 -16.33
N HIS C 455 -53.65 -20.24 -15.93
CA HIS C 455 -53.07 -20.13 -14.61
C HIS C 455 -53.76 -19.13 -13.73
N ALA C 456 -55.03 -18.82 -14.00
CA ALA C 456 -55.74 -17.75 -13.27
C ALA C 456 -56.68 -18.29 -12.15
N GLY C 457 -56.74 -19.59 -12.02
CA GLY C 457 -57.53 -20.19 -10.92
C GLY C 457 -58.99 -20.38 -11.29
N ALA C 458 -59.85 -20.42 -10.25
CA ALA C 458 -61.24 -20.85 -10.40
C ALA C 458 -62.20 -19.84 -9.75
N GLY C 459 -61.76 -18.61 -9.72
CA GLY C 459 -62.51 -17.55 -9.11
C GLY C 459 -63.82 -17.23 -9.82
N THR C 460 -64.84 -16.89 -9.03
CA THR C 460 -66.09 -16.37 -9.56
C THR C 460 -66.48 -15.02 -8.99
N ALA C 461 -65.60 -14.38 -8.22
CA ALA C 461 -65.89 -13.05 -7.66
C ALA C 461 -65.79 -11.95 -8.73
N GLU C 462 -66.85 -11.17 -8.88
CA GLU C 462 -66.92 -10.10 -9.90
C GLU C 462 -66.72 -8.78 -9.20
N VAL C 463 -66.34 -7.77 -9.95
CA VAL C 463 -66.20 -6.42 -9.40
C VAL C 463 -67.41 -5.51 -9.75
N VAL D 45 61.92 23.08 21.49
CA VAL D 45 60.85 22.05 21.69
C VAL D 45 60.27 21.65 20.34
N PRO D 46 60.48 20.40 19.89
CA PRO D 46 59.98 20.05 18.56
C PRO D 46 58.45 20.01 18.48
N VAL D 47 57.92 20.16 17.27
CA VAL D 47 56.50 20.20 17.05
C VAL D 47 56.00 18.85 16.51
N PRO D 48 54.83 18.41 16.97
CA PRO D 48 54.37 17.11 16.49
C PRO D 48 53.86 17.19 15.06
N VAL D 49 54.11 16.15 14.27
CA VAL D 49 53.56 16.06 12.90
C VAL D 49 52.86 14.69 12.69
N PRO D 50 51.87 14.65 11.83
CA PRO D 50 51.23 13.34 11.54
C PRO D 50 51.94 12.64 10.41
N VAL D 51 52.50 11.49 10.73
CA VAL D 51 53.23 10.66 9.78
C VAL D 51 52.30 9.53 9.27
N ALA D 52 51.91 9.61 8.01
CA ALA D 52 50.87 8.73 7.48
C ALA D 52 51.46 7.55 6.72
N VAL D 53 50.86 6.37 6.91
CA VAL D 53 51.26 5.11 6.23
C VAL D 53 49.97 4.40 5.84
N SER D 54 49.92 3.79 4.66
CA SER D 54 48.74 3.05 4.30
C SER D 54 49.07 1.83 3.41
N GLY D 55 48.13 0.90 3.37
CA GLY D 55 48.19 -0.23 2.45
C GLY D 55 46.83 -0.68 2.02
N ALA D 56 46.80 -1.62 1.06
CA ALA D 56 45.55 -2.13 0.56
C ALA D 56 44.98 -3.13 1.55
N THR D 57 45.85 -3.69 2.39
CA THR D 57 45.41 -4.69 3.38
C THR D 57 46.11 -4.36 4.68
N THR D 58 45.67 -4.97 5.76
CA THR D 58 46.37 -4.80 7.02
C THR D 58 47.78 -5.31 7.03
N ALA D 59 48.03 -6.43 6.36
CA ALA D 59 49.39 -6.87 6.27
C ALA D 59 50.26 -5.92 5.45
N GLY D 60 49.69 -5.26 4.44
CA GLY D 60 50.44 -4.34 3.59
C GLY D 60 50.80 -3.08 4.41
N LEU D 61 49.84 -2.65 5.20
CA LEU D 61 50.00 -1.49 6.11
C LEU D 61 51.14 -1.74 7.07
N ARG D 62 51.10 -2.90 7.72
CA ARG D 62 52.20 -3.29 8.60
C ARG D 62 53.55 -3.41 7.92
N ALA D 63 53.58 -3.97 6.70
CA ALA D 63 54.83 -4.05 5.96
C ALA D 63 55.33 -2.67 5.57
N GLN D 64 54.41 -1.78 5.20
CA GLN D 64 54.79 -0.37 4.90
C GLN D 64 55.38 0.34 6.12
N ALA D 65 54.82 0.05 7.27
CA ALA D 65 55.34 0.65 8.52
C ALA D 65 56.75 0.17 8.80
N ALA D 66 56.99 -1.11 8.61
CA ALA D 66 58.34 -1.69 8.77
C ALA D 66 59.34 -1.15 7.77
N ARG D 67 58.91 -0.97 6.54
CA ARG D 67 59.82 -0.45 5.52
C ARG D 67 60.22 0.99 5.88
N LEU D 68 59.27 1.80 6.36
CA LEU D 68 59.59 3.20 6.69
C LEU D 68 60.50 3.27 7.91
N ALA D 69 60.26 2.39 8.89
CA ALA D 69 61.16 2.31 10.07
C ALA D 69 62.58 1.92 9.66
N GLY D 70 62.70 0.97 8.73
CA GLY D 70 64.02 0.57 8.24
C GLY D 70 64.74 1.68 7.53
N HIS D 71 63.98 2.42 6.72
CA HIS D 71 64.51 3.58 5.99
C HIS D 71 65.03 4.64 6.98
N LEU D 72 64.25 4.90 8.01
CA LEU D 72 64.66 5.82 9.04
C LEU D 72 65.92 5.35 9.72
N ARG D 73 65.98 4.07 10.04
CA ARG D 73 67.14 3.54 10.76
C ARG D 73 68.41 3.53 9.93
N GLU D 74 68.29 3.54 8.61
CA GLU D 74 69.47 3.71 7.75
C GLU D 74 69.92 5.17 7.68
N ARG D 75 69.08 6.09 8.16
CA ARG D 75 69.30 7.53 7.95
C ARG D 75 69.13 8.30 9.26
N PRO D 76 70.15 8.21 10.12
CA PRO D 76 70.02 8.60 11.52
C PRO D 76 69.63 10.06 11.73
N ALA D 77 69.89 10.93 10.76
CA ALA D 77 69.56 12.35 10.94
C ALA D 77 68.10 12.67 10.62
N LEU D 78 67.40 11.73 9.98
CA LEU D 78 66.03 11.99 9.51
C LEU D 78 65.03 12.04 10.65
N GLY D 79 64.26 13.12 10.72
CA GLY D 79 63.17 13.25 11.71
C GLY D 79 61.79 13.20 11.09
N PRO D 80 60.74 13.02 11.92
CA PRO D 80 59.37 12.96 11.40
C PRO D 80 59.06 14.18 10.55
N GLU D 81 59.61 15.32 10.95
CA GLU D 81 59.26 16.58 10.28
C GLU D 81 59.86 16.71 8.85
N ALA D 82 60.90 15.92 8.57
CA ALA D 82 61.49 15.85 7.25
C ALA D 82 60.66 14.99 6.28
N VAL D 83 59.92 13.99 6.80
CA VAL D 83 59.19 13.09 5.87
C VAL D 83 57.68 13.23 5.86
N ALA D 84 57.10 13.82 6.88
CA ALA D 84 55.63 13.77 6.98
C ALA D 84 54.92 14.39 5.77
N ARG D 85 55.35 15.56 5.32
CA ARG D 85 54.60 16.19 4.28
C ARG D 85 54.56 15.36 2.99
N PRO D 86 55.72 14.87 2.53
CA PRO D 86 55.65 14.11 1.28
C PRO D 86 54.91 12.78 1.42
N LEU D 87 55.00 12.16 2.60
CA LEU D 87 54.17 10.94 2.84
C LEU D 87 52.70 11.16 2.70
N LEU D 88 52.21 12.37 3.01
CA LEU D 88 50.79 12.64 2.91
C LEU D 88 50.39 13.07 1.51
N LEU D 89 51.22 13.90 0.88
CA LEU D 89 50.80 14.55 -0.34
C LEU D 89 51.15 13.73 -1.58
N SER D 90 52.20 12.92 -1.49
CA SER D 90 52.70 12.17 -2.67
C SER D 90 52.30 10.67 -2.70
N ARG D 91 51.66 10.16 -1.66
CA ARG D 91 51.24 8.74 -1.64
C ARG D 91 49.74 8.62 -1.60
N ALA D 92 49.23 7.65 -2.36
CA ALA D 92 47.84 7.31 -2.28
C ALA D 92 47.53 6.89 -0.85
N GLN D 93 46.37 7.31 -0.37
CA GLN D 93 45.93 6.92 0.96
C GLN D 93 44.92 5.76 0.84
N ARG D 94 45.42 4.56 1.08
CA ARG D 94 44.74 3.34 0.64
C ARG D 94 43.74 2.85 1.71
N GLU D 95 43.26 1.61 1.56
CA GLU D 95 42.09 1.15 2.30
C GLU D 95 42.34 0.95 3.81
N ARG D 96 43.58 0.65 4.15
CA ARG D 96 43.98 0.43 5.54
C ARG D 96 45.05 1.46 5.90
N ARG D 97 44.75 2.28 6.90
CA ARG D 97 45.48 3.55 7.12
C ARG D 97 45.93 3.63 8.56
N ALA D 98 47.12 4.21 8.76
CA ALA D 98 47.62 4.56 10.08
C ALA D 98 48.27 5.93 10.04
N VAL D 99 48.31 6.58 11.21
CA VAL D 99 49.10 7.76 11.40
C VAL D 99 49.81 7.63 12.74
N VAL D 100 51.11 7.95 12.77
CA VAL D 100 51.81 8.17 14.01
C VAL D 100 52.06 9.66 14.20
N VAL D 101 51.53 10.21 15.28
CA VAL D 101 51.78 11.61 15.60
C VAL D 101 53.02 11.72 16.46
N ALA D 102 54.07 12.34 15.92
CA ALA D 102 55.35 12.29 16.53
C ALA D 102 56.10 13.61 16.31
N ALA D 103 56.82 14.05 17.35
CA ALA D 103 57.69 15.23 17.21
C ALA D 103 59.17 14.89 17.04
N ASP D 104 59.55 13.69 17.40
CA ASP D 104 60.94 13.29 17.23
C ASP D 104 61.07 11.87 16.70
N ARG D 105 62.28 11.56 16.32
CA ARG D 105 62.63 10.30 15.71
C ARG D 105 62.23 9.09 16.56
N ASP D 106 62.65 9.10 17.82
CA ASP D 106 62.42 7.95 18.72
C ASP D 106 60.94 7.64 18.87
N SER D 107 60.12 8.68 19.07
CA SER D 107 58.67 8.56 19.09
C SER D 107 58.12 7.99 17.78
N LEU D 108 58.57 8.51 16.66
CA LEU D 108 58.09 7.98 15.37
C LEU D 108 58.41 6.48 15.29
N LEU D 109 59.65 6.11 15.56
CA LEU D 109 60.07 4.73 15.39
C LEU D 109 59.34 3.76 16.37
N THR D 110 59.14 4.20 17.61
CA THR D 110 58.25 3.47 18.54
C THR D 110 56.86 3.21 17.97
N GLY D 111 56.25 4.23 17.39
CA GLY D 111 54.91 4.07 16.85
C GLY D 111 54.93 3.11 15.67
N LEU D 112 55.94 3.28 14.79
CA LEU D 112 56.00 2.44 13.53
C LEU D 112 56.24 0.98 13.89
N ASP D 113 57.11 0.72 14.86
CA ASP D 113 57.36 -0.63 15.33
C ASP D 113 56.12 -1.28 15.90
N ALA D 114 55.38 -0.55 16.75
CA ALA D 114 54.09 -1.03 17.24
C ALA D 114 53.14 -1.36 16.08
N LEU D 115 53.01 -0.44 15.15
CA LEU D 115 52.16 -0.64 13.98
C LEU D 115 52.60 -1.93 13.24
N ALA D 116 53.91 -2.05 12.97
CA ALA D 116 54.41 -3.17 12.17
C ALA D 116 54.11 -4.48 12.89
N GLY D 117 54.04 -4.45 14.22
CA GLY D 117 53.90 -5.65 15.02
C GLY D 117 52.49 -5.92 15.40
N GLY D 118 51.60 -5.07 14.94
CA GLY D 118 50.18 -5.22 15.25
C GLY D 118 49.82 -4.87 16.70
N GLU D 119 50.56 -3.95 17.31
CA GLU D 119 50.25 -3.49 18.69
C GLU D 119 49.67 -2.08 18.69
N ALA D 120 48.84 -1.79 19.69
CA ALA D 120 48.34 -0.43 19.91
C ALA D 120 49.47 0.42 20.45
N GLY D 121 49.40 1.72 20.19
CA GLY D 121 50.38 2.67 20.70
C GLY D 121 49.71 3.98 21.07
N PRO D 122 50.28 4.71 22.02
CA PRO D 122 49.61 5.91 22.55
C PRO D 122 49.51 7.10 21.57
N ARG D 123 50.35 7.11 20.53
CA ARG D 123 50.27 8.13 19.51
C ARG D 123 50.10 7.52 18.09
N LEU D 124 49.46 6.35 18.06
CA LEU D 124 49.13 5.61 16.81
C LEU D 124 47.60 5.55 16.59
N ALA D 125 47.14 6.01 15.44
CA ALA D 125 45.80 5.74 15.03
C ALA D 125 45.83 4.82 13.80
N SER D 126 44.90 3.85 13.73
CA SER D 126 44.80 3.00 12.50
C SER D 126 43.40 2.49 12.35
N GLY D 127 43.03 2.22 11.10
CA GLY D 127 41.67 1.90 10.80
C GLY D 127 41.45 1.52 9.35
N ALA D 128 40.20 1.22 9.07
CA ALA D 128 39.73 0.97 7.72
C ALA D 128 39.11 2.23 7.18
N ALA D 129 39.50 2.62 5.98
CA ALA D 129 39.03 3.84 5.40
C ALA D 129 37.71 3.57 4.72
N ASP D 130 36.66 3.37 5.51
CA ASP D 130 35.42 2.90 4.96
C ASP D 130 34.21 3.77 5.28
N VAL D 131 34.43 4.95 5.87
CA VAL D 131 33.29 5.79 6.31
C VAL D 131 32.97 6.87 5.30
N THR D 132 31.68 6.94 4.93
CA THR D 132 31.15 8.08 4.19
C THR D 132 29.89 8.55 4.89
N GLY D 133 29.54 9.80 4.65
CA GLY D 133 28.31 10.38 5.16
C GLY D 133 28.61 11.64 5.92
N ARG D 134 27.55 12.25 6.45
CA ARG D 134 27.60 13.63 6.91
C ARG D 134 28.16 13.73 8.34
N VAL D 135 28.62 14.93 8.68
CA VAL D 135 29.46 15.16 9.87
C VAL D 135 28.65 15.92 10.92
N VAL D 136 28.72 15.44 12.15
CA VAL D 136 28.12 16.09 13.31
C VAL D 136 29.19 16.51 14.30
N LEU D 137 29.12 17.75 14.78
CA LEU D 137 29.85 18.14 15.98
C LEU D 137 28.93 18.03 17.19
N VAL D 138 29.42 17.32 18.19
CA VAL D 138 28.77 17.11 19.46
C VAL D 138 29.45 17.95 20.57
N PHE D 139 28.67 18.73 21.27
CA PHE D 139 29.16 19.56 22.38
C PHE D 139 28.58 18.98 23.66
N PRO D 140 29.45 18.49 24.56
CA PRO D 140 28.95 17.75 25.69
C PRO D 140 28.45 18.70 26.79
N GLY D 141 27.79 18.11 27.79
CA GLY D 141 27.41 18.84 29.00
C GLY D 141 28.57 18.96 29.98
N GLN D 142 28.25 19.38 31.20
CA GLN D 142 29.29 19.52 32.23
CA GLN D 142 29.24 19.47 32.28
C GLN D 142 29.81 18.10 32.58
N GLY D 143 31.04 18.04 33.04
CA GLY D 143 31.59 16.78 33.49
C GLY D 143 32.86 16.37 32.79
N ALA D 144 33.27 17.11 31.78
CA ALA D 144 34.40 16.68 30.95
C ALA D 144 35.64 17.53 31.20
N HIS D 145 35.48 18.68 31.83
CA HIS D 145 36.52 19.67 31.84
C HIS D 145 37.56 19.21 32.83
N TRP D 146 38.84 19.50 32.59
CA TRP D 146 39.88 19.12 33.54
C TRP D 146 40.85 20.27 33.71
N THR D 147 41.26 20.52 34.96
CA THR D 147 41.93 21.78 35.27
C THR D 147 43.26 21.87 34.50
N GLY D 148 43.50 23.01 33.86
CA GLY D 148 44.65 23.19 33.00
C GLY D 148 44.38 23.01 31.50
N VAL D 149 43.26 22.38 31.15
CA VAL D 149 42.94 22.21 29.72
C VAL D 149 42.87 23.56 29.05
N ALA D 150 43.35 23.59 27.81
CA ALA D 150 43.38 24.75 26.95
C ALA D 150 44.63 25.63 27.07
N GLU D 151 45.35 25.56 28.18
CA GLU D 151 46.54 26.43 28.34
C GLU D 151 47.65 26.01 27.37
N ARG D 152 47.92 24.72 27.31
CA ARG D 152 48.94 24.21 26.43
C ARG D 152 48.56 24.44 24.98
N LEU D 153 47.31 24.19 24.63
CA LEU D 153 46.87 24.34 23.24
C LEU D 153 46.82 25.82 22.76
N TRP D 154 46.54 26.72 23.69
CA TRP D 154 46.70 28.16 23.46
C TRP D 154 48.13 28.49 22.98
N ARG D 155 49.11 27.87 23.61
CA ARG D 155 50.53 28.09 23.29
C ARG D 155 50.91 27.46 21.95
N GLU D 156 50.21 26.40 21.57
CA GLU D 156 50.69 25.53 20.52
C GLU D 156 49.94 25.68 19.20
N ALA D 157 48.76 26.31 19.21
CA ALA D 157 47.87 26.28 18.07
C ALA D 157 47.24 27.62 17.86
N PRO D 158 47.79 28.39 16.90
CA PRO D 158 47.37 29.78 16.78
C PRO D 158 45.90 30.01 16.50
N VAL D 159 45.26 29.10 15.77
CA VAL D 159 43.86 29.22 15.49
C VAL D 159 43.02 29.09 16.78
N PHE D 160 43.44 28.16 17.63
CA PHE D 160 42.80 27.95 18.95
C PHE D 160 43.04 29.16 19.89
N ALA D 161 44.26 29.65 19.88
CA ALA D 161 44.64 30.88 20.59
C ALA D 161 43.81 32.06 20.19
N ASP D 162 43.60 32.24 18.90
CA ASP D 162 42.86 33.37 18.45
C ASP D 162 41.40 33.32 18.92
N SER D 163 40.77 32.16 18.77
CA SER D 163 39.40 32.01 19.23
C SER D 163 39.31 32.23 20.74
N MET D 164 40.24 31.66 21.48
CA MET D 164 40.24 31.82 22.93
C MET D 164 40.40 33.29 23.37
N ALA D 165 41.20 34.05 22.65
CA ALA D 165 41.36 35.47 22.94
C ALA D 165 40.12 36.26 22.57
N ARG D 166 39.43 35.84 21.51
CA ARG D 166 38.13 36.42 21.18
C ARG D 166 37.12 36.13 22.30
N CYS D 167 37.10 34.89 22.80
CA CYS D 167 36.27 34.56 23.98
C CYS D 167 36.65 35.38 25.23
N ALA D 168 37.95 35.57 25.44
CA ALA D 168 38.44 36.32 26.57
C ALA D 168 37.90 37.76 26.55
N ASP D 169 37.90 38.37 25.38
CA ASP D 169 37.28 39.72 25.21
C ASP D 169 35.82 39.76 25.61
N VAL D 170 35.05 38.79 25.15
CA VAL D 170 33.64 38.76 25.42
C VAL D 170 33.37 38.48 26.92
N LEU D 171 34.16 37.61 27.53
CA LEU D 171 33.97 37.24 28.92
C LEU D 171 34.53 38.30 29.91
N ARG D 172 35.46 39.13 29.44
CA ARG D 172 36.06 40.14 30.32
C ARG D 172 34.97 41.15 30.72
N ASP D 173 34.15 41.54 29.75
CA ASP D 173 33.11 42.52 29.97
C ASP D 173 31.98 41.92 30.82
N LEU D 174 31.61 40.67 30.53
CA LEU D 174 30.46 40.04 31.17
C LEU D 174 30.75 39.58 32.60
N ALA D 175 31.78 38.76 32.73
CA ALA D 175 32.03 38.00 33.97
C ALA D 175 32.99 38.75 34.86
N GLY D 176 33.83 39.60 34.25
CA GLY D 176 34.76 40.44 34.97
C GLY D 176 36.10 39.80 35.27
N TRP D 177 36.35 38.59 34.78
CA TRP D 177 37.62 37.94 35.01
C TRP D 177 38.34 37.64 33.69
N GLU D 178 39.59 37.19 33.79
CA GLU D 178 40.46 37.02 32.61
C GLU D 178 40.57 35.51 32.30
N LEU D 179 40.06 35.14 31.14
CA LEU D 179 39.88 33.73 30.78
C LEU D 179 41.16 32.92 31.00
N ARG D 180 42.29 33.44 30.52
CA ARG D 180 43.51 32.65 30.57
C ARG D 180 44.02 32.42 31.99
N GLU D 181 43.71 33.34 32.91
CA GLU D 181 44.18 33.20 34.30
C GLU D 181 43.38 32.10 35.00
N VAL D 182 42.10 32.04 34.68
CA VAL D 182 41.16 31.12 35.29
C VAL D 182 41.33 29.66 34.81
N LEU D 183 41.92 29.47 33.63
CA LEU D 183 42.12 28.13 33.04
C LEU D 183 42.84 27.20 33.92
N VAL D 184 43.78 27.74 34.68
CA VAL D 184 44.69 26.92 35.42
C VAL D 184 44.39 26.96 36.93
N ASP D 185 43.33 27.67 37.32
CA ASP D 185 42.98 27.83 38.76
C ASP D 185 41.91 26.81 39.19
N PRO D 186 42.33 25.78 39.93
CA PRO D 186 41.48 24.63 40.30
C PRO D 186 40.36 24.99 41.27
N VAL D 187 40.55 26.07 42.01
CA VAL D 187 39.56 26.50 43.00
C VAL D 187 38.47 27.30 42.29
N ALA D 188 38.89 28.26 41.46
CA ALA D 188 37.97 28.99 40.58
C ALA D 188 37.11 28.06 39.70
N LEU D 189 37.71 26.99 39.16
CA LEU D 189 37.01 26.09 38.25
C LEU D 189 36.04 25.14 38.95
N GLU D 190 36.07 25.09 40.28
CA GLU D 190 35.04 24.34 41.01
C GLU D 190 33.76 25.16 41.14
N ARG D 191 33.81 26.43 40.80
CA ARG D 191 32.60 27.25 40.85
C ARG D 191 31.93 27.29 39.49
N VAL D 192 30.64 26.96 39.46
CA VAL D 192 29.95 26.75 38.18
C VAL D 192 29.84 28.02 37.34
N ASP D 193 29.87 29.19 38.00
CA ASP D 193 29.78 30.46 37.28
C ASP D 193 31.10 30.80 36.55
N VAL D 194 32.20 30.15 36.95
CA VAL D 194 33.48 30.27 36.27
C VAL D 194 33.64 29.08 35.28
N LEU D 195 33.35 27.87 35.76
CA LEU D 195 33.52 26.66 34.92
C LEU D 195 32.71 26.68 33.64
N GLN D 196 31.43 26.98 33.74
CA GLN D 196 30.57 26.89 32.57
C GLN D 196 31.01 27.85 31.47
N PRO D 197 31.31 29.10 31.81
CA PRO D 197 31.74 30.01 30.74
C PRO D 197 33.08 29.62 30.15
N VAL D 198 34.00 29.19 31.02
CA VAL D 198 35.30 28.74 30.56
C VAL D 198 35.13 27.54 29.61
N SER D 199 34.26 26.60 29.98
CA SER D 199 34.01 25.41 29.14
C SER D 199 33.46 25.79 27.79
N PHE D 200 32.51 26.71 27.79
CA PHE D 200 31.97 27.30 26.58
C PHE D 200 33.06 27.84 25.67
N ALA D 201 33.95 28.65 26.23
CA ALA D 201 35.06 29.23 25.45
C ALA D 201 35.91 28.13 24.83
N VAL D 202 36.28 27.16 25.65
CA VAL D 202 37.14 26.08 25.21
C VAL D 202 36.49 25.27 24.09
N VAL D 203 35.23 24.83 24.24
CA VAL D 203 34.63 24.05 23.15
C VAL D 203 34.33 24.84 21.87
N VAL D 204 33.94 26.09 22.00
CA VAL D 204 33.81 26.97 20.81
C VAL D 204 35.16 27.10 20.09
N SER D 205 36.24 27.18 20.85
CA SER D 205 37.57 27.37 20.29
C SER D 205 38.15 26.07 19.71
N LEU D 206 37.75 24.93 20.29
CA LEU D 206 38.06 23.66 19.67
C LEU D 206 37.33 23.44 18.37
N ALA D 207 36.09 23.90 18.27
CA ALA D 207 35.36 23.82 16.99
C ALA D 207 36.04 24.65 15.93
N ALA D 208 36.53 25.82 16.33
CA ALA D 208 37.29 26.68 15.42
C ALA D 208 38.54 25.98 14.89
N LEU D 209 39.20 25.23 15.76
CA LEU D 209 40.39 24.55 15.40
C LEU D 209 40.10 23.41 14.45
N TRP D 210 39.00 22.67 14.71
CA TRP D 210 38.54 21.63 13.77
C TRP D 210 38.28 22.24 12.39
N ALA D 211 37.62 23.39 12.37
CA ALA D 211 37.27 24.02 11.11
C ALA D 211 38.52 24.34 10.31
N SER D 212 39.58 24.74 11.01
CA SER D 212 40.83 25.14 10.35
C SER D 212 41.57 23.93 9.72
N VAL D 213 41.25 22.69 10.13
CA VAL D 213 41.73 21.52 9.40
C VAL D 213 40.63 20.86 8.56
N GLY D 214 39.64 21.66 8.18
CA GLY D 214 38.65 21.20 7.23
C GLY D 214 37.55 20.31 7.77
N VAL D 215 37.36 20.28 9.10
CA VAL D 215 36.28 19.47 9.67
C VAL D 215 35.19 20.38 10.13
N ARG D 216 34.15 20.48 9.32
CA ARG D 216 33.06 21.39 9.58
C ARG D 216 31.78 20.61 9.72
N PRO D 217 30.91 21.04 10.62
CA PRO D 217 29.71 20.26 10.85
C PRO D 217 28.70 20.41 9.72
N ASP D 218 28.03 19.32 9.37
CA ASP D 218 26.80 19.35 8.59
C ASP D 218 25.58 19.51 9.48
N ALA D 219 25.77 19.24 10.77
CA ALA D 219 24.74 19.45 11.80
C ALA D 219 25.47 19.49 13.16
N VAL D 220 24.87 20.14 14.15
CA VAL D 220 25.45 20.14 15.47
C VAL D 220 24.41 19.70 16.50
N VAL D 221 24.90 19.13 17.60
CA VAL D 221 24.05 18.82 18.74
C VAL D 221 24.81 19.10 20.02
N GLY D 222 24.14 19.75 20.96
CA GLY D 222 24.74 20.04 22.25
C GLY D 222 23.92 19.43 23.38
N HIS D 223 24.60 18.72 24.27
CA HIS D 223 24.02 18.05 25.44
C HIS D 223 23.96 19.08 26.59
N SER D 224 22.78 19.26 27.14
CA SER D 224 22.54 20.18 28.22
C SER D 224 23.31 21.50 28.04
N GLN D 225 24.28 21.75 28.88
CA GLN D 225 25.01 22.98 28.86
C GLN D 225 25.66 23.28 27.49
N GLY D 226 26.05 22.20 26.79
CA GLY D 226 26.60 22.28 25.42
C GLY D 226 25.71 22.86 24.34
N GLU D 227 24.42 22.94 24.57
CA GLU D 227 23.52 23.40 23.55
C GLU D 227 23.77 24.87 23.20
N VAL D 228 24.26 25.67 24.14
CA VAL D 228 24.52 27.06 23.84
C VAL D 228 25.66 27.14 22.83
N ALA D 229 26.75 26.47 23.14
CA ALA D 229 27.86 26.42 22.23
C ALA D 229 27.40 25.92 20.84
N ALA D 230 26.59 24.88 20.82
CA ALA D 230 26.15 24.31 19.54
C ALA D 230 25.35 25.34 18.75
N ALA D 231 24.48 26.09 19.43
CA ALA D 231 23.71 27.18 18.78
C ALA D 231 24.61 28.26 18.21
N HIS D 232 25.69 28.57 18.91
CA HIS D 232 26.60 29.57 18.42
C HIS D 232 27.33 29.04 17.20
N VAL D 233 27.88 27.82 17.31
CA VAL D 233 28.65 27.25 16.22
C VAL D 233 27.78 27.05 14.96
N ALA D 234 26.49 26.84 15.16
CA ALA D 234 25.55 26.64 14.06
C ALA D 234 25.09 27.97 13.43
N GLY D 235 25.52 29.09 14.02
CA GLY D 235 25.23 30.43 13.45
C GLY D 235 23.98 31.08 13.97
N ALA D 236 23.30 30.44 14.95
CA ALA D 236 22.03 30.97 15.47
C ALA D 236 22.22 32.06 16.49
N LEU D 237 23.37 32.06 17.17
CA LEU D 237 23.72 33.07 18.16
C LEU D 237 25.09 33.63 17.83
N THR D 238 25.30 34.91 18.15
CA THR D 238 26.63 35.49 18.12
C THR D 238 27.41 34.99 19.30
N LEU D 239 28.71 35.06 19.20
CA LEU D 239 29.58 34.72 20.33
C LEU D 239 29.23 35.52 21.60
N ALA D 240 28.94 36.80 21.45
CA ALA D 240 28.59 37.63 22.60
C ALA D 240 27.26 37.26 23.25
N GLU D 241 26.26 36.91 22.45
CA GLU D 241 24.96 36.59 22.95
C GLU D 241 24.97 35.18 23.58
N ALA D 242 25.69 34.24 22.96
CA ALA D 242 25.85 32.91 23.55
C ALA D 242 26.60 33.02 24.91
N ALA D 243 27.65 33.81 24.95
CA ALA D 243 28.40 34.01 26.17
C ALA D 243 27.51 34.62 27.25
N ARG D 244 26.64 35.55 26.84
CA ARG D 244 25.73 36.18 27.80
C ARG D 244 24.83 35.16 28.44
N ILE D 245 24.29 34.27 27.62
CA ILE D 245 23.39 33.25 28.12
C ILE D 245 24.11 32.33 29.12
N VAL D 246 25.32 31.89 28.79
CA VAL D 246 26.07 30.97 29.65
C VAL D 246 26.47 31.64 30.96
N VAL D 247 26.93 32.87 30.86
CA VAL D 247 27.35 33.62 32.05
C VAL D 247 26.18 33.88 33.01
N LEU D 248 25.05 34.35 32.50
CA LEU D 248 23.92 34.69 33.36
C LEU D 248 23.28 33.43 33.97
N ARG D 249 23.20 32.37 33.17
CA ARG D 249 22.57 31.18 33.65
C ARG D 249 23.44 30.46 34.65
N SER D 250 24.75 30.39 34.40
CA SER D 250 25.65 29.73 35.33
C SER D 250 25.80 30.48 36.67
N ALA D 251 25.77 31.80 36.63
CA ALA D 251 25.77 32.56 37.89
C ALA D 251 24.48 32.32 38.70
N LEU D 252 23.33 32.18 38.02
CA LEU D 252 22.07 31.87 38.69
C LEU D 252 22.11 30.49 39.30
N ILE D 253 22.63 29.52 38.56
CA ILE D 253 22.83 28.20 39.14
C ILE D 253 23.70 28.22 40.39
N ALA D 254 24.79 28.98 40.33
CA ALA D 254 25.72 29.03 41.44
C ALA D 254 25.03 29.65 42.65
N ARG D 255 24.21 30.66 42.40
CA ARG D 255 23.53 31.39 43.49
C ARG D 255 22.44 30.53 44.13
N GLU D 256 21.73 29.75 43.33
CA GLU D 256 20.50 29.13 43.78
C GLU D 256 20.52 27.60 43.92
N LEU D 257 21.34 26.90 43.15
CA LEU D 257 21.35 25.43 43.15
C LEU D 257 22.61 24.80 43.66
N SER D 258 23.76 25.45 43.44
CA SER D 258 25.03 24.88 43.84
C SER D 258 25.03 24.54 45.33
N GLY D 259 25.61 23.41 45.70
CA GLY D 259 25.56 22.91 47.07
C GLY D 259 24.28 22.20 47.50
N ARG D 260 23.29 22.06 46.62
CA ARG D 260 22.00 21.46 46.98
C ARG D 260 21.65 20.19 46.19
N GLY D 261 22.59 19.70 45.40
CA GLY D 261 22.34 18.52 44.59
C GLY D 261 23.57 17.92 43.95
N ALA D 262 23.37 16.81 43.24
CA ALA D 262 24.45 16.11 42.58
C ALA D 262 23.86 15.40 41.38
N MET D 263 24.72 14.99 40.45
CA MET D 263 24.29 14.18 39.32
C MET D 263 25.19 12.95 39.16
N LEU D 264 24.57 11.89 38.67
CA LEU D 264 25.20 10.58 38.69
C LEU D 264 24.88 9.86 37.40
N THR D 265 25.91 9.49 36.65
CA THR D 265 25.74 8.68 35.44
C THR D 265 25.78 7.18 35.75
N VAL D 266 24.84 6.43 35.17
CA VAL D 266 24.71 5.02 35.42
C VAL D 266 24.91 4.26 34.11
N VAL D 267 25.71 3.20 34.15
CA VAL D 267 25.89 2.33 33.00
C VAL D 267 24.72 1.32 32.89
N ALA D 268 23.65 1.74 32.23
CA ALA D 268 22.42 0.98 32.10
C ALA D 268 21.50 1.76 31.20
N ASP D 269 20.43 1.12 30.71
CA ASP D 269 19.45 1.82 29.85
C ASP D 269 18.37 2.43 30.68
N VAL D 270 17.59 3.32 30.07
CA VAL D 270 16.63 4.12 30.81
C VAL D 270 15.52 3.22 31.40
N GLU D 271 15.22 2.11 30.76
CA GLU D 271 14.17 1.22 31.31
C GLU D 271 14.66 0.55 32.62
N ARG D 272 15.91 0.15 32.63
CA ARG D 272 16.54 -0.41 33.81
C ARG D 272 16.74 0.61 34.95
N VAL D 273 17.21 1.81 34.65
CA VAL D 273 17.29 2.84 35.67
C VAL D 273 15.91 3.23 36.21
N THR D 274 14.93 3.37 35.34
CA THR D 274 13.61 3.73 35.77
C THR D 274 13.09 2.64 36.77
N ALA D 275 13.36 1.38 36.47
CA ALA D 275 12.94 0.30 37.39
C ALA D 275 13.67 0.38 38.75
N LEU D 276 14.93 0.79 38.74
CA LEU D 276 15.71 0.87 39.97
C LEU D 276 15.34 2.09 40.78
N LEU D 277 14.68 3.06 40.16
CA LEU D 277 14.29 4.25 40.86
C LEU D 277 12.93 4.05 41.54
N ALA D 278 12.37 2.83 41.48
CA ALA D 278 11.20 2.51 42.33
C ALA D 278 11.55 2.87 43.77
N GLY D 279 10.72 3.73 44.38
CA GLY D 279 10.92 4.16 45.75
C GLY D 279 11.67 5.48 45.86
N PHE D 280 12.13 6.01 44.73
CA PHE D 280 12.85 7.29 44.72
C PHE D 280 12.07 8.42 44.02
N GLU D 281 10.76 8.20 43.84
CA GLU D 281 9.88 9.19 43.21
C GLU D 281 10.02 10.54 43.89
N GLY D 282 10.30 11.56 43.07
CA GLY D 282 10.51 12.90 43.57
C GLY D 282 11.72 13.11 44.45
N ARG D 283 12.65 12.17 44.47
CA ARG D 283 13.89 12.39 45.18
C ARG D 283 15.09 12.24 44.25
N VAL D 284 15.05 11.24 43.36
CA VAL D 284 16.07 11.08 42.34
C VAL D 284 15.38 10.83 41.03
N CYS D 285 15.67 11.65 40.01
CA CYS D 285 15.01 11.53 38.73
C CYS D 285 15.98 11.34 37.58
N VAL D 286 15.47 10.82 36.47
CA VAL D 286 16.23 10.75 35.22
C VAL D 286 16.45 12.17 34.63
N ALA D 287 17.73 12.50 34.41
CA ALA D 287 18.13 13.82 33.98
C ALA D 287 18.65 13.82 32.50
N ALA D 288 19.18 12.70 32.06
CA ALA D 288 19.69 12.55 30.69
C ALA D 288 19.63 11.12 30.21
N VAL D 289 19.22 10.94 28.97
CA VAL D 289 19.26 9.66 28.35
C VAL D 289 20.27 9.74 27.24
N ASN D 290 21.44 9.13 27.43
CA ASN D 290 22.58 9.35 26.50
C ASN D 290 22.73 8.22 25.52
N GLY D 291 22.29 7.01 25.90
CA GLY D 291 22.52 5.82 25.09
C GLY D 291 21.97 4.59 25.82
N PRO D 292 22.08 3.42 25.20
CA PRO D 292 21.62 2.18 25.83
C PRO D 292 22.46 1.80 27.06
N ALA D 293 23.61 2.44 27.27
CA ALA D 293 24.41 2.17 28.42
C ALA D 293 24.89 3.44 29.16
N SER D 294 24.08 4.51 29.09
CA SER D 294 24.40 5.74 29.82
C SER D 294 23.16 6.55 30.10
N VAL D 295 22.81 6.62 31.37
CA VAL D 295 21.70 7.42 31.82
C VAL D 295 22.14 8.15 33.08
N THR D 296 21.78 9.41 33.17
CA THR D 296 22.20 10.24 34.27
C THR D 296 20.98 10.60 35.08
N VAL D 297 21.13 10.52 36.40
CA VAL D 297 20.11 10.87 37.34
C VAL D 297 20.57 12.05 38.24
N SER D 298 19.64 12.64 38.96
CA SER D 298 19.86 13.91 39.59
C SER D 298 18.97 14.05 40.82
N GLY D 299 19.57 14.57 41.89
CA GLY D 299 18.81 14.99 43.04
C GLY D 299 19.73 15.43 44.17
N GLU D 300 19.16 15.51 45.38
CA GLU D 300 19.92 15.90 46.54
C GLU D 300 20.98 14.82 46.88
N ASP D 301 22.08 15.25 47.48
CA ASP D 301 23.25 14.38 47.70
C ASP D 301 22.91 13.09 48.47
N GLY D 302 22.16 13.23 49.56
CA GLY D 302 21.76 12.09 50.37
C GLY D 302 20.91 11.09 49.61
N ALA D 303 19.91 11.58 48.91
CA ALA D 303 19.07 10.74 48.08
C ALA D 303 19.88 10.02 47.00
N VAL D 304 20.79 10.75 46.34
CA VAL D 304 21.60 10.13 45.33
C VAL D 304 22.52 9.04 45.92
N ARG D 305 22.99 9.26 47.14
CA ARG D 305 23.83 8.30 47.83
C ARG D 305 23.06 7.01 48.22
N GLU D 306 21.78 7.17 48.60
CA GLU D 306 20.91 6.01 48.78
C GLU D 306 20.74 5.24 47.48
N PHE D 307 20.56 5.96 46.38
CA PHE D 307 20.39 5.28 45.10
C PHE D 307 21.69 4.56 44.71
N GLU D 308 22.82 5.15 45.03
CA GLU D 308 24.09 4.51 44.75
C GLU D 308 24.23 3.15 45.47
N ARG D 309 23.67 3.03 46.67
CA ARG D 309 23.60 1.74 47.38
C ARG D 309 22.81 0.72 46.61
N VAL D 310 21.66 1.14 46.10
CA VAL D 310 20.83 0.27 45.28
C VAL D 310 21.62 -0.22 44.08
N LEU D 311 22.35 0.70 43.42
CA LEU D 311 23.14 0.34 42.24
C LEU D 311 24.25 -0.60 42.61
N SER D 312 24.95 -0.27 43.68
CA SER D 312 26.07 -1.06 44.16
C SER D 312 25.73 -2.52 44.43
N ALA D 313 24.55 -2.75 45.01
CA ALA D 313 24.15 -4.11 45.39
C ALA D 313 23.86 -4.92 44.14
N ARG D 314 23.58 -4.22 43.04
CA ARG D 314 23.27 -4.89 41.81
C ARG D 314 24.39 -4.80 40.80
N ARG D 315 25.57 -4.46 41.34
CA ARG D 315 26.82 -4.48 40.59
C ARG D 315 26.76 -3.59 39.36
N MET D 316 26.14 -2.44 39.49
CA MET D 316 26.05 -1.55 38.37
C MET D 316 27.01 -0.42 38.49
N LEU D 317 27.68 -0.13 37.39
CA LEU D 317 28.68 0.91 37.38
C LEU D 317 28.03 2.29 37.35
N ARG D 318 28.66 3.24 38.02
CA ARG D 318 28.13 4.58 38.08
C ARG D 318 29.19 5.51 38.63
N TRP D 319 29.01 6.82 38.41
CA TRP D 319 29.92 7.83 38.95
C TRP D 319 29.23 9.16 39.01
N ARG D 320 29.62 10.00 39.97
CA ARG D 320 29.18 11.35 40.02
C ARG D 320 29.79 12.11 38.87
N LEU D 321 29.04 13.06 38.34
CA LEU D 321 29.60 13.98 37.33
C LEU D 321 30.59 14.93 38.00
N PRO D 322 31.86 14.93 37.54
CA PRO D 322 32.82 15.77 38.27
C PRO D 322 32.54 17.25 38.13
N GLY D 323 32.65 18.00 39.22
CA GLY D 323 32.48 19.46 39.16
C GLY D 323 31.03 19.91 39.16
N VAL D 324 30.11 18.93 39.22
CA VAL D 324 28.70 19.25 39.21
C VAL D 324 28.24 19.22 40.65
N ASP D 325 27.84 20.38 41.16
CA ASP D 325 27.40 20.50 42.54
C ASP D 325 25.91 20.86 42.66
N PHE D 326 25.13 20.58 41.61
CA PHE D 326 23.73 20.93 41.58
C PHE D 326 22.90 19.85 40.90
N ALA D 327 21.63 19.79 41.27
CA ALA D 327 20.66 18.83 40.70
C ALA D 327 20.06 19.37 39.42
N GLY D 328 20.85 19.42 38.35
CA GLY D 328 20.32 19.85 37.06
C GLY D 328 19.19 18.97 36.60
N HIS D 329 18.31 19.53 35.77
CA HIS D 329 17.27 18.79 35.11
C HIS D 329 16.37 18.08 36.12
N SER D 330 16.08 18.79 37.20
CA SER D 330 15.25 18.25 38.28
C SER D 330 14.28 19.32 38.71
N PRO D 331 13.33 18.96 39.57
CA PRO D 331 12.35 19.97 40.00
C PRO D 331 12.96 21.11 40.81
N GLN D 332 14.18 20.94 41.31
CA GLN D 332 14.88 22.04 41.98
C GLN D 332 15.03 23.26 41.05
N VAL D 333 15.05 22.99 39.75
CA VAL D 333 15.25 24.05 38.74
C VAL D 333 14.01 24.95 38.62
N ASP D 334 12.84 24.44 39.05
CA ASP D 334 11.57 25.23 38.98
C ASP D 334 11.68 26.62 39.62
N ALA D 335 12.39 26.68 40.72
CA ALA D 335 12.48 27.89 41.50
C ALA D 335 13.26 28.99 40.78
N LEU D 336 14.04 28.63 39.75
CA LEU D 336 14.90 29.58 39.04
C LEU D 336 14.18 30.28 37.91
N ARG D 337 13.07 29.70 37.48
CA ARG D 337 12.50 30.00 36.20
C ARG D 337 12.23 31.48 36.00
N ALA D 338 11.61 32.11 37.00
CA ALA D 338 11.32 33.53 36.97
C ALA D 338 12.55 34.38 36.84
N GLU D 339 13.54 34.20 37.73
CA GLU D 339 14.78 34.97 37.63
C GLU D 339 15.52 34.75 36.31
N LEU D 340 15.52 33.51 35.79
CA LEU D 340 16.26 33.23 34.54
C LEU D 340 15.62 33.97 33.36
N LEU D 341 14.29 33.90 33.25
CA LEU D 341 13.56 34.57 32.15
C LEU D 341 13.78 36.07 32.16
N ALA D 342 13.80 36.62 33.37
CA ALA D 342 14.07 38.02 33.56
C ALA D 342 15.49 38.37 33.21
N ALA D 343 16.45 37.63 33.77
CA ALA D 343 17.84 37.89 33.43
C ALA D 343 18.07 37.82 31.92
N LEU D 344 17.62 36.76 31.27
CA LEU D 344 17.92 36.57 29.85
C LEU D 344 17.15 37.59 29.01
N GLY D 345 15.91 37.87 29.38
CA GLY D 345 15.11 38.84 28.67
C GLY D 345 14.93 38.40 27.25
N ASP D 346 15.00 39.34 26.33
CA ASP D 346 14.93 39.03 24.91
C ASP D 346 16.29 38.43 24.47
N ILE D 347 16.23 37.39 23.64
CA ILE D 347 17.44 36.77 23.13
C ILE D 347 17.61 37.22 21.70
N ALA D 348 18.78 37.76 21.40
CA ALA D 348 19.16 38.00 20.03
C ALA D 348 19.53 36.67 19.34
N SER D 349 18.67 36.17 18.48
CA SER D 349 18.98 34.98 17.69
C SER D 349 18.47 35.09 16.28
N ARG D 350 18.91 34.17 15.44
CA ARG D 350 18.37 34.05 14.13
C ARG D 350 18.50 32.60 13.67
N GLU D 351 18.03 32.34 12.46
CA GLU D 351 17.99 30.99 11.93
C GLU D 351 19.39 30.43 11.77
N PRO D 352 19.61 29.21 12.26
CA PRO D 352 20.94 28.63 12.11
C PRO D 352 21.32 28.37 10.66
N GLU D 353 22.60 28.49 10.36
CA GLU D 353 23.13 28.22 9.04
C GLU D 353 23.27 26.71 8.79
N ILE D 354 23.50 25.93 9.85
CA ILE D 354 23.35 24.48 9.72
C ILE D 354 22.42 23.92 10.75
N PRO D 355 21.87 22.74 10.48
CA PRO D 355 20.86 22.18 11.32
C PRO D 355 21.36 22.05 12.74
N LEU D 356 20.52 22.47 13.67
CA LEU D 356 20.79 22.38 15.09
C LEU D 356 19.75 21.47 15.73
N LEU D 357 20.20 20.33 16.22
CA LEU D 357 19.30 19.37 16.89
C LEU D 357 19.27 19.69 18.38
N SER D 358 18.11 20.03 18.92
CA SER D 358 18.03 20.30 20.36
C SER D 358 17.96 19.00 21.12
N THR D 359 18.63 18.97 22.27
CA THR D 359 18.46 17.89 23.21
C THR D 359 17.38 18.19 24.25
N VAL D 360 16.64 19.30 24.09
CA VAL D 360 15.36 19.48 24.79
C VAL D 360 14.27 18.61 24.18
N THR D 361 14.23 18.53 22.87
CA THR D 361 13.15 17.88 22.16
C THR D 361 13.63 16.64 21.45
N GLY D 362 14.93 16.58 21.17
CA GLY D 362 15.46 15.57 20.26
C GLY D 362 15.14 15.83 18.79
N GLU D 363 14.72 17.06 18.48
CA GLU D 363 14.36 17.42 17.11
C GLU D 363 15.01 18.77 16.73
N PRO D 364 14.93 19.15 15.45
CA PRO D 364 15.50 20.42 15.04
C PRO D 364 14.99 21.58 15.85
N ALA D 365 15.90 22.45 16.30
CA ALA D 365 15.55 23.42 17.30
C ALA D 365 14.55 24.38 16.71
N THR D 366 13.77 24.99 17.56
CA THR D 366 12.86 26.02 17.15
C THR D 366 13.38 27.34 17.69
N ARG D 367 12.53 28.08 18.37
CA ARG D 367 12.85 29.42 18.78
C ARG D 367 13.81 29.36 19.97
N LEU D 368 14.90 30.11 19.91
CA LEU D 368 15.90 30.10 21.02
C LEU D 368 15.70 31.27 21.95
N ASP D 369 14.52 31.35 22.51
CA ASP D 369 14.17 32.40 23.45
C ASP D 369 14.52 31.98 24.89
N ALA D 370 14.25 32.86 25.84
CA ALA D 370 14.64 32.61 27.20
C ALA D 370 13.98 31.30 27.72
N GLU D 371 12.75 31.05 27.28
CA GLU D 371 12.02 29.88 27.73
C GLU D 371 12.75 28.61 27.24
N HIS D 372 13.29 28.65 26.03
CA HIS D 372 14.08 27.52 25.53
C HIS D 372 15.30 27.28 26.42
N TRP D 373 16.00 28.37 26.79
CA TRP D 373 17.14 28.22 27.66
C TRP D 373 16.80 27.77 29.08
N TYR D 374 15.62 28.10 29.55
CA TYR D 374 15.10 27.53 30.78
C TYR D 374 14.86 26.05 30.63
N ARG D 375 14.18 25.67 29.56
CA ARG D 375 13.88 24.25 29.32
C ARG D 375 15.17 23.41 29.12
N ASN D 376 16.22 24.01 28.59
CA ASN D 376 17.53 23.36 28.43
C ASN D 376 18.20 23.04 29.81
N LEU D 377 17.82 23.77 30.88
CA LEU D 377 18.27 23.44 32.23
C LEU D 377 17.26 22.55 33.01
N ARG D 378 15.98 22.64 32.67
CA ARG D 378 14.95 21.91 33.42
C ARG D 378 14.72 20.51 32.92
N GLU D 379 14.47 20.41 31.60
CA GLU D 379 13.92 19.19 31.02
C GLU D 379 15.01 18.13 30.85
N PRO D 380 14.62 16.87 30.87
CA PRO D 380 15.59 15.79 30.70
C PRO D 380 16.28 15.88 29.35
N VAL D 381 17.52 15.48 29.30
CA VAL D 381 18.32 15.61 28.08
C VAL D 381 18.07 14.46 27.15
N ARG D 382 17.54 14.77 25.98
CA ARG D 382 17.26 13.77 24.98
C ARG D 382 18.42 13.66 23.99
N PHE D 383 19.54 13.17 24.50
CA PHE D 383 20.73 13.09 23.69
C PHE D 383 20.71 11.90 22.74
N ALA D 384 20.31 10.74 23.22
CA ALA D 384 20.18 9.56 22.36
C ALA D 384 19.22 9.81 21.23
N ASP D 385 18.13 10.50 21.55
CA ASP D 385 17.11 10.87 20.58
C ASP D 385 17.66 11.74 19.47
N ALA D 386 18.45 12.73 19.85
CA ALA D 386 19.02 13.67 18.89
C ALA D 386 20.04 12.95 18.00
N VAL D 387 20.83 12.08 18.61
CA VAL D 387 21.83 11.35 17.86
C VAL D 387 21.17 10.36 16.89
N THR D 388 20.16 9.62 17.32
CA THR D 388 19.51 8.66 16.41
C THR D 388 18.73 9.36 15.27
N ALA D 389 18.22 10.55 15.51
CA ALA D 389 17.61 11.37 14.44
C ALA D 389 18.63 11.69 13.34
N LEU D 390 19.88 11.95 13.74
CA LEU D 390 20.96 12.23 12.77
C LEU D 390 21.46 10.96 12.08
N LEU D 391 21.56 9.86 12.80
CA LEU D 391 21.96 8.63 12.18
C LEU D 391 20.93 8.24 11.11
N ASP D 392 19.67 8.55 11.37
CA ASP D 392 18.59 8.14 10.46
C ASP D 392 18.50 9.06 9.22
N ARG D 393 19.24 10.18 9.24
CA ARG D 393 19.34 11.11 8.09
C ARG D 393 20.78 11.15 7.51
N GLY D 394 21.50 10.04 7.62
CA GLY D 394 22.72 9.80 6.85
C GLY D 394 23.98 10.40 7.47
N HIS D 395 23.94 10.73 8.76
CA HIS D 395 25.14 11.21 9.46
C HIS D 395 25.97 10.04 10.01
N ARG D 396 27.25 10.03 9.69
CA ARG D 396 28.09 8.91 10.04
C ARG D 396 29.43 9.29 10.67
N VAL D 397 29.66 10.57 10.88
CA VAL D 397 30.92 11.06 11.47
C VAL D 397 30.56 11.99 12.64
N PHE D 398 31.01 11.64 13.84
CA PHE D 398 30.61 12.38 15.04
C PHE D 398 31.86 12.75 15.77
N VAL D 399 32.05 14.06 15.93
CA VAL D 399 33.25 14.62 16.57
C VAL D 399 32.80 15.26 17.86
N GLU D 400 33.23 14.70 18.98
CA GLU D 400 32.93 15.31 20.29
C GLU D 400 33.97 16.38 20.55
N VAL D 401 33.49 17.60 20.70
CA VAL D 401 34.31 18.81 20.81
C VAL D 401 34.45 19.14 22.28
N SER D 402 35.35 18.41 22.92
CA SER D 402 35.44 18.40 24.39
C SER D 402 36.86 18.18 24.91
N PRO D 403 37.10 18.51 26.19
CA PRO D 403 38.39 18.25 26.81
C PRO D 403 38.70 16.79 27.11
N HIS D 404 37.66 15.97 27.18
CA HIS D 404 37.81 14.55 27.43
C HIS D 404 36.52 13.85 26.99
N PRO D 405 36.62 12.68 26.34
CA PRO D 405 35.44 12.12 25.70
C PRO D 405 34.45 11.50 26.69
N VAL D 406 33.25 12.04 26.72
CA VAL D 406 32.21 11.59 27.67
C VAL D 406 30.97 11.03 27.02
N LEU D 407 30.72 11.40 25.76
CA LEU D 407 29.53 10.93 25.06
C LEU D 407 29.86 10.01 23.87
N THR D 408 31.15 9.83 23.58
CA THR D 408 31.58 9.04 22.43
C THR D 408 31.13 7.58 22.50
N THR D 409 31.29 6.96 23.66
CA THR D 409 30.86 5.56 23.84
C THR D 409 29.37 5.40 23.57
N SER D 410 28.58 6.40 23.93
CA SER D 410 27.14 6.37 23.67
C SER D 410 26.80 6.55 22.20
N VAL D 411 27.57 7.39 21.50
CA VAL D 411 27.33 7.56 20.07
C VAL D 411 27.69 6.27 19.34
N VAL D 412 28.79 5.65 19.76
CA VAL D 412 29.26 4.41 19.16
C VAL D 412 28.19 3.33 19.34
N ASP D 413 27.63 3.29 20.54
CA ASP D 413 26.57 2.28 20.87
C ASP D 413 25.34 2.51 19.96
N LEU D 414 24.93 3.77 19.82
CA LEU D 414 23.73 4.12 19.03
C LEU D 414 23.91 3.90 17.52
N ALA D 415 25.15 4.13 17.07
CA ALA D 415 25.51 4.05 15.69
C ALA D 415 25.49 2.61 15.17
N ALA D 416 25.67 1.61 16.04
CA ALA D 416 25.76 0.20 15.59
C ALA D 416 24.47 -0.17 14.84
N PRO D 417 24.58 -0.84 13.68
CA PRO D 417 25.81 -1.45 13.19
C PRO D 417 26.43 -0.68 12.01
N HIS D 418 26.03 0.59 11.83
CA HIS D 418 26.50 1.39 10.71
C HIS D 418 28.01 1.64 10.77
N ARG D 419 28.63 1.83 9.62
CA ARG D 419 30.05 2.19 9.54
C ARG D 419 30.18 3.67 9.86
N THR D 420 30.78 3.98 11.02
CA THR D 420 30.75 5.35 11.52
C THR D 420 32.11 5.66 12.15
N ALA D 421 32.49 6.93 12.09
CA ALA D 421 33.74 7.39 12.70
C ALA D 421 33.35 8.28 13.86
N VAL D 422 33.79 7.92 15.06
CA VAL D 422 33.42 8.67 16.28
C VAL D 422 34.69 8.99 17.03
N VAL D 423 34.98 10.28 17.22
CA VAL D 423 36.22 10.70 17.86
C VAL D 423 35.88 11.78 18.88
N GLY D 424 36.80 11.98 19.80
CA GLY D 424 36.74 13.17 20.66
C GLY D 424 37.79 14.14 20.18
N THR D 425 38.22 15.03 21.07
CA THR D 425 39.18 16.08 20.68
C THR D 425 40.42 15.98 21.57
N LEU D 426 40.33 16.44 22.83
CA LEU D 426 41.41 16.20 23.81
C LEU D 426 41.10 15.08 24.81
N ARG D 427 42.06 14.77 25.69
CA ARG D 427 41.81 13.88 26.83
C ARG D 427 42.41 14.51 28.10
N ARG D 428 41.91 14.07 29.24
CA ARG D 428 42.49 14.41 30.55
C ARG D 428 44.01 14.32 30.51
N ASP D 429 44.67 15.40 30.96
CA ASP D 429 46.11 15.55 30.98
C ASP D 429 46.77 15.44 29.61
N GLU D 430 45.99 15.54 28.53
CA GLU D 430 46.56 15.56 27.17
C GLU D 430 45.97 16.66 26.36
N GLY D 431 46.53 17.86 26.53
CA GLY D 431 45.95 19.06 25.97
C GLY D 431 46.79 19.68 24.89
N GLY D 432 47.80 18.95 24.47
CA GLY D 432 48.69 19.44 23.43
C GLY D 432 48.14 19.35 22.00
N LEU D 433 48.81 20.05 21.10
CA LEU D 433 48.53 19.96 19.67
C LEU D 433 48.68 18.51 19.19
N ASP D 434 49.55 17.76 19.85
CA ASP D 434 49.74 16.34 19.52
C ASP D 434 48.44 15.53 19.68
N ARG D 435 47.73 15.78 20.77
CA ARG D 435 46.51 15.06 21.05
C ARG D 435 45.44 15.50 20.09
N PHE D 436 45.38 16.79 19.75
CA PHE D 436 44.41 17.26 18.75
C PHE D 436 44.68 16.53 17.40
N LEU D 437 45.94 16.52 17.01
CA LEU D 437 46.34 15.88 15.73
C LEU D 437 46.03 14.37 15.71
N LEU D 438 46.13 13.72 16.85
CA LEU D 438 45.81 12.29 16.88
C LEU D 438 44.29 12.08 16.71
N SER D 439 43.47 12.98 17.24
CA SER D 439 42.02 12.93 17.02
C SER D 439 41.70 13.17 15.54
N ALA D 440 42.41 14.10 14.93
CA ALA D 440 42.21 14.38 13.53
C ALA D 440 42.63 13.13 12.72
N ALA D 441 43.71 12.51 13.11
CA ALA D 441 44.19 11.31 12.44
C ALA D 441 43.18 10.17 12.57
N GLU D 442 42.48 10.14 13.70
CA GLU D 442 41.44 9.13 13.87
C GLU D 442 40.35 9.25 12.82
N LEU D 443 40.05 10.48 12.37
CA LEU D 443 39.15 10.68 11.29
C LEU D 443 39.79 10.23 9.98
N HIS D 444 41.01 10.69 9.73
CA HIS D 444 41.69 10.37 8.48
C HIS D 444 41.74 8.86 8.19
N VAL D 445 42.05 8.06 9.21
CA VAL D 445 42.25 6.64 8.99
C VAL D 445 40.93 5.89 8.73
N ARG D 446 39.80 6.57 8.91
CA ARG D 446 38.51 6.01 8.57
C ARG D 446 38.00 6.58 7.25
N GLY D 447 38.87 7.31 6.54
CA GLY D 447 38.53 7.89 5.24
C GLY D 447 37.77 9.19 5.24
N VAL D 448 37.70 9.84 6.40
CA VAL D 448 37.00 11.09 6.51
C VAL D 448 37.99 12.19 6.06
N PRO D 449 37.57 13.10 5.17
CA PRO D 449 38.46 14.18 4.79
C PRO D 449 38.89 15.03 6.00
N VAL D 450 40.18 15.23 6.16
CA VAL D 450 40.69 16.18 7.14
C VAL D 450 42.06 16.64 6.68
N ASP D 451 42.35 17.92 6.91
CA ASP D 451 43.54 18.54 6.31
C ASP D 451 44.73 18.36 7.24
N LEU D 452 45.21 17.13 7.34
CA LEU D 452 46.39 16.82 8.19
C LEU D 452 47.61 17.61 7.66
N ALA D 453 47.64 17.85 6.35
CA ALA D 453 48.81 18.48 5.75
C ALA D 453 49.02 19.90 6.30
N ARG D 454 47.97 20.51 6.79
CA ARG D 454 48.10 21.85 7.43
C ARG D 454 49.14 21.82 8.55
N HIS D 455 49.21 20.70 9.24
CA HIS D 455 50.11 20.56 10.34
C HIS D 455 51.25 19.57 10.08
N ALA D 456 51.53 19.24 8.83
CA ALA D 456 52.52 18.22 8.55
C ALA D 456 53.95 18.77 8.41
N GLY D 457 54.09 20.09 8.49
CA GLY D 457 55.40 20.73 8.44
C GLY D 457 55.88 21.00 7.03
N ALA D 458 57.19 21.19 6.88
CA ALA D 458 57.75 21.73 5.64
C ALA D 458 58.83 20.77 5.09
N GLY D 459 58.62 19.48 5.33
CA GLY D 459 59.56 18.46 4.92
C GLY D 459 59.59 18.24 3.42
N THR D 460 60.80 18.05 2.89
CA THR D 460 60.98 17.66 1.49
C THR D 460 61.82 16.40 1.35
N ALA D 461 62.21 15.75 2.45
CA ALA D 461 62.96 14.49 2.32
C ALA D 461 62.05 13.41 1.72
N GLU D 462 62.51 12.78 0.65
CA GLU D 462 61.66 11.80 -0.06
C GLU D 462 62.01 10.38 0.41
N VAL D 463 61.01 9.51 0.52
CA VAL D 463 61.26 8.07 0.71
C VAL D 463 61.07 7.35 -0.64
N PRO D 464 61.98 6.40 -1.02
CA PRO D 464 61.87 5.71 -2.36
C PRO D 464 60.88 4.53 -2.46
#